data_1KC2
# 
_entry.id   1KC2 
# 
_audit_conform.dict_name       mmcif_pdbx.dic 
_audit_conform.dict_version    5.399 
_audit_conform.dict_location   http://mmcif.pdb.org/dictionaries/ascii/mmcif_pdbx.dic 
# 
loop_
_database_2.database_id 
_database_2.database_code 
_database_2.pdbx_database_accession 
_database_2.pdbx_DOI 
PDB   1KC2         pdb_00001kc2 10.2210/pdb1kc2/pdb 
RCSB  RCSB014795   ?            ?                   
WWPDB D_1000014795 ?            ?                   
# 
loop_
_pdbx_audit_revision_history.ordinal 
_pdbx_audit_revision_history.data_content_type 
_pdbx_audit_revision_history.major_revision 
_pdbx_audit_revision_history.minor_revision 
_pdbx_audit_revision_history.revision_date 
1 'Structure model' 1 0 2002-04-17 
2 'Structure model' 1 1 2008-04-27 
3 'Structure model' 1 2 2011-07-13 
4 'Structure model' 1 3 2021-11-10 
5 'Structure model' 1 4 2024-11-20 
# 
_pdbx_audit_revision_details.ordinal             1 
_pdbx_audit_revision_details.revision_ordinal    1 
_pdbx_audit_revision_details.data_content_type   'Structure model' 
_pdbx_audit_revision_details.provider            repository 
_pdbx_audit_revision_details.type                'Initial release' 
_pdbx_audit_revision_details.description         ? 
_pdbx_audit_revision_details.details             ? 
# 
loop_
_pdbx_audit_revision_group.ordinal 
_pdbx_audit_revision_group.revision_ordinal 
_pdbx_audit_revision_group.data_content_type 
_pdbx_audit_revision_group.group 
1 2 'Structure model' 'Version format compliance' 
2 3 'Structure model' 'Version format compliance' 
3 4 'Structure model' 'Database references'       
4 4 'Structure model' 'Derived calculations'      
5 5 'Structure model' 'Data collection'           
6 5 'Structure model' 'Structure summary'         
# 
loop_
_pdbx_audit_revision_category.ordinal 
_pdbx_audit_revision_category.revision_ordinal 
_pdbx_audit_revision_category.data_content_type 
_pdbx_audit_revision_category.category 
1 4 'Structure model' database_2                
2 4 'Structure model' struct_conn               
3 4 'Structure model' struct_conn_type          
4 4 'Structure model' struct_ref_seq_dif        
5 4 'Structure model' struct_site               
6 5 'Structure model' chem_comp_atom            
7 5 'Structure model' chem_comp_bond            
8 5 'Structure model' pdbx_entry_details        
9 5 'Structure model' pdbx_modification_feature 
# 
loop_
_pdbx_audit_revision_item.ordinal 
_pdbx_audit_revision_item.revision_ordinal 
_pdbx_audit_revision_item.data_content_type 
_pdbx_audit_revision_item.item 
1  4 'Structure model' '_database_2.pdbx_DOI'                
2  4 'Structure model' '_database_2.pdbx_database_accession' 
3  4 'Structure model' '_struct_conn.conn_type_id'           
4  4 'Structure model' '_struct_conn.id'                     
5  4 'Structure model' '_struct_conn.pdbx_dist_value'        
6  4 'Structure model' '_struct_conn.pdbx_leaving_atom_flag' 
7  4 'Structure model' '_struct_conn.ptnr1_auth_asym_id'     
8  4 'Structure model' '_struct_conn.ptnr1_auth_comp_id'     
9  4 'Structure model' '_struct_conn.ptnr1_auth_seq_id'      
10 4 'Structure model' '_struct_conn.ptnr1_label_asym_id'    
11 4 'Structure model' '_struct_conn.ptnr1_label_atom_id'    
12 4 'Structure model' '_struct_conn.ptnr1_label_comp_id'    
13 4 'Structure model' '_struct_conn.ptnr1_label_seq_id'     
14 4 'Structure model' '_struct_conn.ptnr1_symmetry'         
15 4 'Structure model' '_struct_conn.ptnr2_auth_asym_id'     
16 4 'Structure model' '_struct_conn.ptnr2_auth_comp_id'     
17 4 'Structure model' '_struct_conn.ptnr2_auth_seq_id'      
18 4 'Structure model' '_struct_conn.ptnr2_label_asym_id'    
19 4 'Structure model' '_struct_conn.ptnr2_label_atom_id'    
20 4 'Structure model' '_struct_conn.ptnr2_label_comp_id'    
21 4 'Structure model' '_struct_conn.ptnr2_label_seq_id'     
22 4 'Structure model' '_struct_conn.ptnr2_symmetry'         
23 4 'Structure model' '_struct_conn_type.id'                
24 4 'Structure model' '_struct_ref_seq_dif.details'         
25 4 'Structure model' '_struct_site.pdbx_auth_asym_id'      
26 4 'Structure model' '_struct_site.pdbx_auth_comp_id'      
27 4 'Structure model' '_struct_site.pdbx_auth_seq_id'       
# 
_pdbx_database_status.status_code                     REL 
_pdbx_database_status.entry_id                        1KC2 
_pdbx_database_status.recvd_initial_deposition_date   2001-11-07 
_pdbx_database_status.deposit_site                    RCSB 
_pdbx_database_status.process_site                    PDBJ 
_pdbx_database_status.SG_entry                        . 
_pdbx_database_status.pdb_format_compatible           Y 
_pdbx_database_status.status_code_mr                  ? 
_pdbx_database_status.status_code_sf                  ? 
_pdbx_database_status.status_code_cs                  ? 
_pdbx_database_status.status_code_nmr_data            ? 
_pdbx_database_status.methods_development_category    ? 
# 
loop_
_audit_author.name 
_audit_author.pdbx_ordinal 
'Lubman, O.Y.' 1 
'Waksman, G.'  2 
# 
_citation.id                        primary 
_citation.title                     
'Dissection of the energetic coupling across the Src SH2 domain-tyrosyl phosphopeptide interface.' 
_citation.journal_abbrev            J.Mol.Biol. 
_citation.journal_volume            316 
_citation.page_first                291 
_citation.page_last                 304 
_citation.year                      2002 
_citation.journal_id_ASTM           JMOBAK 
_citation.country                   UK 
_citation.journal_id_ISSN           0022-2836 
_citation.journal_id_CSD            0070 
_citation.book_publisher            ? 
_citation.pdbx_database_id_PubMed   11851339 
_citation.pdbx_database_id_DOI      10.1006/jmbi.2001.5362 
# 
loop_
_citation_author.citation_id 
_citation_author.name 
_citation_author.ordinal 
_citation_author.identifier_ORCID 
primary 'Lubman, O.Y.' 1 ? 
primary 'Waksman, G.'  2 ? 
# 
loop_
_entity.id 
_entity.type 
_entity.src_method 
_entity.pdbx_description 
_entity.formula_weight 
_entity.pdbx_number_of_molecules 
_entity.pdbx_ec 
_entity.pdbx_mutation 
_entity.pdbx_fragment 
_entity.details 
1 polymer     man 'Src Tyrosine kinase' 11696.229 1  2.7.1.112 'D190A, D192A, K200A' 'SH2 domain' ? 
2 polymer     syn 'PQpYEEIPI peptide'   1068.070  1  ?         ?                     ?            ? 
3 non-polymer syn 'COBALT (II) ION'     58.933    1  ?         ?                     ?            ? 
4 water       nat water                 18.015    64 ?         ?                     ?            ? 
# 
_entity_name_com.entity_id   1 
_entity_name_com.name        'tyrosine-protein kinase transforming protein SRC' 
# 
loop_
_entity_poly.entity_id 
_entity_poly.type 
_entity_poly.nstd_linkage 
_entity_poly.nstd_monomer 
_entity_poly.pdbx_seq_one_letter_code 
_entity_poly.pdbx_seq_one_letter_code_can 
_entity_poly.pdbx_strand_id 
_entity_poly.pdbx_target_identifier 
1 'polypeptide(L)' no no  
;AEEWYFGKITRRESERLLLNPENPRGTFLVRESETTKGAYCLSVSAFANAKGLNVAHYKIRKLDSGGFYITSRTQFSSLQ
QLVAYYSKHADGLCHRLTNVCPT
;
;AEEWYFGKITRRESERLLLNPENPRGTFLVRESETTKGAYCLSVSAFANAKGLNVAHYKIRKLDSGGFYITSRTQFSSLQ
QLVAYYSKHADGLCHRLTNVCPT
;
A ? 
2 'polypeptide(L)' no yes 'PQ(PTR)EEIPI' PQYEEIPI B ? 
# 
loop_
_pdbx_entity_nonpoly.entity_id 
_pdbx_entity_nonpoly.name 
_pdbx_entity_nonpoly.comp_id 
3 'COBALT (II) ION' CO  
4 water             HOH 
# 
loop_
_entity_poly_seq.entity_id 
_entity_poly_seq.num 
_entity_poly_seq.mon_id 
_entity_poly_seq.hetero 
1 1   ALA n 
1 2   GLU n 
1 3   GLU n 
1 4   TRP n 
1 5   TYR n 
1 6   PHE n 
1 7   GLY n 
1 8   LYS n 
1 9   ILE n 
1 10  THR n 
1 11  ARG n 
1 12  ARG n 
1 13  GLU n 
1 14  SER n 
1 15  GLU n 
1 16  ARG n 
1 17  LEU n 
1 18  LEU n 
1 19  LEU n 
1 20  ASN n 
1 21  PRO n 
1 22  GLU n 
1 23  ASN n 
1 24  PRO n 
1 25  ARG n 
1 26  GLY n 
1 27  THR n 
1 28  PHE n 
1 29  LEU n 
1 30  VAL n 
1 31  ARG n 
1 32  GLU n 
1 33  SER n 
1 34  GLU n 
1 35  THR n 
1 36  THR n 
1 37  LYS n 
1 38  GLY n 
1 39  ALA n 
1 40  TYR n 
1 41  CYS n 
1 42  LEU n 
1 43  SER n 
1 44  VAL n 
1 45  SER n 
1 46  ALA n 
1 47  PHE n 
1 48  ALA n 
1 49  ASN n 
1 50  ALA n 
1 51  LYS n 
1 52  GLY n 
1 53  LEU n 
1 54  ASN n 
1 55  VAL n 
1 56  ALA n 
1 57  HIS n 
1 58  TYR n 
1 59  LYS n 
1 60  ILE n 
1 61  ARG n 
1 62  LYS n 
1 63  LEU n 
1 64  ASP n 
1 65  SER n 
1 66  GLY n 
1 67  GLY n 
1 68  PHE n 
1 69  TYR n 
1 70  ILE n 
1 71  THR n 
1 72  SER n 
1 73  ARG n 
1 74  THR n 
1 75  GLN n 
1 76  PHE n 
1 77  SER n 
1 78  SER n 
1 79  LEU n 
1 80  GLN n 
1 81  GLN n 
1 82  LEU n 
1 83  VAL n 
1 84  ALA n 
1 85  TYR n 
1 86  TYR n 
1 87  SER n 
1 88  LYS n 
1 89  HIS n 
1 90  ALA n 
1 91  ASP n 
1 92  GLY n 
1 93  LEU n 
1 94  CYS n 
1 95  HIS n 
1 96  ARG n 
1 97  LEU n 
1 98  THR n 
1 99  ASN n 
1 100 VAL n 
1 101 CYS n 
1 102 PRO n 
1 103 THR n 
2 1   PRO n 
2 2   GLN n 
2 3   PTR n 
2 4   GLU n 
2 5   GLU n 
2 6   ILE n 
2 7   PRO n 
2 8   ILE n 
# 
_entity_src_gen.entity_id                          1 
_entity_src_gen.pdbx_src_id                        1 
_entity_src_gen.pdbx_alt_source_flag               sample 
_entity_src_gen.pdbx_seq_type                      ? 
_entity_src_gen.pdbx_beg_seq_num                   ? 
_entity_src_gen.pdbx_end_seq_num                   ? 
_entity_src_gen.gene_src_common_name               ? 
_entity_src_gen.gene_src_genus                     Alpharetrovirus 
_entity_src_gen.pdbx_gene_src_gene                 ? 
_entity_src_gen.gene_src_species                   ? 
_entity_src_gen.gene_src_strain                    ? 
_entity_src_gen.gene_src_tissue                    ? 
_entity_src_gen.gene_src_tissue_fraction           ? 
_entity_src_gen.gene_src_details                   ? 
_entity_src_gen.pdbx_gene_src_fragment             ? 
_entity_src_gen.pdbx_gene_src_scientific_name      'Rous sarcoma virus' 
_entity_src_gen.pdbx_gene_src_ncbi_taxonomy_id     11886 
_entity_src_gen.pdbx_gene_src_variant              ? 
_entity_src_gen.pdbx_gene_src_cell_line            ? 
_entity_src_gen.pdbx_gene_src_atcc                 ? 
_entity_src_gen.pdbx_gene_src_organ                ? 
_entity_src_gen.pdbx_gene_src_organelle            ? 
_entity_src_gen.pdbx_gene_src_cell                 ? 
_entity_src_gen.pdbx_gene_src_cellular_location    ? 
_entity_src_gen.host_org_common_name               ? 
_entity_src_gen.pdbx_host_org_scientific_name      'Escherichia coli' 
_entity_src_gen.pdbx_host_org_ncbi_taxonomy_id     562 
_entity_src_gen.host_org_genus                     Escherichia 
_entity_src_gen.pdbx_host_org_gene                 ? 
_entity_src_gen.pdbx_host_org_organ                ? 
_entity_src_gen.host_org_species                   ? 
_entity_src_gen.pdbx_host_org_tissue               ? 
_entity_src_gen.pdbx_host_org_tissue_fraction      ? 
_entity_src_gen.pdbx_host_org_strain               ? 
_entity_src_gen.pdbx_host_org_variant              ? 
_entity_src_gen.pdbx_host_org_cell_line            ? 
_entity_src_gen.pdbx_host_org_atcc                 ? 
_entity_src_gen.pdbx_host_org_culture_collection   ? 
_entity_src_gen.pdbx_host_org_cell                 ? 
_entity_src_gen.pdbx_host_org_organelle            ? 
_entity_src_gen.pdbx_host_org_cellular_location    ? 
_entity_src_gen.pdbx_host_org_vector_type          ? 
_entity_src_gen.pdbx_host_org_vector               ? 
_entity_src_gen.host_org_details                   ? 
_entity_src_gen.expression_system_id               ? 
_entity_src_gen.plasmid_name                       ? 
_entity_src_gen.plasmid_details                    ? 
_entity_src_gen.pdbx_description                   ? 
# 
_pdbx_entity_src_syn.entity_id              2 
_pdbx_entity_src_syn.pdbx_src_id            1 
_pdbx_entity_src_syn.pdbx_alt_source_flag   sample 
_pdbx_entity_src_syn.pdbx_beg_seq_num       ? 
_pdbx_entity_src_syn.pdbx_end_seq_num       ? 
_pdbx_entity_src_syn.organism_scientific    ? 
_pdbx_entity_src_syn.organism_common_name   ? 
_pdbx_entity_src_syn.ncbi_taxonomy_id       ? 
_pdbx_entity_src_syn.details                'The peptide was chemically synthesized.' 
# 
loop_
_chem_comp.id 
_chem_comp.type 
_chem_comp.mon_nstd_flag 
_chem_comp.name 
_chem_comp.pdbx_synonyms 
_chem_comp.formula 
_chem_comp.formula_weight 
ALA 'L-peptide linking' y ALANINE           ?                 'C3 H7 N O2'     89.093  
ARG 'L-peptide linking' y ARGININE          ?                 'C6 H15 N4 O2 1' 175.209 
ASN 'L-peptide linking' y ASPARAGINE        ?                 'C4 H8 N2 O3'    132.118 
ASP 'L-peptide linking' y 'ASPARTIC ACID'   ?                 'C4 H7 N O4'     133.103 
CO  non-polymer         . 'COBALT (II) ION' ?                 'Co 2'           58.933  
CYS 'L-peptide linking' y CYSTEINE          ?                 'C3 H7 N O2 S'   121.158 
GLN 'L-peptide linking' y GLUTAMINE         ?                 'C5 H10 N2 O3'   146.144 
GLU 'L-peptide linking' y 'GLUTAMIC ACID'   ?                 'C5 H9 N O4'     147.129 
GLY 'peptide linking'   y GLYCINE           ?                 'C2 H5 N O2'     75.067  
HIS 'L-peptide linking' y HISTIDINE         ?                 'C6 H10 N3 O2 1' 156.162 
HOH non-polymer         . WATER             ?                 'H2 O'           18.015  
ILE 'L-peptide linking' y ISOLEUCINE        ?                 'C6 H13 N O2'    131.173 
LEU 'L-peptide linking' y LEUCINE           ?                 'C6 H13 N O2'    131.173 
LYS 'L-peptide linking' y LYSINE            ?                 'C6 H15 N2 O2 1' 147.195 
PHE 'L-peptide linking' y PHENYLALANINE     ?                 'C9 H11 N O2'    165.189 
PRO 'L-peptide linking' y PROLINE           ?                 'C5 H9 N O2'     115.130 
PTR 'L-peptide linking' n O-PHOSPHOTYROSINE PHOSPHONOTYROSINE 'C9 H12 N O6 P'  261.168 
SER 'L-peptide linking' y SERINE            ?                 'C3 H7 N O3'     105.093 
THR 'L-peptide linking' y THREONINE         ?                 'C4 H9 N O3'     119.119 
TRP 'L-peptide linking' y TRYPTOPHAN        ?                 'C11 H12 N2 O2'  204.225 
TYR 'L-peptide linking' y TYROSINE          ?                 'C9 H11 N O3'    181.189 
VAL 'L-peptide linking' y VALINE            ?                 'C5 H11 N O2'    117.146 
# 
loop_
_pdbx_poly_seq_scheme.asym_id 
_pdbx_poly_seq_scheme.entity_id 
_pdbx_poly_seq_scheme.seq_id 
_pdbx_poly_seq_scheme.mon_id 
_pdbx_poly_seq_scheme.ndb_seq_num 
_pdbx_poly_seq_scheme.pdb_seq_num 
_pdbx_poly_seq_scheme.auth_seq_num 
_pdbx_poly_seq_scheme.pdb_mon_id 
_pdbx_poly_seq_scheme.auth_mon_id 
_pdbx_poly_seq_scheme.pdb_strand_id 
_pdbx_poly_seq_scheme.pdb_ins_code 
_pdbx_poly_seq_scheme.hetero 
A 1 1   ALA 1   147 147 ALA ALA A . n 
A 1 2   GLU 2   148 148 GLU GLU A . n 
A 1 3   GLU 3   149 149 GLU GLU A . n 
A 1 4   TRP 4   150 150 TRP TRP A . n 
A 1 5   TYR 5   151 151 TYR TYR A . n 
A 1 6   PHE 6   152 152 PHE PHE A . n 
A 1 7   GLY 7   153 153 GLY GLY A . n 
A 1 8   LYS 8   154 154 LYS LYS A . n 
A 1 9   ILE 9   155 155 ILE ILE A . n 
A 1 10  THR 10  156 156 THR THR A . n 
A 1 11  ARG 11  157 157 ARG ARG A . n 
A 1 12  ARG 12  158 158 ARG ARG A . n 
A 1 13  GLU 13  159 159 GLU GLU A . n 
A 1 14  SER 14  160 160 SER SER A . n 
A 1 15  GLU 15  161 161 GLU GLU A . n 
A 1 16  ARG 16  162 162 ARG ARG A . n 
A 1 17  LEU 17  163 163 LEU LEU A . n 
A 1 18  LEU 18  164 164 LEU LEU A . n 
A 1 19  LEU 19  165 165 LEU LEU A . n 
A 1 20  ASN 20  166 166 ASN ASN A . n 
A 1 21  PRO 21  167 167 PRO PRO A . n 
A 1 22  GLU 22  168 168 GLU GLU A . n 
A 1 23  ASN 23  169 169 ASN ASN A . n 
A 1 24  PRO 24  170 170 PRO PRO A . n 
A 1 25  ARG 25  171 171 ARG ARG A . n 
A 1 26  GLY 26  172 172 GLY GLY A . n 
A 1 27  THR 27  173 173 THR THR A . n 
A 1 28  PHE 28  174 174 PHE PHE A . n 
A 1 29  LEU 29  175 175 LEU LEU A . n 
A 1 30  VAL 30  176 176 VAL VAL A . n 
A 1 31  ARG 31  177 177 ARG ARG A . n 
A 1 32  GLU 32  178 178 GLU GLU A . n 
A 1 33  SER 33  179 179 SER SER A . n 
A 1 34  GLU 34  180 180 GLU GLU A . n 
A 1 35  THR 35  181 181 THR THR A . n 
A 1 36  THR 36  182 182 THR THR A . n 
A 1 37  LYS 37  183 183 LYS LYS A . n 
A 1 38  GLY 38  184 184 GLY GLY A . n 
A 1 39  ALA 39  185 185 ALA ALA A . n 
A 1 40  TYR 40  186 186 TYR TYR A . n 
A 1 41  CYS 41  187 187 CYS CYS A . n 
A 1 42  LEU 42  188 188 LEU LEU A . n 
A 1 43  SER 43  189 189 SER SER A . n 
A 1 44  VAL 44  190 190 VAL VAL A . n 
A 1 45  SER 45  191 191 SER SER A . n 
A 1 46  ALA 46  192 ?   ?   ?   A . n 
A 1 47  PHE 47  193 ?   ?   ?   A . n 
A 1 48  ALA 48  194 ?   ?   ?   A . n 
A 1 49  ASN 49  195 ?   ?   ?   A . n 
A 1 50  ALA 50  196 ?   ?   ?   A . n 
A 1 51  LYS 51  197 ?   ?   ?   A . n 
A 1 52  GLY 52  198 ?   ?   ?   A . n 
A 1 53  LEU 53  199 199 LEU LEU A . n 
A 1 54  ASN 54  200 200 ASN ASN A . n 
A 1 55  VAL 55  201 201 VAL VAL A . n 
A 1 56  ALA 56  202 202 ALA ALA A . n 
A 1 57  HIS 57  203 203 HIS HIS A . n 
A 1 58  TYR 58  204 204 TYR TYR A . n 
A 1 59  LYS 59  205 205 LYS LYS A . n 
A 1 60  ILE 60  206 206 ILE ILE A . n 
A 1 61  ARG 61  207 207 ARG ARG A . n 
A 1 62  LYS 62  208 208 LYS LYS A . n 
A 1 63  LEU 63  209 209 LEU LEU A . n 
A 1 64  ASP 64  210 210 ASP ASP A . n 
A 1 65  SER 65  211 211 SER SER A . n 
A 1 66  GLY 66  212 212 GLY GLY A . n 
A 1 67  GLY 67  213 213 GLY GLY A . n 
A 1 68  PHE 68  214 214 PHE PHE A . n 
A 1 69  TYR 69  215 215 TYR TYR A . n 
A 1 70  ILE 70  216 216 ILE ILE A . n 
A 1 71  THR 71  217 217 THR THR A . n 
A 1 72  SER 72  218 218 SER SER A . n 
A 1 73  ARG 73  219 219 ARG ARG A . n 
A 1 74  THR 74  220 220 THR THR A . n 
A 1 75  GLN 75  221 221 GLN GLN A . n 
A 1 76  PHE 76  222 222 PHE PHE A . n 
A 1 77  SER 77  223 223 SER SER A . n 
A 1 78  SER 78  224 224 SER SER A . n 
A 1 79  LEU 79  225 225 LEU LEU A . n 
A 1 80  GLN 80  226 226 GLN GLN A . n 
A 1 81  GLN 81  227 227 GLN GLN A . n 
A 1 82  LEU 82  228 228 LEU LEU A . n 
A 1 83  VAL 83  229 229 VAL VAL A . n 
A 1 84  ALA 84  230 230 ALA ALA A . n 
A 1 85  TYR 85  231 231 TYR TYR A . n 
A 1 86  TYR 86  232 232 TYR TYR A . n 
A 1 87  SER 87  233 233 SER SER A . n 
A 1 88  LYS 88  234 234 LYS LYS A . n 
A 1 89  HIS 89  235 235 HIS HIS A . n 
A 1 90  ALA 90  236 236 ALA ALA A . n 
A 1 91  ASP 91  237 237 ASP ASP A . n 
A 1 92  GLY 92  238 238 GLY GLY A . n 
A 1 93  LEU 93  239 239 LEU LEU A . n 
A 1 94  CYS 94  240 240 CYS CYS A . n 
A 1 95  HIS 95  241 241 HIS HIS A . n 
A 1 96  ARG 96  242 242 ARG ARG A . n 
A 1 97  LEU 97  243 243 LEU LEU A . n 
A 1 98  THR 98  244 244 THR THR A . n 
A 1 99  ASN 99  245 245 ASN ASN A . n 
A 1 100 VAL 100 246 246 VAL VAL A . n 
A 1 101 CYS 101 247 247 CYS CYS A . n 
A 1 102 PRO 102 248 248 PRO PRO A . n 
A 1 103 THR 103 249 249 THR THR A . n 
B 2 1   PRO 1   302 302 PRO PRO B . n 
B 2 2   GLN 2   303 303 GLN GLN B . n 
B 2 3   PTR 3   304 304 PTR PTR B . n 
B 2 4   GLU 4   305 305 GLU GLU B . n 
B 2 5   GLU 5   306 306 GLU GLU B . n 
B 2 6   ILE 6   307 307 ILE ILE B . n 
B 2 7   PRO 7   308 308 PRO PRO B . n 
B 2 8   ILE 8   309 309 ILE ILE B . n 
# 
loop_
_pdbx_nonpoly_scheme.asym_id 
_pdbx_nonpoly_scheme.entity_id 
_pdbx_nonpoly_scheme.mon_id 
_pdbx_nonpoly_scheme.ndb_seq_num 
_pdbx_nonpoly_scheme.pdb_seq_num 
_pdbx_nonpoly_scheme.auth_seq_num 
_pdbx_nonpoly_scheme.pdb_mon_id 
_pdbx_nonpoly_scheme.auth_mon_id 
_pdbx_nonpoly_scheme.pdb_strand_id 
_pdbx_nonpoly_scheme.pdb_ins_code 
C 3 CO  1  2000 2000 CO  CO  A . 
D 4 HOH 1  1000 1000 HOH TIP A . 
D 4 HOH 2  1001 1001 HOH TIP A . 
D 4 HOH 3  1002 1002 HOH TIP A . 
D 4 HOH 4  1003 1003 HOH TIP A . 
D 4 HOH 5  1004 1004 HOH TIP A . 
D 4 HOH 6  1005 1005 HOH TIP A . 
D 4 HOH 7  1006 1006 HOH TIP A . 
D 4 HOH 8  1007 1007 HOH TIP A . 
D 4 HOH 9  1008 1008 HOH TIP A . 
D 4 HOH 10 1009 1009 HOH TIP A . 
D 4 HOH 11 1010 1010 HOH TIP A . 
D 4 HOH 12 1011 1011 HOH TIP A . 
D 4 HOH 13 1012 1012 HOH TIP A . 
D 4 HOH 14 1013 1013 HOH TIP A . 
D 4 HOH 15 1014 1014 HOH TIP A . 
D 4 HOH 16 1015 1015 HOH TIP A . 
D 4 HOH 17 1016 1016 HOH TIP A . 
D 4 HOH 18 1017 1017 HOH TIP A . 
D 4 HOH 19 1019 1019 HOH TIP A . 
D 4 HOH 20 1020 1020 HOH TIP A . 
D 4 HOH 21 1021 1021 HOH TIP A . 
D 4 HOH 22 1022 1022 HOH TIP A . 
D 4 HOH 23 1023 1023 HOH TIP A . 
D 4 HOH 24 1024 1024 HOH TIP A . 
D 4 HOH 25 1025 1025 HOH TIP A . 
D 4 HOH 26 1026 1026 HOH TIP A . 
D 4 HOH 27 1027 1027 HOH TIP A . 
D 4 HOH 28 1028 1028 HOH TIP A . 
D 4 HOH 29 1029 1029 HOH TIP A . 
D 4 HOH 30 1030 1030 HOH TIP A . 
D 4 HOH 31 1031 1031 HOH TIP A . 
D 4 HOH 32 1032 1032 HOH TIP A . 
D 4 HOH 33 1033 1033 HOH TIP A . 
D 4 HOH 34 1034 1034 HOH TIP A . 
D 4 HOH 35 1035 1035 HOH TIP A . 
D 4 HOH 36 1036 1036 HOH TIP A . 
D 4 HOH 37 1037 1037 HOH TIP A . 
D 4 HOH 38 1038 1038 HOH TIP A . 
D 4 HOH 39 1039 1039 HOH TIP A . 
D 4 HOH 40 1040 1040 HOH TIP A . 
D 4 HOH 41 1041 1041 HOH TIP A . 
D 4 HOH 42 1042 1042 HOH TIP A . 
D 4 HOH 43 1043 1043 HOH TIP A . 
D 4 HOH 44 1044 1044 HOH TIP A . 
D 4 HOH 45 1045 1045 HOH TIP A . 
D 4 HOH 46 1046 1046 HOH TIP A . 
D 4 HOH 47 1047 1047 HOH TIP A . 
D 4 HOH 48 1049 1049 HOH TIP A . 
D 4 HOH 49 1050 1050 HOH TIP A . 
D 4 HOH 50 1051 1051 HOH TIP A . 
D 4 HOH 51 1053 1053 HOH TIP A . 
D 4 HOH 52 1055 1055 HOH TIP A . 
D 4 HOH 53 1056 1056 HOH TIP A . 
D 4 HOH 54 1057 1057 HOH TIP A . 
D 4 HOH 55 1058 1058 HOH TIP A . 
D 4 HOH 56 1059 1059 HOH TIP A . 
D 4 HOH 57 1060 1060 HOH TIP A . 
D 4 HOH 58 1061 1061 HOH TIP A . 
D 4 HOH 59 1062 1062 HOH TIP A . 
E 4 HOH 1  1018 1018 HOH TIP B . 
E 4 HOH 2  1048 1048 HOH TIP B . 
E 4 HOH 3  1052 1052 HOH TIP B . 
E 4 HOH 4  1054 1054 HOH TIP B . 
E 4 HOH 5  1063 1063 HOH TIP B . 
# 
loop_
_pdbx_unobs_or_zero_occ_atoms.id 
_pdbx_unobs_or_zero_occ_atoms.PDB_model_num 
_pdbx_unobs_or_zero_occ_atoms.polymer_flag 
_pdbx_unobs_or_zero_occ_atoms.occupancy_flag 
_pdbx_unobs_or_zero_occ_atoms.auth_asym_id 
_pdbx_unobs_or_zero_occ_atoms.auth_comp_id 
_pdbx_unobs_or_zero_occ_atoms.auth_seq_id 
_pdbx_unobs_or_zero_occ_atoms.PDB_ins_code 
_pdbx_unobs_or_zero_occ_atoms.auth_atom_id 
_pdbx_unobs_or_zero_occ_atoms.label_alt_id 
_pdbx_unobs_or_zero_occ_atoms.label_asym_id 
_pdbx_unobs_or_zero_occ_atoms.label_comp_id 
_pdbx_unobs_or_zero_occ_atoms.label_seq_id 
_pdbx_unobs_or_zero_occ_atoms.label_atom_id 
1  1 Y 1 A LYS 154 ? CG  ? A LYS 8  CG  
2  1 Y 1 A LYS 154 ? CD  ? A LYS 8  CD  
3  1 Y 1 A LYS 154 ? CE  ? A LYS 8  CE  
4  1 Y 1 A LYS 154 ? NZ  ? A LYS 8  NZ  
5  1 Y 1 A ARG 158 ? CG  ? A ARG 12 CG  
6  1 Y 1 A ARG 158 ? CD  ? A ARG 12 CD  
7  1 Y 1 A ARG 158 ? NE  ? A ARG 12 NE  
8  1 Y 1 A ARG 158 ? CZ  ? A ARG 12 CZ  
9  1 Y 1 A ARG 158 ? NH1 ? A ARG 12 NH1 
10 1 Y 1 A ARG 158 ? NH2 ? A ARG 12 NH2 
11 1 Y 1 A GLU 168 ? CG  ? A GLU 22 CG  
12 1 Y 1 A GLU 168 ? CD  ? A GLU 22 CD  
13 1 Y 1 A GLU 168 ? OE1 ? A GLU 22 OE1 
14 1 Y 1 A GLU 168 ? OE2 ? A GLU 22 OE2 
15 1 Y 1 A LYS 183 ? CG  ? A LYS 37 CG  
16 1 Y 1 A LYS 183 ? CD  ? A LYS 37 CD  
17 1 Y 1 A LYS 183 ? CE  ? A LYS 37 CE  
18 1 Y 1 A LYS 183 ? NZ  ? A LYS 37 NZ  
# 
loop_
_software.name 
_software.classification 
_software.version 
_software.citation_id 
_software.pdbx_ordinal 
CNS       refinement       . ? 1 
DENZO     'data reduction' . ? 2 
SCALEPACK 'data scaling'   . ? 3 
CNS       phasing          . ? 4 
# 
_cell.entry_id           1KC2 
_cell.length_a           62.447 
_cell.length_b           62.447 
_cell.length_c           133.680 
_cell.angle_alpha        90.00 
_cell.angle_beta         90.00 
_cell.angle_gamma        90.00 
_cell.Z_PDB              16 
_cell.pdbx_unique_axis   ? 
# 
_symmetry.entry_id                         1KC2 
_symmetry.space_group_name_H-M             'I 4 2 2' 
_symmetry.pdbx_full_space_group_name_H-M   ? 
_symmetry.cell_setting                     ? 
_symmetry.Int_Tables_number                97 
# 
_exptl.entry_id          1KC2 
_exptl.method            'X-RAY DIFFRACTION' 
_exptl.crystals_number   ? 
# 
_exptl_crystal.id                    1 
_exptl_crystal.density_meas          ? 
_exptl_crystal.density_Matthews      2.55 
_exptl_crystal.density_percent_sol   51.79 
_exptl_crystal.description           ? 
# 
_diffrn.id                     1 
_diffrn.ambient_temp           ? 
_diffrn.ambient_temp_details   ? 
_diffrn.crystal_id             1 
# 
_diffrn_radiation.diffrn_id                        1 
_diffrn_radiation.wavelength_id                    1 
_diffrn_radiation.pdbx_monochromatic_or_laue_m_l   M 
_diffrn_radiation.monochromator                    ? 
_diffrn_radiation.pdbx_diffrn_protocol             'SINGLE WAVELENGTH' 
_diffrn_radiation.pdbx_scattering_type             x-ray 
# 
_diffrn_radiation_wavelength.id           1 
_diffrn_radiation_wavelength.wavelength   . 
_diffrn_radiation_wavelength.wt           1.0 
# 
_reflns.entry_id                     1KC2 
_reflns.observed_criterion_sigma_I   ? 
_reflns.observed_criterion_sigma_F   ? 
_reflns.d_resolution_low             ? 
_reflns.d_resolution_high            ? 
_reflns.number_obs                   ? 
_reflns.number_all                   ? 
_reflns.percent_possible_obs         ? 
_reflns.pdbx_Rmerge_I_obs            ? 
_reflns.pdbx_Rsym_value              ? 
_reflns.pdbx_netI_over_sigmaI        ? 
_reflns.B_iso_Wilson_estimate        27.9 
_reflns.pdbx_redundancy              ? 
_reflns.R_free_details               ? 
_reflns.limit_h_max                  ? 
_reflns.limit_h_min                  ? 
_reflns.limit_k_max                  ? 
_reflns.limit_k_min                  ? 
_reflns.limit_l_max                  ? 
_reflns.limit_l_min                  ? 
_reflns.observed_criterion_F_max     ? 
_reflns.observed_criterion_F_min     ? 
_reflns.pdbx_diffrn_id               1 
_reflns.pdbx_ordinal                 1 
# 
_refine.entry_id                                 1KC2 
_refine.ls_number_reflns_obs                     7929 
_refine.ls_number_reflns_all                     ? 
_refine.pdbx_ls_sigma_I                          ? 
_refine.pdbx_ls_sigma_F                          1.0 
_refine.pdbx_data_cutoff_high_absF               647622.91 
_refine.pdbx_data_cutoff_low_absF                0.000000 
_refine.ls_d_res_low                             28.29 
_refine.ls_d_res_high                            2.10 
_refine.ls_percent_reflns_obs                    97.9 
_refine.ls_R_factor_obs                          0.2290000 
_refine.ls_R_factor_all                          ? 
_refine.ls_R_factor_R_work                       0.2290000 
_refine.ls_R_factor_R_free                       0.2670000 
_refine.ls_R_factor_R_free_error                 0.013 
_refine.ls_R_factor_R_free_error_details         ? 
_refine.ls_percent_reflns_R_free                 5.4 
_refine.ls_number_reflns_R_free                  428 
_refine.ls_number_parameters                     ? 
_refine.ls_number_restraints                     ? 
_refine.occupancy_min                            ? 
_refine.occupancy_max                            ? 
_refine.B_iso_mean                               39.3 
_refine.aniso_B[1][1]                            4.74 
_refine.aniso_B[2][2]                            4.74 
_refine.aniso_B[3][3]                            -9.48 
_refine.aniso_B[1][2]                            0.00 
_refine.aniso_B[1][3]                            0.00 
_refine.aniso_B[2][3]                            0.00 
_refine.solvent_model_details                    'FLAT MODEL' 
_refine.solvent_model_param_ksol                 0.352559 
_refine.solvent_model_param_bsol                 56.2563 
_refine.pdbx_ls_cross_valid_method               THROUGHOUT 
_refine.details                                  ? 
_refine.pdbx_starting_model                      ? 
_refine.pdbx_method_to_determine_struct          'MOLECULAR REPLACEMENT' 
_refine.pdbx_isotropic_thermal_model             RESTRAINED 
_refine.pdbx_stereochemistry_target_values       ? 
_refine.pdbx_stereochem_target_val_spec_case     ? 
_refine.pdbx_R_Free_selection_details            RANDOM 
_refine.pdbx_overall_ESU_R_Free                  ? 
_refine.overall_SU_B                             ? 
_refine.ls_redundancy_reflns_obs                 ? 
_refine.B_iso_min                                ? 
_refine.B_iso_max                                ? 
_refine.correlation_coeff_Fo_to_Fc               ? 
_refine.overall_SU_R_Cruickshank_DPI             ? 
_refine.overall_SU_R_free                        ? 
_refine.overall_SU_ML                            ? 
_refine.pdbx_overall_ESU_R                       ? 
_refine.pdbx_data_cutoff_high_rms_absF           ? 
_refine.correlation_coeff_Fo_to_Fc_free          ? 
_refine.pdbx_solvent_vdw_probe_radii             ? 
_refine.pdbx_solvent_ion_probe_radii             ? 
_refine.pdbx_solvent_shrinkage_radii             ? 
_refine.pdbx_refine_id                           'X-RAY DIFFRACTION' 
_refine.pdbx_diffrn_id                           1 
_refine.pdbx_TLS_residual_ADP_flag               ? 
_refine.pdbx_overall_phase_error                 ? 
_refine.pdbx_overall_SU_R_free_Cruickshank_DPI   ? 
_refine.pdbx_overall_SU_R_Blow_DPI               ? 
_refine.pdbx_overall_SU_R_free_Blow_DPI          ? 
# 
_refine_analyze.entry_id                        1KC2 
_refine_analyze.Luzzati_coordinate_error_obs    0.28 
_refine_analyze.Luzzati_sigma_a_obs             0.22 
_refine_analyze.Luzzati_d_res_low_obs           6.00 
_refine_analyze.Luzzati_coordinate_error_free   0.34 
_refine_analyze.Luzzati_sigma_a_free            0.31 
_refine_analyze.Luzzati_d_res_low_free          ? 
_refine_analyze.number_disordered_residues      ? 
_refine_analyze.occupancy_sum_hydrogen          ? 
_refine_analyze.occupancy_sum_non_hydrogen      ? 
_refine_analyze.pdbx_Luzzati_d_res_high_obs     ? 
_refine_analyze.pdbx_refine_id                  'X-RAY DIFFRACTION' 
# 
_refine_hist.pdbx_refine_id                   'X-RAY DIFFRACTION' 
_refine_hist.cycle_id                         LAST 
_refine_hist.pdbx_number_atoms_protein        833 
_refine_hist.pdbx_number_atoms_nucleic_acid   0 
_refine_hist.pdbx_number_atoms_ligand         1 
_refine_hist.number_atoms_solvent             64 
_refine_hist.number_atoms_total               898 
_refine_hist.d_res_high                       2.10 
_refine_hist.d_res_low                        28.29 
# 
loop_
_refine_ls_restr.type 
_refine_ls_restr.dev_ideal 
_refine_ls_restr.dev_ideal_target 
_refine_ls_restr.weight 
_refine_ls_restr.number 
_refine_ls_restr.pdbx_refine_id 
_refine_ls_restr.pdbx_restraint_function 
c_bond_d                0.008 ?    ? ? 'X-RAY DIFFRACTION' ? 
c_bond_d_na             ?     ?    ? ? 'X-RAY DIFFRACTION' ? 
c_bond_d_prot           ?     ?    ? ? 'X-RAY DIFFRACTION' ? 
c_angle_d               ?     ?    ? ? 'X-RAY DIFFRACTION' ? 
c_angle_d_na            ?     ?    ? ? 'X-RAY DIFFRACTION' ? 
c_angle_d_prot          ?     ?    ? ? 'X-RAY DIFFRACTION' ? 
c_angle_deg             1.4   ?    ? ? 'X-RAY DIFFRACTION' ? 
c_angle_deg_na          ?     ?    ? ? 'X-RAY DIFFRACTION' ? 
c_angle_deg_prot        ?     ?    ? ? 'X-RAY DIFFRACTION' ? 
c_dihedral_angle_d      24.5  ?    ? ? 'X-RAY DIFFRACTION' ? 
c_dihedral_angle_d_na   ?     ?    ? ? 'X-RAY DIFFRACTION' ? 
c_dihedral_angle_d_prot ?     ?    ? ? 'X-RAY DIFFRACTION' ? 
c_improper_angle_d      0.77  ?    ? ? 'X-RAY DIFFRACTION' ? 
c_improper_angle_d_na   ?     ?    ? ? 'X-RAY DIFFRACTION' ? 
c_improper_angle_d_prot ?     ?    ? ? 'X-RAY DIFFRACTION' ? 
c_mcbond_it             1.86  1.50 ? ? 'X-RAY DIFFRACTION' ? 
c_mcangle_it            3.07  2.00 ? ? 'X-RAY DIFFRACTION' ? 
c_scbond_it             2.54  2.00 ? ? 'X-RAY DIFFRACTION' ? 
c_scangle_it            3.66  2.50 ? ? 'X-RAY DIFFRACTION' ? 
# 
_refine_ls_shell.pdbx_total_number_of_bins_used   6 
_refine_ls_shell.d_res_high                       2.10 
_refine_ls_shell.d_res_low                        2.23 
_refine_ls_shell.number_reflns_R_work             1176 
_refine_ls_shell.R_factor_R_work                  0.2860000 
_refine_ls_shell.percent_reflns_obs               96.4 
_refine_ls_shell.R_factor_R_free                  0.3480000 
_refine_ls_shell.R_factor_R_free_error            0.037 
_refine_ls_shell.percent_reflns_R_free            7.0 
_refine_ls_shell.number_reflns_R_free             88 
_refine_ls_shell.number_reflns_obs                ? 
_refine_ls_shell.redundancy_reflns_obs            ? 
_refine_ls_shell.number_reflns_all                ? 
_refine_ls_shell.pdbx_refine_id                   'X-RAY DIFFRACTION' 
_refine_ls_shell.R_factor_all                     ? 
# 
loop_
_pdbx_xplor_file.serial_no 
_pdbx_xplor_file.param_file 
_pdbx_xplor_file.topol_file 
_pdbx_xplor_file.pdbx_refine_id 
1 PROTEIN_REP_PTYR_PTR3.PARAM PROTEIN_PTYR_PTR.TOP 'X-RAY DIFFRACTION' 
2 WATER_REP.PARAM             ION.TOP              'X-RAY DIFFRACTION' 
3 ION.PARAM                   WATER.TOP            'X-RAY DIFFRACTION' 
# 
_struct.entry_id                  1KC2 
_struct.title                     
'structure of the triple (Lys(beta)D3Ala, Asp(beta)C8Ala, AspCD2Ala) mutant of the Src SH2 domain bound to the PQpYEEIPI peptide' 
_struct.pdbx_model_details        ? 
_struct.pdbx_CASP_flag            ? 
_struct.pdbx_model_type_details   ? 
# 
_struct_keywords.entry_id        1KC2 
_struct_keywords.pdbx_keywords   TRANSFERASE 
_struct_keywords.text            'SH2 domain, phosphotyrosine, TRANSFERASE' 
# 
loop_
_struct_asym.id 
_struct_asym.pdbx_blank_PDB_chainid_flag 
_struct_asym.pdbx_modified 
_struct_asym.entity_id 
_struct_asym.details 
A N N 1 ? 
B N N 2 ? 
C N N 3 ? 
D N N 4 ? 
E N N 4 ? 
# 
loop_
_struct_ref.id 
_struct_ref.db_name 
_struct_ref.db_code 
_struct_ref.entity_id 
_struct_ref.pdbx_seq_one_letter_code 
_struct_ref.pdbx_align_begin 
_struct_ref.pdbx_db_accession 
_struct_ref.pdbx_db_isoform 
1 UNP SRC_RSVSA 1 
;AEEWYFGKITRRESERLLLNPENPRGTFLVRESETTKGAYCLSVSDFDNAKGLNVKHYKIRKLDSGGFYITSRTQFSSLQ
QLVAYYSKHADGLCHRLTNVCPT
;
145 P00524 ? 
2 PDB 1KC2      2 ?                                                                                                          ?   
1KC2   ? 
# 
loop_
_struct_ref_seq.align_id 
_struct_ref_seq.ref_id 
_struct_ref_seq.pdbx_PDB_id_code 
_struct_ref_seq.pdbx_strand_id 
_struct_ref_seq.seq_align_beg 
_struct_ref_seq.pdbx_seq_align_beg_ins_code 
_struct_ref_seq.seq_align_end 
_struct_ref_seq.pdbx_seq_align_end_ins_code 
_struct_ref_seq.pdbx_db_accession 
_struct_ref_seq.db_align_beg 
_struct_ref_seq.pdbx_db_align_beg_ins_code 
_struct_ref_seq.db_align_end 
_struct_ref_seq.pdbx_db_align_end_ins_code 
_struct_ref_seq.pdbx_auth_seq_align_beg 
_struct_ref_seq.pdbx_auth_seq_align_end 
1 1 1KC2 A 1 ? 103 ? P00524 145 ? 247 ? 147 249 
2 2 1KC2 B 1 ? 8   ? 1KC2   302 ? 309 ? 302 309 
# 
loop_
_struct_ref_seq_dif.align_id 
_struct_ref_seq_dif.pdbx_pdb_id_code 
_struct_ref_seq_dif.mon_id 
_struct_ref_seq_dif.pdbx_pdb_strand_id 
_struct_ref_seq_dif.seq_num 
_struct_ref_seq_dif.pdbx_pdb_ins_code 
_struct_ref_seq_dif.pdbx_seq_db_name 
_struct_ref_seq_dif.pdbx_seq_db_accession_code 
_struct_ref_seq_dif.db_mon_id 
_struct_ref_seq_dif.pdbx_seq_db_seq_num 
_struct_ref_seq_dif.details 
_struct_ref_seq_dif.pdbx_auth_seq_num 
_struct_ref_seq_dif.pdbx_ordinal 
1 1KC2 ALA A 46 ? UNP P00524 ASP 190 'engineered mutation' 192 1 
1 1KC2 ALA A 48 ? UNP P00524 ASP 192 'engineered mutation' 194 2 
1 1KC2 ALA A 56 ? UNP P00524 LYS 200 'engineered mutation' 202 3 
# 
_pdbx_struct_assembly.id                   1 
_pdbx_struct_assembly.details              author_and_software_defined_assembly 
_pdbx_struct_assembly.method_details       PISA 
_pdbx_struct_assembly.oligomeric_details   dimeric 
_pdbx_struct_assembly.oligomeric_count     2 
# 
loop_
_pdbx_struct_assembly_prop.biol_id 
_pdbx_struct_assembly_prop.type 
_pdbx_struct_assembly_prop.value 
_pdbx_struct_assembly_prop.details 
1 'ABSA (A^2)' 950  ? 
1 MORE         -7   ? 
1 'SSA (A^2)'  5980 ? 
# 
_pdbx_struct_assembly_gen.assembly_id       1 
_pdbx_struct_assembly_gen.oper_expression   1 
_pdbx_struct_assembly_gen.asym_id_list      A,B,C,D,E 
# 
_pdbx_struct_oper_list.id                   1 
_pdbx_struct_oper_list.type                 'identity operation' 
_pdbx_struct_oper_list.name                 1_555 
_pdbx_struct_oper_list.symmetry_operation   x,y,z 
_pdbx_struct_oper_list.matrix[1][1]         1.0000000000 
_pdbx_struct_oper_list.matrix[1][2]         0.0000000000 
_pdbx_struct_oper_list.matrix[1][3]         0.0000000000 
_pdbx_struct_oper_list.vector[1]            0.0000000000 
_pdbx_struct_oper_list.matrix[2][1]         0.0000000000 
_pdbx_struct_oper_list.matrix[2][2]         1.0000000000 
_pdbx_struct_oper_list.matrix[2][3]         0.0000000000 
_pdbx_struct_oper_list.vector[2]            0.0000000000 
_pdbx_struct_oper_list.matrix[3][1]         0.0000000000 
_pdbx_struct_oper_list.matrix[3][2]         0.0000000000 
_pdbx_struct_oper_list.matrix[3][3]         1.0000000000 
_pdbx_struct_oper_list.vector[3]            0.0000000000 
# 
_struct_biol.id                    1 
_struct_biol.pdbx_parent_biol_id   ? 
_struct_biol.details               ? 
# 
loop_
_struct_conf.conf_type_id 
_struct_conf.id 
_struct_conf.pdbx_PDB_helix_id 
_struct_conf.beg_label_comp_id 
_struct_conf.beg_label_asym_id 
_struct_conf.beg_label_seq_id 
_struct_conf.pdbx_beg_PDB_ins_code 
_struct_conf.end_label_comp_id 
_struct_conf.end_label_asym_id 
_struct_conf.end_label_seq_id 
_struct_conf.pdbx_end_PDB_ins_code 
_struct_conf.beg_auth_comp_id 
_struct_conf.beg_auth_asym_id 
_struct_conf.beg_auth_seq_id 
_struct_conf.end_auth_comp_id 
_struct_conf.end_auth_asym_id 
_struct_conf.end_auth_seq_id 
_struct_conf.pdbx_PDB_helix_class 
_struct_conf.details 
_struct_conf.pdbx_PDB_helix_length 
HELX_P HELX_P1 1 THR A 10 ? LEU A 19 ? THR A 156 LEU A 165 1 ? 10 
HELX_P HELX_P2 2 SER A 78 ? SER A 87 ? SER A 224 SER A 233 1 ? 10 
# 
_struct_conf_type.id          HELX_P 
_struct_conf_type.criteria    ? 
_struct_conf_type.reference   ? 
# 
loop_
_struct_conn.id 
_struct_conn.conn_type_id 
_struct_conn.pdbx_leaving_atom_flag 
_struct_conn.pdbx_PDB_id 
_struct_conn.ptnr1_label_asym_id 
_struct_conn.ptnr1_label_comp_id 
_struct_conn.ptnr1_label_seq_id 
_struct_conn.ptnr1_label_atom_id 
_struct_conn.pdbx_ptnr1_label_alt_id 
_struct_conn.pdbx_ptnr1_PDB_ins_code 
_struct_conn.pdbx_ptnr1_standard_comp_id 
_struct_conn.ptnr1_symmetry 
_struct_conn.ptnr2_label_asym_id 
_struct_conn.ptnr2_label_comp_id 
_struct_conn.ptnr2_label_seq_id 
_struct_conn.ptnr2_label_atom_id 
_struct_conn.pdbx_ptnr2_label_alt_id 
_struct_conn.pdbx_ptnr2_PDB_ins_code 
_struct_conn.ptnr1_auth_asym_id 
_struct_conn.ptnr1_auth_comp_id 
_struct_conn.ptnr1_auth_seq_id 
_struct_conn.ptnr2_auth_asym_id 
_struct_conn.ptnr2_auth_comp_id 
_struct_conn.ptnr2_auth_seq_id 
_struct_conn.ptnr2_symmetry 
_struct_conn.pdbx_ptnr3_label_atom_id 
_struct_conn.pdbx_ptnr3_label_seq_id 
_struct_conn.pdbx_ptnr3_label_comp_id 
_struct_conn.pdbx_ptnr3_label_asym_id 
_struct_conn.pdbx_ptnr3_label_alt_id 
_struct_conn.pdbx_ptnr3_PDB_ins_code 
_struct_conn.details 
_struct_conn.pdbx_dist_value 
_struct_conn.pdbx_value_order 
_struct_conn.pdbx_role 
covale1 covale both ? B GLN 2  C   ? ? ? 1_555 B PTR 3 N  ? ? B GLN 303 B PTR 304  1_555 ? ? ? ? ? ? ? 1.324 ? ? 
covale2 covale both ? B PTR 3  C   ? ? ? 1_555 B GLU 4 N  ? ? B PTR 304 B GLU 305  1_555 ? ? ? ? ? ? ? 1.329 ? ? 
metalc1 metalc ?    ? A HIS 89 NE2 ? ? ? 1_555 C CO  . CO ? ? A HIS 235 A CO  2000 1_555 ? ? ? ? ? ? ? 2.244 ? ? 
metalc2 metalc ?    ? A HIS 89 NE2 ? ? ? 4_555 C CO  . CO ? ? A HIS 235 A CO  2000 1_555 ? ? ? ? ? ? ? 2.229 ? ? 
metalc3 metalc ?    ? A HIS 89 NE2 ? ? ? 3_555 C CO  . CO ? ? A HIS 235 A CO  2000 1_555 ? ? ? ? ? ? ? 2.272 ? ? 
metalc4 metalc ?    ? A HIS 89 NE2 ? ? ? 2_555 C CO  . CO ? ? A HIS 235 A CO  2000 1_555 ? ? ? ? ? ? ? 2.257 ? ? 
# 
loop_
_struct_conn_type.id 
_struct_conn_type.criteria 
_struct_conn_type.reference 
covale ? ? 
metalc ? ? 
# 
loop_
_pdbx_struct_conn_angle.id 
_pdbx_struct_conn_angle.ptnr1_label_atom_id 
_pdbx_struct_conn_angle.ptnr1_label_alt_id 
_pdbx_struct_conn_angle.ptnr1_label_asym_id 
_pdbx_struct_conn_angle.ptnr1_label_comp_id 
_pdbx_struct_conn_angle.ptnr1_label_seq_id 
_pdbx_struct_conn_angle.ptnr1_auth_atom_id 
_pdbx_struct_conn_angle.ptnr1_auth_asym_id 
_pdbx_struct_conn_angle.ptnr1_auth_comp_id 
_pdbx_struct_conn_angle.ptnr1_auth_seq_id 
_pdbx_struct_conn_angle.ptnr1_PDB_ins_code 
_pdbx_struct_conn_angle.ptnr1_symmetry 
_pdbx_struct_conn_angle.ptnr2_label_atom_id 
_pdbx_struct_conn_angle.ptnr2_label_alt_id 
_pdbx_struct_conn_angle.ptnr2_label_asym_id 
_pdbx_struct_conn_angle.ptnr2_label_comp_id 
_pdbx_struct_conn_angle.ptnr2_label_seq_id 
_pdbx_struct_conn_angle.ptnr2_auth_atom_id 
_pdbx_struct_conn_angle.ptnr2_auth_asym_id 
_pdbx_struct_conn_angle.ptnr2_auth_comp_id 
_pdbx_struct_conn_angle.ptnr2_auth_seq_id 
_pdbx_struct_conn_angle.ptnr2_PDB_ins_code 
_pdbx_struct_conn_angle.ptnr2_symmetry 
_pdbx_struct_conn_angle.ptnr3_label_atom_id 
_pdbx_struct_conn_angle.ptnr3_label_alt_id 
_pdbx_struct_conn_angle.ptnr3_label_asym_id 
_pdbx_struct_conn_angle.ptnr3_label_comp_id 
_pdbx_struct_conn_angle.ptnr3_label_seq_id 
_pdbx_struct_conn_angle.ptnr3_auth_atom_id 
_pdbx_struct_conn_angle.ptnr3_auth_asym_id 
_pdbx_struct_conn_angle.ptnr3_auth_comp_id 
_pdbx_struct_conn_angle.ptnr3_auth_seq_id 
_pdbx_struct_conn_angle.ptnr3_PDB_ins_code 
_pdbx_struct_conn_angle.ptnr3_symmetry 
_pdbx_struct_conn_angle.value 
_pdbx_struct_conn_angle.value_esd 
1 NE2 ? A HIS 89 ? A HIS 235 ? 1_555 CO ? C CO . ? A CO 2000 ? 1_555 NE2 ? A HIS 89 ? A HIS 235 ? 4_555 90.3  ? 
2 NE2 ? A HIS 89 ? A HIS 235 ? 1_555 CO ? C CO . ? A CO 2000 ? 1_555 NE2 ? A HIS 89 ? A HIS 235 ? 3_555 89.2  ? 
3 NE2 ? A HIS 89 ? A HIS 235 ? 4_555 CO ? C CO . ? A CO 2000 ? 1_555 NE2 ? A HIS 89 ? A HIS 235 ? 3_555 170.5 ? 
4 NE2 ? A HIS 89 ? A HIS 235 ? 1_555 CO ? C CO . ? A CO 2000 ? 1_555 NE2 ? A HIS 89 ? A HIS 235 ? 2_555 170.4 ? 
5 NE2 ? A HIS 89 ? A HIS 235 ? 4_555 CO ? C CO . ? A CO 2000 ? 1_555 NE2 ? A HIS 89 ? A HIS 235 ? 2_555 90.0  ? 
6 NE2 ? A HIS 89 ? A HIS 235 ? 3_555 CO ? C CO . ? A CO 2000 ? 1_555 NE2 ? A HIS 89 ? A HIS 235 ? 2_555 88.9  ? 
# 
_pdbx_modification_feature.ordinal                            1 
_pdbx_modification_feature.label_comp_id                      PTR 
_pdbx_modification_feature.label_asym_id                      B 
_pdbx_modification_feature.label_seq_id                       3 
_pdbx_modification_feature.label_alt_id                       ? 
_pdbx_modification_feature.modified_residue_label_comp_id     . 
_pdbx_modification_feature.modified_residue_label_asym_id     . 
_pdbx_modification_feature.modified_residue_label_seq_id      . 
_pdbx_modification_feature.modified_residue_label_alt_id      . 
_pdbx_modification_feature.auth_comp_id                       PTR 
_pdbx_modification_feature.auth_asym_id                       B 
_pdbx_modification_feature.auth_seq_id                        304 
_pdbx_modification_feature.PDB_ins_code                       ? 
_pdbx_modification_feature.symmetry                           1_555 
_pdbx_modification_feature.modified_residue_auth_comp_id      . 
_pdbx_modification_feature.modified_residue_auth_asym_id      . 
_pdbx_modification_feature.modified_residue_auth_seq_id       . 
_pdbx_modification_feature.modified_residue_PDB_ins_code      . 
_pdbx_modification_feature.modified_residue_symmetry          . 
_pdbx_modification_feature.comp_id_linking_atom               . 
_pdbx_modification_feature.modified_residue_id_linking_atom   . 
_pdbx_modification_feature.modified_residue_id                TYR 
_pdbx_modification_feature.ref_pcm_id                         1 
_pdbx_modification_feature.ref_comp_id                        PTR 
_pdbx_modification_feature.type                               Phosphorylation 
_pdbx_modification_feature.category                           'Named protein modification' 
# 
loop_
_struct_sheet.id 
_struct_sheet.type 
_struct_sheet.number_strands 
_struct_sheet.details 
A ? 6 ? 
B ? 6 ? 
# 
loop_
_struct_sheet_order.sheet_id 
_struct_sheet_order.range_id_1 
_struct_sheet_order.range_id_2 
_struct_sheet_order.offset 
_struct_sheet_order.sense 
A 1 2 ? anti-parallel 
A 2 3 ? anti-parallel 
A 3 4 ? anti-parallel 
A 4 5 ? anti-parallel 
A 5 6 ? parallel      
B 1 2 ? anti-parallel 
B 2 3 ? anti-parallel 
B 3 4 ? anti-parallel 
B 4 5 ? anti-parallel 
B 5 6 ? parallel      
# 
loop_
_struct_sheet_range.sheet_id 
_struct_sheet_range.id 
_struct_sheet_range.beg_label_comp_id 
_struct_sheet_range.beg_label_asym_id 
_struct_sheet_range.beg_label_seq_id 
_struct_sheet_range.pdbx_beg_PDB_ins_code 
_struct_sheet_range.end_label_comp_id 
_struct_sheet_range.end_label_asym_id 
_struct_sheet_range.end_label_seq_id 
_struct_sheet_range.pdbx_end_PDB_ins_code 
_struct_sheet_range.beg_auth_comp_id 
_struct_sheet_range.beg_auth_asym_id 
_struct_sheet_range.beg_auth_seq_id 
_struct_sheet_range.end_auth_comp_id 
_struct_sheet_range.end_auth_asym_id 
_struct_sheet_range.end_auth_seq_id 
A 1 THR A 74 ? PHE A 76  ? THR A 220 PHE A 222 
A 2 PHE A 68 ? THR A 71  ? PHE A 214 THR A 217 
A 3 ALA A 56 ? LYS A 62  ? ALA A 202 LYS A 208 
A 4 TYR A 40 ? VAL A 44  ? TYR A 186 VAL A 190 
A 5 THR A 27 ? GLU A 32  ? THR A 173 GLU A 178 
A 6 TYR A 5  ? GLY A 7   ? TYR A 151 GLY A 153 
B 1 THR A 74 ? PHE A 76  ? THR A 220 PHE A 222 
B 2 PHE A 68 ? THR A 71  ? PHE A 214 THR A 217 
B 3 ALA A 56 ? LYS A 62  ? ALA A 202 LYS A 208 
B 4 TYR A 40 ? VAL A 44  ? TYR A 186 VAL A 190 
B 5 THR A 27 ? GLU A 32  ? THR A 173 GLU A 178 
B 6 ASN A 99 ? VAL A 100 ? ASN A 245 VAL A 246 
# 
loop_
_pdbx_struct_sheet_hbond.sheet_id 
_pdbx_struct_sheet_hbond.range_id_1 
_pdbx_struct_sheet_hbond.range_id_2 
_pdbx_struct_sheet_hbond.range_1_label_atom_id 
_pdbx_struct_sheet_hbond.range_1_label_comp_id 
_pdbx_struct_sheet_hbond.range_1_label_asym_id 
_pdbx_struct_sheet_hbond.range_1_label_seq_id 
_pdbx_struct_sheet_hbond.range_1_PDB_ins_code 
_pdbx_struct_sheet_hbond.range_1_auth_atom_id 
_pdbx_struct_sheet_hbond.range_1_auth_comp_id 
_pdbx_struct_sheet_hbond.range_1_auth_asym_id 
_pdbx_struct_sheet_hbond.range_1_auth_seq_id 
_pdbx_struct_sheet_hbond.range_2_label_atom_id 
_pdbx_struct_sheet_hbond.range_2_label_comp_id 
_pdbx_struct_sheet_hbond.range_2_label_asym_id 
_pdbx_struct_sheet_hbond.range_2_label_seq_id 
_pdbx_struct_sheet_hbond.range_2_PDB_ins_code 
_pdbx_struct_sheet_hbond.range_2_auth_atom_id 
_pdbx_struct_sheet_hbond.range_2_auth_comp_id 
_pdbx_struct_sheet_hbond.range_2_auth_asym_id 
_pdbx_struct_sheet_hbond.range_2_auth_seq_id 
A 1 2 O PHE A 76 ? O PHE A 222 N PHE A 68 ? N PHE A 214 
A 2 3 O TYR A 69 ? O TYR A 215 N ARG A 61 ? N ARG A 207 
A 3 4 O ALA A 56 ? O ALA A 202 N VAL A 44 ? N VAL A 190 
A 4 5 O SER A 43 ? O SER A 189 N LEU A 29 ? N LEU A 175 
A 5 6 O GLU A 32 ? O GLU A 178 N GLY A 7  ? N GLY A 153 
B 1 2 O PHE A 76 ? O PHE A 222 N PHE A 68 ? N PHE A 214 
B 2 3 O TYR A 69 ? O TYR A 215 N ARG A 61 ? N ARG A 207 
B 3 4 O ALA A 56 ? O ALA A 202 N VAL A 44 ? N VAL A 190 
B 4 5 O SER A 43 ? O SER A 189 N LEU A 29 ? N LEU A 175 
B 5 6 N PHE A 28 ? N PHE A 174 O ASN A 99 ? O ASN A 245 
# 
_struct_site.id                   AC1 
_struct_site.pdbx_evidence_code   Software 
_struct_site.pdbx_auth_asym_id    A 
_struct_site.pdbx_auth_comp_id    CO 
_struct_site.pdbx_auth_seq_id     2000 
_struct_site.pdbx_auth_ins_code   ? 
_struct_site.pdbx_num_residues    4 
_struct_site.details              'BINDING SITE FOR RESIDUE CO A 2000' 
# 
loop_
_struct_site_gen.id 
_struct_site_gen.site_id 
_struct_site_gen.pdbx_num_res 
_struct_site_gen.label_comp_id 
_struct_site_gen.label_asym_id 
_struct_site_gen.label_seq_id 
_struct_site_gen.pdbx_auth_ins_code 
_struct_site_gen.auth_comp_id 
_struct_site_gen.auth_asym_id 
_struct_site_gen.auth_seq_id 
_struct_site_gen.label_atom_id 
_struct_site_gen.label_alt_id 
_struct_site_gen.symmetry 
_struct_site_gen.details 
1 AC1 4 HIS A 89 ? HIS A 235 . ? 1_555 ? 
2 AC1 4 HIS A 89 ? HIS A 235 . ? 3_555 ? 
3 AC1 4 HIS A 89 ? HIS A 235 . ? 2_555 ? 
4 AC1 4 HIS A 89 ? HIS A 235 . ? 4_555 ? 
# 
_pdbx_entry_details.entry_id                   1KC2 
_pdbx_entry_details.compound_details           ? 
_pdbx_entry_details.source_details             ? 
_pdbx_entry_details.nonpolymer_details         ? 
_pdbx_entry_details.sequence_details           ? 
_pdbx_entry_details.has_ligand_of_interest     ? 
_pdbx_entry_details.has_protein_modification   Y 
# 
_pdbx_validate_symm_contact.id                1 
_pdbx_validate_symm_contact.PDB_model_num     1 
_pdbx_validate_symm_contact.auth_atom_id_1    O 
_pdbx_validate_symm_contact.auth_asym_id_1    A 
_pdbx_validate_symm_contact.auth_comp_id_1    HOH 
_pdbx_validate_symm_contact.auth_seq_id_1     1016 
_pdbx_validate_symm_contact.PDB_ins_code_1    ? 
_pdbx_validate_symm_contact.label_alt_id_1    ? 
_pdbx_validate_symm_contact.site_symmetry_1   1_555 
_pdbx_validate_symm_contact.auth_atom_id_2    O 
_pdbx_validate_symm_contact.auth_asym_id_2    A 
_pdbx_validate_symm_contact.auth_comp_id_2    HOH 
_pdbx_validate_symm_contact.auth_seq_id_2     1016 
_pdbx_validate_symm_contact.PDB_ins_code_2    ? 
_pdbx_validate_symm_contact.label_alt_id_2    ? 
_pdbx_validate_symm_contact.site_symmetry_2   8_556 
_pdbx_validate_symm_contact.dist              1.30 
# 
loop_
_pdbx_validate_torsion.id 
_pdbx_validate_torsion.PDB_model_num 
_pdbx_validate_torsion.auth_comp_id 
_pdbx_validate_torsion.auth_asym_id 
_pdbx_validate_torsion.auth_seq_id 
_pdbx_validate_torsion.PDB_ins_code 
_pdbx_validate_torsion.label_alt_id 
_pdbx_validate_torsion.phi 
_pdbx_validate_torsion.psi 
1 1 TYR A 186 ? ? -113.33 -167.73 
2 1 ASP A 237 ? ? 36.87   62.09   
# 
_pdbx_struct_mod_residue.id               1 
_pdbx_struct_mod_residue.label_asym_id    B 
_pdbx_struct_mod_residue.label_comp_id    PTR 
_pdbx_struct_mod_residue.label_seq_id     3 
_pdbx_struct_mod_residue.auth_asym_id     B 
_pdbx_struct_mod_residue.auth_comp_id     PTR 
_pdbx_struct_mod_residue.auth_seq_id      304 
_pdbx_struct_mod_residue.PDB_ins_code     ? 
_pdbx_struct_mod_residue.parent_comp_id   TYR 
_pdbx_struct_mod_residue.details          O-PHOSPHOTYROSINE 
# 
_pdbx_struct_special_symmetry.id              1 
_pdbx_struct_special_symmetry.PDB_model_num   1 
_pdbx_struct_special_symmetry.auth_asym_id    A 
_pdbx_struct_special_symmetry.auth_comp_id    CO 
_pdbx_struct_special_symmetry.auth_seq_id     2000 
_pdbx_struct_special_symmetry.PDB_ins_code    ? 
_pdbx_struct_special_symmetry.label_asym_id   C 
_pdbx_struct_special_symmetry.label_comp_id   CO 
_pdbx_struct_special_symmetry.label_seq_id    . 
# 
loop_
_pdbx_unobs_or_zero_occ_residues.id 
_pdbx_unobs_or_zero_occ_residues.PDB_model_num 
_pdbx_unobs_or_zero_occ_residues.polymer_flag 
_pdbx_unobs_or_zero_occ_residues.occupancy_flag 
_pdbx_unobs_or_zero_occ_residues.auth_asym_id 
_pdbx_unobs_or_zero_occ_residues.auth_comp_id 
_pdbx_unobs_or_zero_occ_residues.auth_seq_id 
_pdbx_unobs_or_zero_occ_residues.PDB_ins_code 
_pdbx_unobs_or_zero_occ_residues.label_asym_id 
_pdbx_unobs_or_zero_occ_residues.label_comp_id 
_pdbx_unobs_or_zero_occ_residues.label_seq_id 
1 1 Y 1 A ALA 192 ? A ALA 46 
2 1 Y 1 A PHE 193 ? A PHE 47 
3 1 Y 1 A ALA 194 ? A ALA 48 
4 1 Y 1 A ASN 195 ? A ASN 49 
5 1 Y 1 A ALA 196 ? A ALA 50 
6 1 Y 1 A LYS 197 ? A LYS 51 
7 1 Y 1 A GLY 198 ? A GLY 52 
# 
loop_
_chem_comp_atom.comp_id 
_chem_comp_atom.atom_id 
_chem_comp_atom.type_symbol 
_chem_comp_atom.pdbx_aromatic_flag 
_chem_comp_atom.pdbx_stereo_config 
_chem_comp_atom.pdbx_ordinal 
ALA N    N  N N 1   
ALA CA   C  N S 2   
ALA C    C  N N 3   
ALA O    O  N N 4   
ALA CB   C  N N 5   
ALA OXT  O  N N 6   
ALA H    H  N N 7   
ALA H2   H  N N 8   
ALA HA   H  N N 9   
ALA HB1  H  N N 10  
ALA HB2  H  N N 11  
ALA HB3  H  N N 12  
ALA HXT  H  N N 13  
ARG N    N  N N 14  
ARG CA   C  N S 15  
ARG C    C  N N 16  
ARG O    O  N N 17  
ARG CB   C  N N 18  
ARG CG   C  N N 19  
ARG CD   C  N N 20  
ARG NE   N  N N 21  
ARG CZ   C  N N 22  
ARG NH1  N  N N 23  
ARG NH2  N  N N 24  
ARG OXT  O  N N 25  
ARG H    H  N N 26  
ARG H2   H  N N 27  
ARG HA   H  N N 28  
ARG HB2  H  N N 29  
ARG HB3  H  N N 30  
ARG HG2  H  N N 31  
ARG HG3  H  N N 32  
ARG HD2  H  N N 33  
ARG HD3  H  N N 34  
ARG HE   H  N N 35  
ARG HH11 H  N N 36  
ARG HH12 H  N N 37  
ARG HH21 H  N N 38  
ARG HH22 H  N N 39  
ARG HXT  H  N N 40  
ASN N    N  N N 41  
ASN CA   C  N S 42  
ASN C    C  N N 43  
ASN O    O  N N 44  
ASN CB   C  N N 45  
ASN CG   C  N N 46  
ASN OD1  O  N N 47  
ASN ND2  N  N N 48  
ASN OXT  O  N N 49  
ASN H    H  N N 50  
ASN H2   H  N N 51  
ASN HA   H  N N 52  
ASN HB2  H  N N 53  
ASN HB3  H  N N 54  
ASN HD21 H  N N 55  
ASN HD22 H  N N 56  
ASN HXT  H  N N 57  
ASP N    N  N N 58  
ASP CA   C  N S 59  
ASP C    C  N N 60  
ASP O    O  N N 61  
ASP CB   C  N N 62  
ASP CG   C  N N 63  
ASP OD1  O  N N 64  
ASP OD2  O  N N 65  
ASP OXT  O  N N 66  
ASP H    H  N N 67  
ASP H2   H  N N 68  
ASP HA   H  N N 69  
ASP HB2  H  N N 70  
ASP HB3  H  N N 71  
ASP HD2  H  N N 72  
ASP HXT  H  N N 73  
CO  CO   CO N N 74  
CYS N    N  N N 75  
CYS CA   C  N R 76  
CYS C    C  N N 77  
CYS O    O  N N 78  
CYS CB   C  N N 79  
CYS SG   S  N N 80  
CYS OXT  O  N N 81  
CYS H    H  N N 82  
CYS H2   H  N N 83  
CYS HA   H  N N 84  
CYS HB2  H  N N 85  
CYS HB3  H  N N 86  
CYS HG   H  N N 87  
CYS HXT  H  N N 88  
GLN N    N  N N 89  
GLN CA   C  N S 90  
GLN C    C  N N 91  
GLN O    O  N N 92  
GLN CB   C  N N 93  
GLN CG   C  N N 94  
GLN CD   C  N N 95  
GLN OE1  O  N N 96  
GLN NE2  N  N N 97  
GLN OXT  O  N N 98  
GLN H    H  N N 99  
GLN H2   H  N N 100 
GLN HA   H  N N 101 
GLN HB2  H  N N 102 
GLN HB3  H  N N 103 
GLN HG2  H  N N 104 
GLN HG3  H  N N 105 
GLN HE21 H  N N 106 
GLN HE22 H  N N 107 
GLN HXT  H  N N 108 
GLU N    N  N N 109 
GLU CA   C  N S 110 
GLU C    C  N N 111 
GLU O    O  N N 112 
GLU CB   C  N N 113 
GLU CG   C  N N 114 
GLU CD   C  N N 115 
GLU OE1  O  N N 116 
GLU OE2  O  N N 117 
GLU OXT  O  N N 118 
GLU H    H  N N 119 
GLU H2   H  N N 120 
GLU HA   H  N N 121 
GLU HB2  H  N N 122 
GLU HB3  H  N N 123 
GLU HG2  H  N N 124 
GLU HG3  H  N N 125 
GLU HE2  H  N N 126 
GLU HXT  H  N N 127 
GLY N    N  N N 128 
GLY CA   C  N N 129 
GLY C    C  N N 130 
GLY O    O  N N 131 
GLY OXT  O  N N 132 
GLY H    H  N N 133 
GLY H2   H  N N 134 
GLY HA2  H  N N 135 
GLY HA3  H  N N 136 
GLY HXT  H  N N 137 
HIS N    N  N N 138 
HIS CA   C  N S 139 
HIS C    C  N N 140 
HIS O    O  N N 141 
HIS CB   C  N N 142 
HIS CG   C  Y N 143 
HIS ND1  N  Y N 144 
HIS CD2  C  Y N 145 
HIS CE1  C  Y N 146 
HIS NE2  N  Y N 147 
HIS OXT  O  N N 148 
HIS H    H  N N 149 
HIS H2   H  N N 150 
HIS HA   H  N N 151 
HIS HB2  H  N N 152 
HIS HB3  H  N N 153 
HIS HD1  H  N N 154 
HIS HD2  H  N N 155 
HIS HE1  H  N N 156 
HIS HE2  H  N N 157 
HIS HXT  H  N N 158 
HOH O    O  N N 159 
HOH H1   H  N N 160 
HOH H2   H  N N 161 
ILE N    N  N N 162 
ILE CA   C  N S 163 
ILE C    C  N N 164 
ILE O    O  N N 165 
ILE CB   C  N S 166 
ILE CG1  C  N N 167 
ILE CG2  C  N N 168 
ILE CD1  C  N N 169 
ILE OXT  O  N N 170 
ILE H    H  N N 171 
ILE H2   H  N N 172 
ILE HA   H  N N 173 
ILE HB   H  N N 174 
ILE HG12 H  N N 175 
ILE HG13 H  N N 176 
ILE HG21 H  N N 177 
ILE HG22 H  N N 178 
ILE HG23 H  N N 179 
ILE HD11 H  N N 180 
ILE HD12 H  N N 181 
ILE HD13 H  N N 182 
ILE HXT  H  N N 183 
LEU N    N  N N 184 
LEU CA   C  N S 185 
LEU C    C  N N 186 
LEU O    O  N N 187 
LEU CB   C  N N 188 
LEU CG   C  N N 189 
LEU CD1  C  N N 190 
LEU CD2  C  N N 191 
LEU OXT  O  N N 192 
LEU H    H  N N 193 
LEU H2   H  N N 194 
LEU HA   H  N N 195 
LEU HB2  H  N N 196 
LEU HB3  H  N N 197 
LEU HG   H  N N 198 
LEU HD11 H  N N 199 
LEU HD12 H  N N 200 
LEU HD13 H  N N 201 
LEU HD21 H  N N 202 
LEU HD22 H  N N 203 
LEU HD23 H  N N 204 
LEU HXT  H  N N 205 
LYS N    N  N N 206 
LYS CA   C  N S 207 
LYS C    C  N N 208 
LYS O    O  N N 209 
LYS CB   C  N N 210 
LYS CG   C  N N 211 
LYS CD   C  N N 212 
LYS CE   C  N N 213 
LYS NZ   N  N N 214 
LYS OXT  O  N N 215 
LYS H    H  N N 216 
LYS H2   H  N N 217 
LYS HA   H  N N 218 
LYS HB2  H  N N 219 
LYS HB3  H  N N 220 
LYS HG2  H  N N 221 
LYS HG3  H  N N 222 
LYS HD2  H  N N 223 
LYS HD3  H  N N 224 
LYS HE2  H  N N 225 
LYS HE3  H  N N 226 
LYS HZ1  H  N N 227 
LYS HZ2  H  N N 228 
LYS HZ3  H  N N 229 
LYS HXT  H  N N 230 
PHE N    N  N N 231 
PHE CA   C  N S 232 
PHE C    C  N N 233 
PHE O    O  N N 234 
PHE CB   C  N N 235 
PHE CG   C  Y N 236 
PHE CD1  C  Y N 237 
PHE CD2  C  Y N 238 
PHE CE1  C  Y N 239 
PHE CE2  C  Y N 240 
PHE CZ   C  Y N 241 
PHE OXT  O  N N 242 
PHE H    H  N N 243 
PHE H2   H  N N 244 
PHE HA   H  N N 245 
PHE HB2  H  N N 246 
PHE HB3  H  N N 247 
PHE HD1  H  N N 248 
PHE HD2  H  N N 249 
PHE HE1  H  N N 250 
PHE HE2  H  N N 251 
PHE HZ   H  N N 252 
PHE HXT  H  N N 253 
PRO N    N  N N 254 
PRO CA   C  N S 255 
PRO C    C  N N 256 
PRO O    O  N N 257 
PRO CB   C  N N 258 
PRO CG   C  N N 259 
PRO CD   C  N N 260 
PRO OXT  O  N N 261 
PRO H    H  N N 262 
PRO HA   H  N N 263 
PRO HB2  H  N N 264 
PRO HB3  H  N N 265 
PRO HG2  H  N N 266 
PRO HG3  H  N N 267 
PRO HD2  H  N N 268 
PRO HD3  H  N N 269 
PRO HXT  H  N N 270 
PTR N    N  N N 271 
PTR CA   C  N S 272 
PTR C    C  N N 273 
PTR O    O  N N 274 
PTR OXT  O  N N 275 
PTR CB   C  N N 276 
PTR CG   C  Y N 277 
PTR CD1  C  Y N 278 
PTR CD2  C  Y N 279 
PTR CE1  C  Y N 280 
PTR CE2  C  Y N 281 
PTR CZ   C  Y N 282 
PTR OH   O  N N 283 
PTR P    P  N N 284 
PTR O1P  O  N N 285 
PTR O2P  O  N N 286 
PTR O3P  O  N N 287 
PTR H    H  N N 288 
PTR H2   H  N N 289 
PTR HA   H  N N 290 
PTR HXT  H  N N 291 
PTR HB2  H  N N 292 
PTR HB3  H  N N 293 
PTR HD1  H  N N 294 
PTR HD2  H  N N 295 
PTR HE1  H  N N 296 
PTR HE2  H  N N 297 
PTR HO2P H  N N 298 
PTR HO3P H  N N 299 
SER N    N  N N 300 
SER CA   C  N S 301 
SER C    C  N N 302 
SER O    O  N N 303 
SER CB   C  N N 304 
SER OG   O  N N 305 
SER OXT  O  N N 306 
SER H    H  N N 307 
SER H2   H  N N 308 
SER HA   H  N N 309 
SER HB2  H  N N 310 
SER HB3  H  N N 311 
SER HG   H  N N 312 
SER HXT  H  N N 313 
THR N    N  N N 314 
THR CA   C  N S 315 
THR C    C  N N 316 
THR O    O  N N 317 
THR CB   C  N R 318 
THR OG1  O  N N 319 
THR CG2  C  N N 320 
THR OXT  O  N N 321 
THR H    H  N N 322 
THR H2   H  N N 323 
THR HA   H  N N 324 
THR HB   H  N N 325 
THR HG1  H  N N 326 
THR HG21 H  N N 327 
THR HG22 H  N N 328 
THR HG23 H  N N 329 
THR HXT  H  N N 330 
TRP N    N  N N 331 
TRP CA   C  N S 332 
TRP C    C  N N 333 
TRP O    O  N N 334 
TRP CB   C  N N 335 
TRP CG   C  Y N 336 
TRP CD1  C  Y N 337 
TRP CD2  C  Y N 338 
TRP NE1  N  Y N 339 
TRP CE2  C  Y N 340 
TRP CE3  C  Y N 341 
TRP CZ2  C  Y N 342 
TRP CZ3  C  Y N 343 
TRP CH2  C  Y N 344 
TRP OXT  O  N N 345 
TRP H    H  N N 346 
TRP H2   H  N N 347 
TRP HA   H  N N 348 
TRP HB2  H  N N 349 
TRP HB3  H  N N 350 
TRP HD1  H  N N 351 
TRP HE1  H  N N 352 
TRP HE3  H  N N 353 
TRP HZ2  H  N N 354 
TRP HZ3  H  N N 355 
TRP HH2  H  N N 356 
TRP HXT  H  N N 357 
TYR N    N  N N 358 
TYR CA   C  N S 359 
TYR C    C  N N 360 
TYR O    O  N N 361 
TYR CB   C  N N 362 
TYR CG   C  Y N 363 
TYR CD1  C  Y N 364 
TYR CD2  C  Y N 365 
TYR CE1  C  Y N 366 
TYR CE2  C  Y N 367 
TYR CZ   C  Y N 368 
TYR OH   O  N N 369 
TYR OXT  O  N N 370 
TYR H    H  N N 371 
TYR H2   H  N N 372 
TYR HA   H  N N 373 
TYR HB2  H  N N 374 
TYR HB3  H  N N 375 
TYR HD1  H  N N 376 
TYR HD2  H  N N 377 
TYR HE1  H  N N 378 
TYR HE2  H  N N 379 
TYR HH   H  N N 380 
TYR HXT  H  N N 381 
VAL N    N  N N 382 
VAL CA   C  N S 383 
VAL C    C  N N 384 
VAL O    O  N N 385 
VAL CB   C  N N 386 
VAL CG1  C  N N 387 
VAL CG2  C  N N 388 
VAL OXT  O  N N 389 
VAL H    H  N N 390 
VAL H2   H  N N 391 
VAL HA   H  N N 392 
VAL HB   H  N N 393 
VAL HG11 H  N N 394 
VAL HG12 H  N N 395 
VAL HG13 H  N N 396 
VAL HG21 H  N N 397 
VAL HG22 H  N N 398 
VAL HG23 H  N N 399 
VAL HXT  H  N N 400 
# 
loop_
_chem_comp_bond.comp_id 
_chem_comp_bond.atom_id_1 
_chem_comp_bond.atom_id_2 
_chem_comp_bond.value_order 
_chem_comp_bond.pdbx_aromatic_flag 
_chem_comp_bond.pdbx_stereo_config 
_chem_comp_bond.pdbx_ordinal 
ALA N   CA   sing N N 1   
ALA N   H    sing N N 2   
ALA N   H2   sing N N 3   
ALA CA  C    sing N N 4   
ALA CA  CB   sing N N 5   
ALA CA  HA   sing N N 6   
ALA C   O    doub N N 7   
ALA C   OXT  sing N N 8   
ALA CB  HB1  sing N N 9   
ALA CB  HB2  sing N N 10  
ALA CB  HB3  sing N N 11  
ALA OXT HXT  sing N N 12  
ARG N   CA   sing N N 13  
ARG N   H    sing N N 14  
ARG N   H2   sing N N 15  
ARG CA  C    sing N N 16  
ARG CA  CB   sing N N 17  
ARG CA  HA   sing N N 18  
ARG C   O    doub N N 19  
ARG C   OXT  sing N N 20  
ARG CB  CG   sing N N 21  
ARG CB  HB2  sing N N 22  
ARG CB  HB3  sing N N 23  
ARG CG  CD   sing N N 24  
ARG CG  HG2  sing N N 25  
ARG CG  HG3  sing N N 26  
ARG CD  NE   sing N N 27  
ARG CD  HD2  sing N N 28  
ARG CD  HD3  sing N N 29  
ARG NE  CZ   sing N N 30  
ARG NE  HE   sing N N 31  
ARG CZ  NH1  sing N N 32  
ARG CZ  NH2  doub N N 33  
ARG NH1 HH11 sing N N 34  
ARG NH1 HH12 sing N N 35  
ARG NH2 HH21 sing N N 36  
ARG NH2 HH22 sing N N 37  
ARG OXT HXT  sing N N 38  
ASN N   CA   sing N N 39  
ASN N   H    sing N N 40  
ASN N   H2   sing N N 41  
ASN CA  C    sing N N 42  
ASN CA  CB   sing N N 43  
ASN CA  HA   sing N N 44  
ASN C   O    doub N N 45  
ASN C   OXT  sing N N 46  
ASN CB  CG   sing N N 47  
ASN CB  HB2  sing N N 48  
ASN CB  HB3  sing N N 49  
ASN CG  OD1  doub N N 50  
ASN CG  ND2  sing N N 51  
ASN ND2 HD21 sing N N 52  
ASN ND2 HD22 sing N N 53  
ASN OXT HXT  sing N N 54  
ASP N   CA   sing N N 55  
ASP N   H    sing N N 56  
ASP N   H2   sing N N 57  
ASP CA  C    sing N N 58  
ASP CA  CB   sing N N 59  
ASP CA  HA   sing N N 60  
ASP C   O    doub N N 61  
ASP C   OXT  sing N N 62  
ASP CB  CG   sing N N 63  
ASP CB  HB2  sing N N 64  
ASP CB  HB3  sing N N 65  
ASP CG  OD1  doub N N 66  
ASP CG  OD2  sing N N 67  
ASP OD2 HD2  sing N N 68  
ASP OXT HXT  sing N N 69  
CYS N   CA   sing N N 70  
CYS N   H    sing N N 71  
CYS N   H2   sing N N 72  
CYS CA  C    sing N N 73  
CYS CA  CB   sing N N 74  
CYS CA  HA   sing N N 75  
CYS C   O    doub N N 76  
CYS C   OXT  sing N N 77  
CYS CB  SG   sing N N 78  
CYS CB  HB2  sing N N 79  
CYS CB  HB3  sing N N 80  
CYS SG  HG   sing N N 81  
CYS OXT HXT  sing N N 82  
GLN N   CA   sing N N 83  
GLN N   H    sing N N 84  
GLN N   H2   sing N N 85  
GLN CA  C    sing N N 86  
GLN CA  CB   sing N N 87  
GLN CA  HA   sing N N 88  
GLN C   O    doub N N 89  
GLN C   OXT  sing N N 90  
GLN CB  CG   sing N N 91  
GLN CB  HB2  sing N N 92  
GLN CB  HB3  sing N N 93  
GLN CG  CD   sing N N 94  
GLN CG  HG2  sing N N 95  
GLN CG  HG3  sing N N 96  
GLN CD  OE1  doub N N 97  
GLN CD  NE2  sing N N 98  
GLN NE2 HE21 sing N N 99  
GLN NE2 HE22 sing N N 100 
GLN OXT HXT  sing N N 101 
GLU N   CA   sing N N 102 
GLU N   H    sing N N 103 
GLU N   H2   sing N N 104 
GLU CA  C    sing N N 105 
GLU CA  CB   sing N N 106 
GLU CA  HA   sing N N 107 
GLU C   O    doub N N 108 
GLU C   OXT  sing N N 109 
GLU CB  CG   sing N N 110 
GLU CB  HB2  sing N N 111 
GLU CB  HB3  sing N N 112 
GLU CG  CD   sing N N 113 
GLU CG  HG2  sing N N 114 
GLU CG  HG3  sing N N 115 
GLU CD  OE1  doub N N 116 
GLU CD  OE2  sing N N 117 
GLU OE2 HE2  sing N N 118 
GLU OXT HXT  sing N N 119 
GLY N   CA   sing N N 120 
GLY N   H    sing N N 121 
GLY N   H2   sing N N 122 
GLY CA  C    sing N N 123 
GLY CA  HA2  sing N N 124 
GLY CA  HA3  sing N N 125 
GLY C   O    doub N N 126 
GLY C   OXT  sing N N 127 
GLY OXT HXT  sing N N 128 
HIS N   CA   sing N N 129 
HIS N   H    sing N N 130 
HIS N   H2   sing N N 131 
HIS CA  C    sing N N 132 
HIS CA  CB   sing N N 133 
HIS CA  HA   sing N N 134 
HIS C   O    doub N N 135 
HIS C   OXT  sing N N 136 
HIS CB  CG   sing N N 137 
HIS CB  HB2  sing N N 138 
HIS CB  HB3  sing N N 139 
HIS CG  ND1  sing Y N 140 
HIS CG  CD2  doub Y N 141 
HIS ND1 CE1  doub Y N 142 
HIS ND1 HD1  sing N N 143 
HIS CD2 NE2  sing Y N 144 
HIS CD2 HD2  sing N N 145 
HIS CE1 NE2  sing Y N 146 
HIS CE1 HE1  sing N N 147 
HIS NE2 HE2  sing N N 148 
HIS OXT HXT  sing N N 149 
HOH O   H1   sing N N 150 
HOH O   H2   sing N N 151 
ILE N   CA   sing N N 152 
ILE N   H    sing N N 153 
ILE N   H2   sing N N 154 
ILE CA  C    sing N N 155 
ILE CA  CB   sing N N 156 
ILE CA  HA   sing N N 157 
ILE C   O    doub N N 158 
ILE C   OXT  sing N N 159 
ILE CB  CG1  sing N N 160 
ILE CB  CG2  sing N N 161 
ILE CB  HB   sing N N 162 
ILE CG1 CD1  sing N N 163 
ILE CG1 HG12 sing N N 164 
ILE CG1 HG13 sing N N 165 
ILE CG2 HG21 sing N N 166 
ILE CG2 HG22 sing N N 167 
ILE CG2 HG23 sing N N 168 
ILE CD1 HD11 sing N N 169 
ILE CD1 HD12 sing N N 170 
ILE CD1 HD13 sing N N 171 
ILE OXT HXT  sing N N 172 
LEU N   CA   sing N N 173 
LEU N   H    sing N N 174 
LEU N   H2   sing N N 175 
LEU CA  C    sing N N 176 
LEU CA  CB   sing N N 177 
LEU CA  HA   sing N N 178 
LEU C   O    doub N N 179 
LEU C   OXT  sing N N 180 
LEU CB  CG   sing N N 181 
LEU CB  HB2  sing N N 182 
LEU CB  HB3  sing N N 183 
LEU CG  CD1  sing N N 184 
LEU CG  CD2  sing N N 185 
LEU CG  HG   sing N N 186 
LEU CD1 HD11 sing N N 187 
LEU CD1 HD12 sing N N 188 
LEU CD1 HD13 sing N N 189 
LEU CD2 HD21 sing N N 190 
LEU CD2 HD22 sing N N 191 
LEU CD2 HD23 sing N N 192 
LEU OXT HXT  sing N N 193 
LYS N   CA   sing N N 194 
LYS N   H    sing N N 195 
LYS N   H2   sing N N 196 
LYS CA  C    sing N N 197 
LYS CA  CB   sing N N 198 
LYS CA  HA   sing N N 199 
LYS C   O    doub N N 200 
LYS C   OXT  sing N N 201 
LYS CB  CG   sing N N 202 
LYS CB  HB2  sing N N 203 
LYS CB  HB3  sing N N 204 
LYS CG  CD   sing N N 205 
LYS CG  HG2  sing N N 206 
LYS CG  HG3  sing N N 207 
LYS CD  CE   sing N N 208 
LYS CD  HD2  sing N N 209 
LYS CD  HD3  sing N N 210 
LYS CE  NZ   sing N N 211 
LYS CE  HE2  sing N N 212 
LYS CE  HE3  sing N N 213 
LYS NZ  HZ1  sing N N 214 
LYS NZ  HZ2  sing N N 215 
LYS NZ  HZ3  sing N N 216 
LYS OXT HXT  sing N N 217 
PHE N   CA   sing N N 218 
PHE N   H    sing N N 219 
PHE N   H2   sing N N 220 
PHE CA  C    sing N N 221 
PHE CA  CB   sing N N 222 
PHE CA  HA   sing N N 223 
PHE C   O    doub N N 224 
PHE C   OXT  sing N N 225 
PHE CB  CG   sing N N 226 
PHE CB  HB2  sing N N 227 
PHE CB  HB3  sing N N 228 
PHE CG  CD1  doub Y N 229 
PHE CG  CD2  sing Y N 230 
PHE CD1 CE1  sing Y N 231 
PHE CD1 HD1  sing N N 232 
PHE CD2 CE2  doub Y N 233 
PHE CD2 HD2  sing N N 234 
PHE CE1 CZ   doub Y N 235 
PHE CE1 HE1  sing N N 236 
PHE CE2 CZ   sing Y N 237 
PHE CE2 HE2  sing N N 238 
PHE CZ  HZ   sing N N 239 
PHE OXT HXT  sing N N 240 
PRO N   CA   sing N N 241 
PRO N   CD   sing N N 242 
PRO N   H    sing N N 243 
PRO CA  C    sing N N 244 
PRO CA  CB   sing N N 245 
PRO CA  HA   sing N N 246 
PRO C   O    doub N N 247 
PRO C   OXT  sing N N 248 
PRO CB  CG   sing N N 249 
PRO CB  HB2  sing N N 250 
PRO CB  HB3  sing N N 251 
PRO CG  CD   sing N N 252 
PRO CG  HG2  sing N N 253 
PRO CG  HG3  sing N N 254 
PRO CD  HD2  sing N N 255 
PRO CD  HD3  sing N N 256 
PRO OXT HXT  sing N N 257 
PTR N   CA   sing N N 258 
PTR N   H    sing N N 259 
PTR N   H2   sing N N 260 
PTR CA  C    sing N N 261 
PTR CA  CB   sing N N 262 
PTR CA  HA   sing N N 263 
PTR C   O    doub N N 264 
PTR C   OXT  sing N N 265 
PTR OXT HXT  sing N N 266 
PTR CB  CG   sing N N 267 
PTR CB  HB2  sing N N 268 
PTR CB  HB3  sing N N 269 
PTR CG  CD1  doub Y N 270 
PTR CG  CD2  sing Y N 271 
PTR CD1 CE1  sing Y N 272 
PTR CD1 HD1  sing N N 273 
PTR CD2 CE2  doub Y N 274 
PTR CD2 HD2  sing N N 275 
PTR CE1 CZ   doub Y N 276 
PTR CE1 HE1  sing N N 277 
PTR CE2 CZ   sing Y N 278 
PTR CE2 HE2  sing N N 279 
PTR CZ  OH   sing N N 280 
PTR OH  P    sing N N 281 
PTR P   O1P  doub N N 282 
PTR P   O2P  sing N N 283 
PTR P   O3P  sing N N 284 
PTR O2P HO2P sing N N 285 
PTR O3P HO3P sing N N 286 
SER N   CA   sing N N 287 
SER N   H    sing N N 288 
SER N   H2   sing N N 289 
SER CA  C    sing N N 290 
SER CA  CB   sing N N 291 
SER CA  HA   sing N N 292 
SER C   O    doub N N 293 
SER C   OXT  sing N N 294 
SER CB  OG   sing N N 295 
SER CB  HB2  sing N N 296 
SER CB  HB3  sing N N 297 
SER OG  HG   sing N N 298 
SER OXT HXT  sing N N 299 
THR N   CA   sing N N 300 
THR N   H    sing N N 301 
THR N   H2   sing N N 302 
THR CA  C    sing N N 303 
THR CA  CB   sing N N 304 
THR CA  HA   sing N N 305 
THR C   O    doub N N 306 
THR C   OXT  sing N N 307 
THR CB  OG1  sing N N 308 
THR CB  CG2  sing N N 309 
THR CB  HB   sing N N 310 
THR OG1 HG1  sing N N 311 
THR CG2 HG21 sing N N 312 
THR CG2 HG22 sing N N 313 
THR CG2 HG23 sing N N 314 
THR OXT HXT  sing N N 315 
TRP N   CA   sing N N 316 
TRP N   H    sing N N 317 
TRP N   H2   sing N N 318 
TRP CA  C    sing N N 319 
TRP CA  CB   sing N N 320 
TRP CA  HA   sing N N 321 
TRP C   O    doub N N 322 
TRP C   OXT  sing N N 323 
TRP CB  CG   sing N N 324 
TRP CB  HB2  sing N N 325 
TRP CB  HB3  sing N N 326 
TRP CG  CD1  doub Y N 327 
TRP CG  CD2  sing Y N 328 
TRP CD1 NE1  sing Y N 329 
TRP CD1 HD1  sing N N 330 
TRP CD2 CE2  doub Y N 331 
TRP CD2 CE3  sing Y N 332 
TRP NE1 CE2  sing Y N 333 
TRP NE1 HE1  sing N N 334 
TRP CE2 CZ2  sing Y N 335 
TRP CE3 CZ3  doub Y N 336 
TRP CE3 HE3  sing N N 337 
TRP CZ2 CH2  doub Y N 338 
TRP CZ2 HZ2  sing N N 339 
TRP CZ3 CH2  sing Y N 340 
TRP CZ3 HZ3  sing N N 341 
TRP CH2 HH2  sing N N 342 
TRP OXT HXT  sing N N 343 
TYR N   CA   sing N N 344 
TYR N   H    sing N N 345 
TYR N   H2   sing N N 346 
TYR CA  C    sing N N 347 
TYR CA  CB   sing N N 348 
TYR CA  HA   sing N N 349 
TYR C   O    doub N N 350 
TYR C   OXT  sing N N 351 
TYR CB  CG   sing N N 352 
TYR CB  HB2  sing N N 353 
TYR CB  HB3  sing N N 354 
TYR CG  CD1  doub Y N 355 
TYR CG  CD2  sing Y N 356 
TYR CD1 CE1  sing Y N 357 
TYR CD1 HD1  sing N N 358 
TYR CD2 CE2  doub Y N 359 
TYR CD2 HD2  sing N N 360 
TYR CE1 CZ   doub Y N 361 
TYR CE1 HE1  sing N N 362 
TYR CE2 CZ   sing Y N 363 
TYR CE2 HE2  sing N N 364 
TYR CZ  OH   sing N N 365 
TYR OH  HH   sing N N 366 
TYR OXT HXT  sing N N 367 
VAL N   CA   sing N N 368 
VAL N   H    sing N N 369 
VAL N   H2   sing N N 370 
VAL CA  C    sing N N 371 
VAL CA  CB   sing N N 372 
VAL CA  HA   sing N N 373 
VAL C   O    doub N N 374 
VAL C   OXT  sing N N 375 
VAL CB  CG1  sing N N 376 
VAL CB  CG2  sing N N 377 
VAL CB  HB   sing N N 378 
VAL CG1 HG11 sing N N 379 
VAL CG1 HG12 sing N N 380 
VAL CG1 HG13 sing N N 381 
VAL CG2 HG21 sing N N 382 
VAL CG2 HG22 sing N N 383 
VAL CG2 HG23 sing N N 384 
VAL OXT HXT  sing N N 385 
# 
_atom_sites.entry_id                    1KC2 
_atom_sites.fract_transf_matrix[1][1]   -0.01181708 
_atom_sites.fract_transf_matrix[1][2]   0.01069593 
_atom_sites.fract_transf_matrix[1][3]   -0.00154979 
_atom_sites.fract_transf_matrix[2][1]   0.01078968 
_atom_sites.fract_transf_matrix[2][2]   0.01154323 
_atom_sites.fract_transf_matrix[2][3]   -0.00260479 
_atom_sites.fract_transf_matrix[3][1]   -0.00029087 
_atom_sites.fract_transf_matrix[3][2]   -0.00138573 
_atom_sites.fract_transf_matrix[3][3]   -0.00734578 
_atom_sites.fract_transf_vector[1]      -0.218512 
_atom_sites.fract_transf_vector[2]      0.206303 
_atom_sites.fract_transf_vector[3]      0.379568 
# 
loop_
_atom_type.symbol 
C  
CO 
N  
O  
P  
S  
# 
loop_
_atom_site.group_PDB 
_atom_site.id 
_atom_site.type_symbol 
_atom_site.label_atom_id 
_atom_site.label_alt_id 
_atom_site.label_comp_id 
_atom_site.label_asym_id 
_atom_site.label_entity_id 
_atom_site.label_seq_id 
_atom_site.pdbx_PDB_ins_code 
_atom_site.Cartn_x 
_atom_site.Cartn_y 
_atom_site.Cartn_z 
_atom_site.occupancy 
_atom_site.B_iso_or_equiv 
_atom_site.pdbx_formal_charge 
_atom_site.auth_seq_id 
_atom_site.auth_comp_id 
_atom_site.auth_asym_id 
_atom_site.auth_atom_id 
_atom_site.pdbx_PDB_model_num 
ATOM   1   N  N   . ALA A 1 1   ? 0.553   11.965  -7.858  1.00 45.54 ? 147  ALA A N   1 
ATOM   2   C  CA  . ALA A 1 1   ? 1.198   10.622  -7.946  1.00 47.12 ? 147  ALA A CA  1 
ATOM   3   C  C   . ALA A 1 1   ? 2.309   10.507  -6.910  1.00 49.79 ? 147  ALA A C   1 
ATOM   4   O  O   . ALA A 1 1   ? 2.862   9.424   -6.683  1.00 51.90 ? 147  ALA A O   1 
ATOM   5   C  CB  . ALA A 1 1   ? 1.770   10.415  -9.343  1.00 44.71 ? 147  ALA A CB  1 
ATOM   6   N  N   . GLU A 1 2   ? 2.632   11.635  -6.286  1.00 49.77 ? 148  GLU A N   1 
ATOM   7   C  CA  . GLU A 1 2   ? 3.690   11.685  -5.293  1.00 50.03 ? 148  GLU A CA  1 
ATOM   8   C  C   . GLU A 1 2   ? 3.160   11.762  -3.862  1.00 46.14 ? 148  GLU A C   1 
ATOM   9   O  O   . GLU A 1 2   ? 3.759   11.190  -2.961  1.00 45.88 ? 148  GLU A O   1 
ATOM   10  C  CB  . GLU A 1 2   ? 4.599   12.894  -5.557  1.00 52.39 ? 148  GLU A CB  1 
ATOM   11  C  CG  . GLU A 1 2   ? 5.238   12.949  -6.937  1.00 59.17 ? 148  GLU A CG  1 
ATOM   12  C  CD  . GLU A 1 2   ? 6.248   11.841  -7.165  1.00 63.53 ? 148  GLU A CD  1 
ATOM   13  O  OE1 . GLU A 1 2   ? 6.978   11.499  -6.210  1.00 66.74 ? 148  GLU A OE1 1 
ATOM   14  O  OE2 . GLU A 1 2   ? 6.321   11.320  -8.298  1.00 65.70 ? 148  GLU A OE2 1 
ATOM   15  N  N   . GLU A 1 3   ? 2.040   12.464  -3.664  1.00 44.87 ? 149  GLU A N   1 
ATOM   16  C  CA  . GLU A 1 3   ? 1.412   12.660  -2.340  1.00 44.47 ? 149  GLU A CA  1 
ATOM   17  C  C   . GLU A 1 3   ? 1.420   11.480  -1.359  1.00 41.82 ? 149  GLU A C   1 
ATOM   18  O  O   . GLU A 1 3   ? 1.900   11.598  -0.225  1.00 40.28 ? 149  GLU A O   1 
ATOM   19  C  CB  . GLU A 1 3   ? -0.033  13.126  -2.517  1.00 49.99 ? 149  GLU A CB  1 
ATOM   20  C  CG  . GLU A 1 3   ? -0.197  14.618  -2.726  1.00 57.40 ? 149  GLU A CG  1 
ATOM   21  C  CD  . GLU A 1 3   ? 0.057   15.411  -1.459  1.00 62.81 ? 149  GLU A CD  1 
ATOM   22  O  OE1 . GLU A 1 3   ? -0.654  15.172  -0.455  1.00 65.25 ? 149  GLU A OE1 1 
ATOM   23  O  OE2 . GLU A 1 3   ? 0.968   16.269  -1.465  1.00 65.52 ? 149  GLU A OE2 1 
ATOM   24  N  N   . TRP A 1 4   ? 0.894   10.344  -1.809  1.00 37.06 ? 150  TRP A N   1 
ATOM   25  C  CA  . TRP A 1 4   ? 0.835   9.140   -0.992  1.00 34.28 ? 150  TRP A CA  1 
ATOM   26  C  C   . TRP A 1 4   ? 2.127   8.332   -1.054  1.00 34.13 ? 150  TRP A C   1 
ATOM   27  O  O   . TRP A 1 4   ? 2.279   7.355   -0.325  1.00 35.27 ? 150  TRP A O   1 
ATOM   28  C  CB  . TRP A 1 4   ? -0.343  8.262   -1.434  1.00 31.56 ? 150  TRP A CB  1 
ATOM   29  C  CG  . TRP A 1 4   ? -0.534  8.209   -2.932  1.00 27.88 ? 150  TRP A CG  1 
ATOM   30  C  CD1 . TRP A 1 4   ? -1.452  8.902   -3.658  1.00 26.99 ? 150  TRP A CD1 1 
ATOM   31  C  CD2 . TRP A 1 4   ? 0.225   7.445   -3.876  1.00 26.45 ? 150  TRP A CD2 1 
ATOM   32  N  NE1 . TRP A 1 4   ? -1.319  8.622   -4.993  1.00 23.97 ? 150  TRP A NE1 1 
ATOM   33  C  CE2 . TRP A 1 4   ? -0.292  7.723   -5.160  1.00 25.75 ? 150  TRP A CE2 1 
ATOM   34  C  CE3 . TRP A 1 4   ? 1.293   6.542   -3.765  1.00 27.92 ? 150  TRP A CE3 1 
ATOM   35  C  CZ2 . TRP A 1 4   ? 0.214   7.150   -6.327  1.00 25.43 ? 150  TRP A CZ2 1 
ATOM   36  C  CZ3 . TRP A 1 4   ? 1.807   5.963   -4.934  1.00 30.47 ? 150  TRP A CZ3 1 
ATOM   37  C  CH2 . TRP A 1 4   ? 1.260   6.273   -6.195  1.00 27.05 ? 150  TRP A CH2 1 
ATOM   38  N  N   . TYR A 1 5   ? 3.054   8.727   -1.926  1.00 34.47 ? 151  TYR A N   1 
ATOM   39  C  CA  . TYR A 1 5   ? 4.324   8.003   -2.043  1.00 37.81 ? 151  TYR A CA  1 
ATOM   40  C  C   . TYR A 1 5   ? 5.356   8.562   -1.061  1.00 38.37 ? 151  TYR A C   1 
ATOM   41  O  O   . TYR A 1 5   ? 5.838   9.679   -1.233  1.00 37.15 ? 151  TYR A O   1 
ATOM   42  C  CB  . TYR A 1 5   ? 4.881   8.097   -3.472  1.00 38.12 ? 151  TYR A CB  1 
ATOM   43  C  CG  . TYR A 1 5   ? 6.078   7.200   -3.684  1.00 38.19 ? 151  TYR A CG  1 
ATOM   44  C  CD1 . TYR A 1 5   ? 5.978   5.824   -3.486  1.00 39.21 ? 151  TYR A CD1 1 
ATOM   45  C  CD2 . TYR A 1 5   ? 7.330   7.731   -4.013  1.00 40.43 ? 151  TYR A CD2 1 
ATOM   46  C  CE1 . TYR A 1 5   ? 7.088   4.996   -3.600  1.00 41.13 ? 151  TYR A CE1 1 
ATOM   47  C  CE2 . TYR A 1 5   ? 8.451   6.908   -4.131  1.00 39.69 ? 151  TYR A CE2 1 
ATOM   48  C  CZ  . TYR A 1 5   ? 8.322   5.544   -3.922  1.00 41.52 ? 151  TYR A CZ  1 
ATOM   49  O  OH  . TYR A 1 5   ? 9.422   4.722   -4.022  1.00 41.85 ? 151  TYR A OH  1 
ATOM   50  N  N   . PHE A 1 6   ? 5.688   7.781   -0.038  1.00 39.90 ? 152  PHE A N   1 
ATOM   51  C  CA  . PHE A 1 6   ? 6.650   8.223   0.964   1.00 42.33 ? 152  PHE A CA  1 
ATOM   52  C  C   . PHE A 1 6   ? 8.047   7.694   0.721   1.00 43.42 ? 152  PHE A C   1 
ATOM   53  O  O   . PHE A 1 6   ? 8.940   7.870   1.544   1.00 43.83 ? 152  PHE A O   1 
ATOM   54  C  CB  . PHE A 1 6   ? 6.168   7.842   2.363   1.00 41.61 ? 152  PHE A CB  1 
ATOM   55  C  CG  . PHE A 1 6   ? 5.121   8.769   2.896   1.00 42.93 ? 152  PHE A CG  1 
ATOM   56  C  CD1 . PHE A 1 6   ? 3.947   9.001   2.177   1.00 42.10 ? 152  PHE A CD1 1 
ATOM   57  C  CD2 . PHE A 1 6   ? 5.326   9.460   4.086   1.00 41.73 ? 152  PHE A CD2 1 
ATOM   58  C  CE1 . PHE A 1 6   ? 2.992   9.914   2.637   1.00 43.62 ? 152  PHE A CE1 1 
ATOM   59  C  CE2 . PHE A 1 6   ? 4.379   10.374  4.555   1.00 41.63 ? 152  PHE A CE2 1 
ATOM   60  C  CZ  . PHE A 1 6   ? 3.209   10.602  3.827   1.00 42.31 ? 152  PHE A CZ  1 
ATOM   61  N  N   . GLY A 1 7   ? 8.214   7.042   -0.426  1.00 45.24 ? 153  GLY A N   1 
ATOM   62  C  CA  . GLY A 1 7   ? 9.497   6.497   -0.832  1.00 47.90 ? 153  GLY A CA  1 
ATOM   63  C  C   . GLY A 1 7   ? 10.200  5.568   0.133   1.00 50.22 ? 153  GLY A C   1 
ATOM   64  O  O   . GLY A 1 7   ? 9.599   4.634   0.671   1.00 49.49 ? 153  GLY A O   1 
ATOM   65  N  N   . LYS A 1 8   ? 11.479  5.849   0.368   1.00 51.51 ? 154  LYS A N   1 
ATOM   66  C  CA  . LYS A 1 8   ? 12.296  5.043   1.261   1.00 53.67 ? 154  LYS A CA  1 
ATOM   67  C  C   . LYS A 1 8   ? 12.055  5.376   2.730   1.00 54.45 ? 154  LYS A C   1 
ATOM   68  O  O   . LYS A 1 8   ? 12.851  6.063   3.372   1.00 56.46 ? 154  LYS A O   1 
ATOM   69  C  CB  . LYS A 1 8   ? 13.777  5.219   0.913   1.00 55.89 ? 154  LYS A CB  1 
ATOM   70  N  N   . ILE A 1 9   ? 10.928  4.908   3.247   1.00 53.57 ? 155  ILE A N   1 
ATOM   71  C  CA  . ILE A 1 9   ? 10.592  5.110   4.641   1.00 51.58 ? 155  ILE A CA  1 
ATOM   72  C  C   . ILE A 1 9   ? 10.541  3.704   5.204   1.00 51.80 ? 155  ILE A C   1 
ATOM   73  O  O   . ILE A 1 9   ? 10.214  2.751   4.490   1.00 52.92 ? 155  ILE A O   1 
ATOM   74  C  CB  . ILE A 1 9   ? 9.221   5.816   4.831   1.00 51.92 ? 155  ILE A CB  1 
ATOM   75  C  CG1 . ILE A 1 9   ? 8.945   6.002   6.327   1.00 53.41 ? 155  ILE A CG1 1 
ATOM   76  C  CG2 . ILE A 1 9   ? 8.100   5.013   4.180   1.00 49.89 ? 155  ILE A CG2 1 
ATOM   77  C  CD1 . ILE A 1 9   ? 7.606   6.649   6.637   1.00 53.36 ? 155  ILE A CD1 1 
ATOM   78  N  N   . THR A 1 10  ? 10.869  3.569   6.479   1.00 49.83 ? 156  THR A N   1 
ATOM   79  C  CA  . THR A 1 10  ? 10.866  2.265   7.104   1.00 48.06 ? 156  THR A CA  1 
ATOM   80  C  C   . THR A 1 10  ? 9.449   1.805   7.417   1.00 48.22 ? 156  THR A C   1 
ATOM   81  O  O   . THR A 1 10  ? 8.522   2.614   7.515   1.00 48.04 ? 156  THR A O   1 
ATOM   82  C  CB  . THR A 1 10  ? 11.689  2.286   8.404   1.00 48.17 ? 156  THR A CB  1 
ATOM   83  O  OG1 . THR A 1 10  ? 11.728  0.972   8.971   1.00 51.17 ? 156  THR A OG1 1 
ATOM   84  C  CG2 . THR A 1 10  ? 11.079  3.243   9.406   1.00 44.29 ? 156  THR A CG2 1 
ATOM   85  N  N   . ARG A 1 11  ? 9.304   0.497   7.587   1.00 46.78 ? 157  ARG A N   1 
ATOM   86  C  CA  . ARG A 1 11  ? 8.027   -0.122  7.915   1.00 47.78 ? 157  ARG A CA  1 
ATOM   87  C  C   . ARG A 1 11  ? 7.560   0.359   9.289   1.00 47.09 ? 157  ARG A C   1 
ATOM   88  O  O   . ARG A 1 11  ? 6.366   0.557   9.514   1.00 47.92 ? 157  ARG A O   1 
ATOM   89  C  CB  . ARG A 1 11  ? 8.190   -1.643  7.918   1.00 46.97 ? 157  ARG A CB  1 
ATOM   90  C  CG  . ARG A 1 11  ? 6.948   -2.428  8.282   1.00 50.07 ? 157  ARG A CG  1 
ATOM   91  C  CD  . ARG A 1 11  ? 7.328   -3.549  9.228   1.00 52.82 ? 157  ARG A CD  1 
ATOM   92  N  NE  . ARG A 1 11  ? 6.239   -4.473  9.516   1.00 55.32 ? 157  ARG A NE  1 
ATOM   93  C  CZ  . ARG A 1 11  ? 5.742   -5.341  8.641   1.00 56.74 ? 157  ARG A CZ  1 
ATOM   94  N  NH1 . ARG A 1 11  ? 6.233   -5.406  7.411   1.00 57.83 ? 157  ARG A NH1 1 
ATOM   95  N  NH2 . ARG A 1 11  ? 4.768   -6.160  9.006   1.00 57.50 ? 157  ARG A NH2 1 
ATOM   96  N  N   . ARG A 1 12  ? 8.524   0.564   10.190  1.00 45.76 ? 158  ARG A N   1 
ATOM   97  C  CA  . ARG A 1 12  ? 8.262   1.028   11.550  1.00 42.58 ? 158  ARG A CA  1 
ATOM   98  C  C   . ARG A 1 12  ? 7.756   2.464   11.556  1.00 40.60 ? 158  ARG A C   1 
ATOM   99  O  O   . ARG A 1 12  ? 6.839   2.807   12.306  1.00 40.18 ? 158  ARG A O   1 
ATOM   100 C  CB  . ARG A 1 12  ? 9.539   0.925   12.391  1.00 43.21 ? 158  ARG A CB  1 
ATOM   101 N  N   . GLU A 1 13  ? 8.347   3.297   10.705  1.00 40.67 ? 159  GLU A N   1 
ATOM   102 C  CA  . GLU A 1 13  ? 7.962   4.701   10.619  1.00 41.83 ? 159  GLU A CA  1 
ATOM   103 C  C   . GLU A 1 13  ? 6.640   4.910   9.878   1.00 41.62 ? 159  GLU A C   1 
ATOM   104 O  O   . GLU A 1 13  ? 5.912   5.861   10.166  1.00 41.82 ? 159  GLU A O   1 
ATOM   105 C  CB  . GLU A 1 13  ? 9.066   5.517   9.942   1.00 42.34 ? 159  GLU A CB  1 
ATOM   106 C  CG  . GLU A 1 13  ? 8.936   7.035   10.103  1.00 48.12 ? 159  GLU A CG  1 
ATOM   107 C  CD  . GLU A 1 13  ? 8.781   7.470   11.558  1.00 52.49 ? 159  GLU A CD  1 
ATOM   108 O  OE1 . GLU A 1 13  ? 9.318   6.772   12.449  1.00 54.08 ? 159  GLU A OE1 1 
ATOM   109 O  OE2 . GLU A 1 13  ? 8.129   8.514   11.807  1.00 54.95 ? 159  GLU A OE2 1 
ATOM   110 N  N   . SER A 1 14  ? 6.326   4.027   8.934   1.00 40.81 ? 160  SER A N   1 
ATOM   111 C  CA  . SER A 1 14  ? 5.070   4.144   8.188   1.00 41.87 ? 160  SER A CA  1 
ATOM   112 C  C   . SER A 1 14  ? 3.914   3.770   9.125   1.00 41.52 ? 160  SER A C   1 
ATOM   113 O  O   . SER A 1 14  ? 2.826   4.338   9.048   1.00 41.93 ? 160  SER A O   1 
ATOM   114 C  CB  . SER A 1 14  ? 5.078   3.236   6.942   1.00 38.82 ? 160  SER A CB  1 
ATOM   115 O  OG  . SER A 1 14  ? 5.077   1.858   7.282   1.00 40.77 ? 160  SER A OG  1 
ATOM   116 N  N   . GLU A 1 15  ? 4.176   2.834   10.036  1.00 42.08 ? 161  GLU A N   1 
ATOM   117 C  CA  . GLU A 1 15  ? 3.173   2.403   11.002  1.00 42.48 ? 161  GLU A CA  1 
ATOM   118 C  C   . GLU A 1 15  ? 2.951   3.491   12.033  1.00 41.91 ? 161  GLU A C   1 
ATOM   119 O  O   . GLU A 1 15  ? 1.825   3.753   12.453  1.00 39.80 ? 161  GLU A O   1 
ATOM   120 C  CB  . GLU A 1 15  ? 3.622   1.127   11.700  1.00 43.90 ? 161  GLU A CB  1 
ATOM   121 C  CG  . GLU A 1 15  ? 3.636   -0.064  10.784  1.00 48.24 ? 161  GLU A CG  1 
ATOM   122 C  CD  . GLU A 1 15  ? 3.729   -1.364  11.536  1.00 50.49 ? 161  GLU A CD  1 
ATOM   123 O  OE1 . GLU A 1 15  ? 2.988   -1.528  12.526  1.00 53.33 ? 161  GLU A OE1 1 
ATOM   124 O  OE2 . GLU A 1 15  ? 4.531   -2.225  11.130  1.00 52.99 ? 161  GLU A OE2 1 
ATOM   125 N  N   . ARG A 1 16  ? 4.043   4.149   12.399  1.00 42.50 ? 162  ARG A N   1 
ATOM   126 C  CA  . ARG A 1 16  ? 4.007   5.230   13.373  1.00 44.18 ? 162  ARG A CA  1 
ATOM   127 C  C   . ARG A 1 16  ? 3.209   6.443   12.858  1.00 41.88 ? 162  ARG A C   1 
ATOM   128 O  O   . ARG A 1 16  ? 2.475   7.084   13.614  1.00 42.68 ? 162  ARG A O   1 
ATOM   129 C  CB  . ARG A 1 16  ? 5.442   5.646   13.725  1.00 45.12 ? 162  ARG A CB  1 
ATOM   130 C  CG  . ARG A 1 16  ? 5.504   6.701   14.797  1.00 49.04 ? 162  ARG A CG  1 
ATOM   131 C  CD  . ARG A 1 16  ? 6.894   7.271   15.011  1.00 52.22 ? 162  ARG A CD  1 
ATOM   132 N  NE  . ARG A 1 16  ? 6.762   8.523   15.746  1.00 56.33 ? 162  ARG A NE  1 
ATOM   133 C  CZ  . ARG A 1 16  ? 6.284   9.643   15.213  1.00 56.63 ? 162  ARG A CZ  1 
ATOM   134 N  NH1 . ARG A 1 16  ? 5.913   9.668   13.942  1.00 56.97 ? 162  ARG A NH1 1 
ATOM   135 N  NH2 . ARG A 1 16  ? 6.129   10.723  15.965  1.00 59.61 ? 162  ARG A NH2 1 
ATOM   136 N  N   . LEU A 1 17  ? 3.340   6.738   11.568  1.00 39.88 ? 163  LEU A N   1 
ATOM   137 C  CA  . LEU A 1 17  ? 2.622   7.864   10.973  1.00 40.37 ? 163  LEU A CA  1 
ATOM   138 C  C   . LEU A 1 17  ? 1.153   7.534   10.695  1.00 40.26 ? 163  LEU A C   1 
ATOM   139 O  O   . LEU A 1 17  ? 0.265   8.362   10.924  1.00 39.87 ? 163  LEU A O   1 
ATOM   140 C  CB  . LEU A 1 17  ? 3.294   8.291   9.671   1.00 38.52 ? 163  LEU A CB  1 
ATOM   141 C  CG  . LEU A 1 17  ? 4.728   8.796   9.804   1.00 42.05 ? 163  LEU A CG  1 
ATOM   142 C  CD1 . LEU A 1 17  ? 5.280   9.171   8.440   1.00 40.78 ? 163  LEU A CD1 1 
ATOM   143 C  CD2 . LEU A 1 17  ? 4.749   9.998   10.740  1.00 40.87 ? 163  LEU A CD2 1 
ATOM   144 N  N   . LEU A 1 18  ? 0.908   6.315   10.218  1.00 39.40 ? 164  LEU A N   1 
ATOM   145 C  CA  . LEU A 1 18  ? -0.444  5.863   9.894   1.00 39.88 ? 164  LEU A CA  1 
ATOM   146 C  C   . LEU A 1 18  ? -1.298  5.687   11.140  1.00 41.67 ? 164  LEU A C   1 
ATOM   147 O  O   . LEU A 1 18  ? -2.493  5.990   11.136  1.00 42.07 ? 164  LEU A O   1 
ATOM   148 C  CB  . LEU A 1 18  ? -0.384  4.543   9.129   1.00 37.46 ? 164  LEU A CB  1 
ATOM   149 C  CG  . LEU A 1 18  ? 0.195   4.617   7.717   1.00 35.63 ? 164  LEU A CG  1 
ATOM   150 C  CD1 . LEU A 1 18  ? 0.423   3.213   7.197   1.00 35.80 ? 164  LEU A CD1 1 
ATOM   151 C  CD2 . LEU A 1 18  ? -0.754  5.386   6.811   1.00 36.04 ? 164  LEU A CD2 1 
ATOM   152 N  N   . LEU A 1 19  ? -0.666  5.231   12.218  1.00 41.84 ? 165  LEU A N   1 
ATOM   153 C  CA  . LEU A 1 19  ? -1.362  5.016   13.476  1.00 43.08 ? 165  LEU A CA  1 
ATOM   154 C  C   . LEU A 1 19  ? -1.718  6.287   14.220  1.00 42.85 ? 165  LEU A C   1 
ATOM   155 O  O   . LEU A 1 19  ? -2.248  6.226   15.324  1.00 43.62 ? 165  LEU A O   1 
ATOM   156 C  CB  . LEU A 1 19  ? -0.555  4.092   14.390  1.00 44.58 ? 165  LEU A CB  1 
ATOM   157 C  CG  . LEU A 1 19  ? -0.585  2.620   13.978  1.00 45.23 ? 165  LEU A CG  1 
ATOM   158 C  CD1 . LEU A 1 19  ? 0.305   1.799   14.894  1.00 48.77 ? 165  LEU A CD1 1 
ATOM   159 C  CD2 . LEU A 1 19  ? -2.018  2.117   14.031  1.00 47.24 ? 165  LEU A CD2 1 
ATOM   160 N  N   . ASN A 1 20  ? -1.440  7.444   13.620  1.00 43.87 ? 166  ASN A N   1 
ATOM   161 C  CA  . ASN A 1 20  ? -1.796  8.719   14.241  1.00 44.78 ? 166  ASN A CA  1 
ATOM   162 C  C   . ASN A 1 20  ? -3.322  8.692   14.432  1.00 48.31 ? 166  ASN A C   1 
ATOM   163 O  O   . ASN A 1 20  ? -4.074  8.378   13.494  1.00 47.67 ? 166  ASN A O   1 
ATOM   164 C  CB  . ASN A 1 20  ? -1.391  9.890   13.341  1.00 42.86 ? 166  ASN A CB  1 
ATOM   165 C  CG  . ASN A 1 20  ? -1.580  11.249  14.017  1.00 45.25 ? 166  ASN A CG  1 
ATOM   166 O  OD1 . ASN A 1 20  ? -0.653  12.062  14.069  1.00 45.38 ? 166  ASN A OD1 1 
ATOM   167 N  ND2 . ASN A 1 20  ? -2.779  11.498  14.536  1.00 42.22 ? 166  ASN A ND2 1 
ATOM   168 N  N   . PRO A 1 21  ? -3.792  9.010   15.654  1.00 49.62 ? 167  PRO A N   1 
ATOM   169 C  CA  . PRO A 1 21  ? -5.227  9.013   15.977  1.00 48.80 ? 167  PRO A CA  1 
ATOM   170 C  C   . PRO A 1 21  ? -6.100  9.944   15.132  1.00 46.65 ? 167  PRO A C   1 
ATOM   171 O  O   . PRO A 1 21  ? -7.321  9.832   15.120  1.00 47.36 ? 167  PRO A O   1 
ATOM   172 C  CB  . PRO A 1 21  ? -5.251  9.329   17.483  1.00 51.40 ? 167  PRO A CB  1 
ATOM   173 C  CG  . PRO A 1 21  ? -3.938  10.044  17.736  1.00 50.06 ? 167  PRO A CG  1 
ATOM   174 C  CD  . PRO A 1 21  ? -2.967  9.335   16.835  1.00 49.96 ? 167  PRO A CD  1 
ATOM   175 N  N   . GLU A 1 22  ? -5.451  10.840  14.400  1.00 46.11 ? 168  GLU A N   1 
ATOM   176 C  CA  . GLU A 1 22  ? -6.145  11.769  13.525  1.00 45.71 ? 168  GLU A CA  1 
ATOM   177 C  C   . GLU A 1 22  ? -6.484  11.089  12.187  1.00 45.06 ? 168  GLU A C   1 
ATOM   178 O  O   . GLU A 1 22  ? -7.360  11.554  11.461  1.00 46.19 ? 168  GLU A O   1 
ATOM   179 C  CB  . GLU A 1 22  ? -5.271  12.995  13.280  1.00 45.62 ? 168  GLU A CB  1 
ATOM   180 N  N   . ASN A 1 23  ? -5.800  9.983   11.884  1.00 42.68 ? 169  ASN A N   1 
ATOM   181 C  CA  . ASN A 1 23  ? -6.004  9.246   10.631  1.00 42.04 ? 169  ASN A CA  1 
ATOM   182 C  C   . ASN A 1 23  ? -7.144  8.229   10.671  1.00 40.72 ? 169  ASN A C   1 
ATOM   183 O  O   . ASN A 1 23  ? -7.107  7.273   11.445  1.00 40.50 ? 169  ASN A O   1 
ATOM   184 C  CB  . ASN A 1 23  ? -4.726  8.498   10.218  1.00 43.21 ? 169  ASN A CB  1 
ATOM   185 C  CG  . ASN A 1 23  ? -3.545  9.424   9.987   1.00 42.29 ? 169  ASN A CG  1 
ATOM   186 O  OD1 . ASN A 1 23  ? -3.710  10.551  9.525   1.00 40.92 ? 169  ASN A OD1 1 
ATOM   187 N  ND2 . ASN A 1 23  ? -2.343  8.942   10.294  1.00 41.50 ? 169  ASN A ND2 1 
ATOM   188 N  N   . PRO A 1 24  ? -8.169  8.410   9.817   1.00 37.99 ? 170  PRO A N   1 
ATOM   189 C  CA  . PRO A 1 24  ? -9.310  7.488   9.769   1.00 37.28 ? 170  PRO A CA  1 
ATOM   190 C  C   . PRO A 1 24  ? -8.892  6.182   9.119   1.00 36.33 ? 170  PRO A C   1 
ATOM   191 O  O   . PRO A 1 24  ? -7.805  6.098   8.562   1.00 35.81 ? 170  PRO A O   1 
ATOM   192 C  CB  . PRO A 1 24  ? -10.327 8.240   8.918   1.00 35.94 ? 170  PRO A CB  1 
ATOM   193 C  CG  . PRO A 1 24  ? -9.456  8.998   7.961   1.00 37.00 ? 170  PRO A CG  1 
ATOM   194 C  CD  . PRO A 1 24  ? -8.349  9.522   8.866   1.00 36.24 ? 170  PRO A CD  1 
ATOM   195 N  N   . ARG A 1 25  ? -9.754  5.168   9.177   1.00 38.53 ? 171  ARG A N   1 
ATOM   196 C  CA  . ARG A 1 25  ? -9.459  3.867   8.563   1.00 38.84 ? 171  ARG A CA  1 
ATOM   197 C  C   . ARG A 1 25  ? -9.295  4.089   7.077   1.00 35.52 ? 171  ARG A C   1 
ATOM   198 O  O   . ARG A 1 25  ? -9.969  4.941   6.504   1.00 34.19 ? 171  ARG A O   1 
ATOM   199 C  CB  . ARG A 1 25  ? -10.606 2.883   8.792   1.00 43.40 ? 171  ARG A CB  1 
ATOM   200 C  CG  . ARG A 1 25  ? -11.023 2.790   10.229  1.00 50.45 ? 171  ARG A CG  1 
ATOM   201 C  CD  . ARG A 1 25  ? -12.296 2.000   10.396  1.00 55.19 ? 171  ARG A CD  1 
ATOM   202 N  NE  . ARG A 1 25  ? -12.835 2.189   11.738  1.00 60.30 ? 171  ARG A NE  1 
ATOM   203 C  CZ  . ARG A 1 25  ? -13.873 1.518   12.227  1.00 62.85 ? 171  ARG A CZ  1 
ATOM   204 N  NH1 . ARG A 1 25  ? -14.487 0.610   11.478  1.00 65.30 ? 171  ARG A NH1 1 
ATOM   205 N  NH2 . ARG A 1 25  ? -14.295 1.754   13.463  1.00 65.40 ? 171  ARG A NH2 1 
ATOM   206 N  N   . GLY A 1 26  ? -8.382  3.351   6.462   1.00 35.00 ? 172  GLY A N   1 
ATOM   207 C  CA  . GLY A 1 26  ? -8.158  3.522   5.039   1.00 33.26 ? 172  GLY A CA  1 
ATOM   208 C  C   . GLY A 1 26  ? -7.063  4.531   4.739   1.00 32.28 ? 172  GLY A C   1 
ATOM   209 O  O   . GLY A 1 26  ? -6.781  4.803   3.571   1.00 31.52 ? 172  GLY A O   1 
ATOM   210 N  N   . THR A 1 27  ? -6.459  5.116   5.778   1.00 30.37 ? 173  THR A N   1 
ATOM   211 C  CA  . THR A 1 27  ? -5.357  6.066   5.575   1.00 28.27 ? 173  THR A CA  1 
ATOM   212 C  C   . THR A 1 27  ? -4.203  5.208   5.102   1.00 25.39 ? 173  THR A C   1 
ATOM   213 O  O   . THR A 1 27  ? -3.969  4.129   5.644   1.00 24.18 ? 173  THR A O   1 
ATOM   214 C  CB  . THR A 1 27  ? -4.988  6.819   6.870   1.00 31.39 ? 173  THR A CB  1 
ATOM   215 O  OG1 . THR A 1 27  ? -6.024  7.763   7.162   1.00 30.80 ? 173  THR A OG1 1 
ATOM   216 C  CG2 . THR A 1 27  ? -3.654  7.580   6.710   1.00 32.38 ? 173  THR A CG2 1 
ATOM   217 N  N   . PHE A 1 28  ? -3.487  5.680   4.090   1.00 23.48 ? 174  PHE A N   1 
ATOM   218 C  CA  . PHE A 1 28  ? -2.437  4.866   3.513   1.00 24.70 ? 174  PHE A CA  1 
ATOM   219 C  C   . PHE A 1 28  ? -1.280  5.676   2.953   1.00 25.34 ? 174  PHE A C   1 
ATOM   220 O  O   . PHE A 1 28  ? -1.332  6.905   2.858   1.00 26.74 ? 174  PHE A O   1 
ATOM   221 C  CB  . PHE A 1 28  ? -3.045  4.036   2.352   1.00 23.85 ? 174  PHE A CB  1 
ATOM   222 C  CG  . PHE A 1 28  ? -3.345  4.861   1.111   1.00 23.93 ? 174  PHE A CG  1 
ATOM   223 C  CD1 . PHE A 1 28  ? -2.452  4.891   0.039   1.00 23.27 ? 174  PHE A CD1 1 
ATOM   224 C  CD2 . PHE A 1 28  ? -4.472  5.678   1.059   1.00 24.68 ? 174  PHE A CD2 1 
ATOM   225 C  CE1 . PHE A 1 28  ? -2.674  5.728   -1.059  1.00 27.41 ? 174  PHE A CE1 1 
ATOM   226 C  CE2 . PHE A 1 28  ? -4.699  6.516   -0.035  1.00 23.47 ? 174  PHE A CE2 1 
ATOM   227 C  CZ  . PHE A 1 28  ? -3.800  6.543   -1.095  1.00 22.23 ? 174  PHE A CZ  1 
ATOM   228 N  N   . LEU A 1 29  ? -0.276  4.932   2.507   1.00 26.37 ? 175  LEU A N   1 
ATOM   229 C  CA  . LEU A 1 29  ? 0.909   5.475   1.862   1.00 29.93 ? 175  LEU A CA  1 
ATOM   230 C  C   . LEU A 1 29  ? 1.525   4.312   1.102   1.00 28.45 ? 175  LEU A C   1 
ATOM   231 O  O   . LEU A 1 29  ? 1.287   3.148   1.430   1.00 27.12 ? 175  LEU A O   1 
ATOM   232 C  CB  . LEU A 1 29  ? 1.925   6.031   2.889   1.00 29.40 ? 175  LEU A CB  1 
ATOM   233 C  CG  . LEU A 1 29  ? 2.677   5.149   3.914   1.00 34.40 ? 175  LEU A CG  1 
ATOM   234 C  CD1 . LEU A 1 29  ? 1.692   4.188   4.541   1.00 37.24 ? 175  LEU A CD1 1 
ATOM   235 C  CD2 . LEU A 1 29  ? 3.824   4.354   3.282   1.00 31.76 ? 175  LEU A CD2 1 
ATOM   236 N  N   . VAL A 1 30  ? 2.309   4.628   0.083   1.00 29.03 ? 176  VAL A N   1 
ATOM   237 C  CA  . VAL A 1 30  ? 3.006   3.600   -0.661  1.00 31.39 ? 176  VAL A CA  1 
ATOM   238 C  C   . VAL A 1 30  ? 4.484   3.893   -0.399  1.00 32.67 ? 176  VAL A C   1 
ATOM   239 O  O   . VAL A 1 30  ? 4.892   5.054   -0.325  1.00 31.89 ? 176  VAL A O   1 
ATOM   240 C  CB  . VAL A 1 30  ? 2.670   3.667   -2.161  1.00 30.50 ? 176  VAL A CB  1 
ATOM   241 C  CG1 . VAL A 1 30  ? 3.508   2.667   -2.935  1.00 28.90 ? 176  VAL A CG1 1 
ATOM   242 C  CG2 . VAL A 1 30  ? 1.185   3.354   -2.357  1.00 28.96 ? 176  VAL A CG2 1 
ATOM   243 N  N   . ARG A 1 31  ? 5.270   2.840   -0.237  1.00 35.15 ? 177  ARG A N   1 
ATOM   244 C  CA  . ARG A 1 31  ? 6.689   2.993   0.055   1.00 39.74 ? 177  ARG A CA  1 
ATOM   245 C  C   . ARG A 1 31  ? 7.490   1.886   -0.605  1.00 43.05 ? 177  ARG A C   1 
ATOM   246 O  O   . ARG A 1 31  ? 6.929   0.947   -1.168  1.00 42.99 ? 177  ARG A O   1 
ATOM   247 C  CB  . ARG A 1 31  ? 6.911   2.930   1.574   1.00 36.90 ? 177  ARG A CB  1 
ATOM   248 C  CG  . ARG A 1 31  ? 6.444   1.610   2.218   1.00 36.61 ? 177  ARG A CG  1 
ATOM   249 C  CD  . ARG A 1 31  ? 6.623   1.618   3.720   1.00 32.07 ? 177  ARG A CD  1 
ATOM   250 N  NE  . ARG A 1 31  ? 6.091   0.420   4.372   1.00 33.31 ? 177  ARG A NE  1 
ATOM   251 C  CZ  . ARG A 1 31  ? 6.722   -0.752  4.446   1.00 34.53 ? 177  ARG A CZ  1 
ATOM   252 N  NH1 . ARG A 1 31  ? 7.920   -0.901  3.903   1.00 34.80 ? 177  ARG A NH1 1 
ATOM   253 N  NH2 . ARG A 1 31  ? 6.159   -1.781  5.077   1.00 31.91 ? 177  ARG A NH2 1 
ATOM   254 N  N   . GLU A 1 32  ? 8.812   1.994   -0.521  1.00 46.72 ? 178  GLU A N   1 
ATOM   255 C  CA  . GLU A 1 32  ? 9.693   0.969   -1.064  1.00 49.51 ? 178  GLU A CA  1 
ATOM   256 C  C   . GLU A 1 32  ? 9.741   -0.167  -0.038  1.00 52.12 ? 178  GLU A C   1 
ATOM   257 O  O   . GLU A 1 32  ? 9.587   0.069   1.163   1.00 50.72 ? 178  GLU A O   1 
ATOM   258 C  CB  . GLU A 1 32  ? 11.101  1.532   -1.269  1.00 50.21 ? 178  GLU A CB  1 
ATOM   259 C  CG  . GLU A 1 32  ? 11.234  2.488   -2.449  1.00 53.37 ? 178  GLU A CG  1 
ATOM   260 C  CD  . GLU A 1 32  ? 12.629  3.086   -2.573  1.00 54.73 ? 178  GLU A CD  1 
ATOM   261 O  OE1 . GLU A 1 32  ? 13.614  2.334   -2.432  1.00 54.58 ? 178  GLU A OE1 1 
ATOM   262 O  OE2 . GLU A 1 32  ? 12.744  4.306   -2.820  1.00 55.73 ? 178  GLU A OE2 1 
ATOM   263 N  N   . SER A 1 33  ? 9.933   -1.396  -0.506  1.00 55.13 ? 179  SER A N   1 
ATOM   264 C  CA  . SER A 1 33  ? 10.013  -2.534  0.403   1.00 57.81 ? 179  SER A CA  1 
ATOM   265 C  C   . SER A 1 33  ? 11.447  -2.639  0.924   1.00 60.41 ? 179  SER A C   1 
ATOM   266 O  O   . SER A 1 33  ? 12.398  -2.360  0.191   1.00 60.28 ? 179  SER A O   1 
ATOM   267 C  CB  . SER A 1 33  ? 9.621   -3.828  -0.316  1.00 56.74 ? 179  SER A CB  1 
ATOM   268 O  OG  . SER A 1 33  ? 9.584   -4.923  0.587   1.00 55.54 ? 179  SER A OG  1 
ATOM   269 N  N   . GLU A 1 34  ? 11.590  -3.033  2.188   1.00 62.94 ? 180  GLU A N   1 
ATOM   270 C  CA  . GLU A 1 34  ? 12.901  -3.163  2.817   1.00 65.31 ? 180  GLU A CA  1 
ATOM   271 C  C   . GLU A 1 34  ? 13.424  -4.587  2.732   1.00 66.83 ? 180  GLU A C   1 
ATOM   272 O  O   . GLU A 1 34  ? 14.627  -4.823  2.820   1.00 68.35 ? 180  GLU A O   1 
ATOM   273 C  CB  . GLU A 1 34  ? 12.829  -2.768  4.290   1.00 65.12 ? 180  GLU A CB  1 
ATOM   274 C  CG  . GLU A 1 34  ? 12.023  -1.520  4.583   1.00 66.68 ? 180  GLU A CG  1 
ATOM   275 C  CD  . GLU A 1 34  ? 12.240  -1.030  6.002   1.00 67.75 ? 180  GLU A CD  1 
ATOM   276 O  OE1 . GLU A 1 34  ? 13.225  -0.294  6.230   1.00 67.73 ? 180  GLU A OE1 1 
ATOM   277 O  OE2 . GLU A 1 34  ? 11.440  -1.393  6.892   1.00 67.04 ? 180  GLU A OE2 1 
ATOM   278 N  N   . THR A 1 35  ? 12.513  -5.536  2.562   1.00 68.27 ? 181  THR A N   1 
ATOM   279 C  CA  . THR A 1 35  ? 12.883  -6.941  2.486   1.00 69.35 ? 181  THR A CA  1 
ATOM   280 C  C   . THR A 1 35  ? 12.983  -7.474  1.057   1.00 70.07 ? 181  THR A C   1 
ATOM   281 O  O   . THR A 1 35  ? 13.797  -8.355  0.775   1.00 71.35 ? 181  THR A O   1 
ATOM   282 C  CB  . THR A 1 35  ? 11.882  -7.801  3.271   1.00 69.79 ? 181  THR A CB  1 
ATOM   283 O  OG1 . THR A 1 35  ? 10.549  -7.518  2.822   1.00 71.36 ? 181  THR A OG1 1 
ATOM   284 C  CG2 . THR A 1 35  ? 11.990  -7.505  4.758   1.00 69.61 ? 181  THR A CG2 1 
ATOM   285 N  N   . THR A 1 36  ? 12.156  -6.940  0.163   1.00 69.68 ? 182  THR A N   1 
ATOM   286 C  CA  . THR A 1 36  ? 12.152  -7.371  -1.233  1.00 68.45 ? 182  THR A CA  1 
ATOM   287 C  C   . THR A 1 36  ? 12.503  -6.194  -2.140  1.00 67.83 ? 182  THR A C   1 
ATOM   288 O  O   . THR A 1 36  ? 11.720  -5.256  -2.286  1.00 68.15 ? 182  THR A O   1 
ATOM   289 C  CB  . THR A 1 36  ? 10.760  -7.941  -1.633  1.00 68.78 ? 182  THR A CB  1 
ATOM   290 O  OG1 . THR A 1 36  ? 10.396  -8.989  -0.724  1.00 67.79 ? 182  THR A OG1 1 
ATOM   291 C  CG2 . THR A 1 36  ? 10.784  -8.505  -3.056  1.00 67.98 ? 182  THR A CG2 1 
ATOM   292 N  N   . LYS A 1 37  ? 13.684  -6.256  -2.751  1.00 66.81 ? 183  LYS A N   1 
ATOM   293 C  CA  . LYS A 1 37  ? 14.158  -5.202  -3.648  1.00 66.34 ? 183  LYS A CA  1 
ATOM   294 C  C   . LYS A 1 37  ? 13.348  -5.151  -4.948  1.00 65.64 ? 183  LYS A C   1 
ATOM   295 O  O   . LYS A 1 37  ? 12.966  -6.190  -5.489  1.00 65.88 ? 183  LYS A O   1 
ATOM   296 C  CB  . LYS A 1 37  ? 15.646  -5.414  -3.964  1.00 66.05 ? 183  LYS A CB  1 
ATOM   297 N  N   . GLY A 1 38  ? 13.076  -3.941  -5.429  1.00 63.79 ? 184  GLY A N   1 
ATOM   298 C  CA  . GLY A 1 38  ? 12.312  -3.787  -6.657  1.00 61.87 ? 184  GLY A CA  1 
ATOM   299 C  C   . GLY A 1 38  ? 10.808  -3.677  -6.447  1.00 59.44 ? 184  GLY A C   1 
ATOM   300 O  O   . GLY A 1 38  ? 10.088  -3.112  -7.277  1.00 58.76 ? 184  GLY A O   1 
ATOM   301 N  N   . ALA A 1 39  ? 10.330  -4.225  -5.334  1.00 56.19 ? 185  ALA A N   1 
ATOM   302 C  CA  . ALA A 1 39  ? 8.910   -4.180  -5.016  1.00 52.79 ? 185  ALA A CA  1 
ATOM   303 C  C   . ALA A 1 39  ? 8.603   -3.021  -4.078  1.00 49.52 ? 185  ALA A C   1 
ATOM   304 O  O   . ALA A 1 39  ? 9.494   -2.464  -3.424  1.00 48.84 ? 185  ALA A O   1 
ATOM   305 C  CB  . ALA A 1 39  ? 8.473   -5.492  -4.378  1.00 51.93 ? 185  ALA A CB  1 
ATOM   306 N  N   . TYR A 1 40  ? 7.329   -2.655  -4.020  1.00 44.99 ? 186  TYR A N   1 
ATOM   307 C  CA  . TYR A 1 40  ? 6.900   -1.582  -3.147  1.00 40.04 ? 186  TYR A CA  1 
ATOM   308 C  C   . TYR A 1 40  ? 6.013   -2.151  -2.058  1.00 38.45 ? 186  TYR A C   1 
ATOM   309 O  O   . TYR A 1 40  ? 5.932   -3.364  -1.876  1.00 36.44 ? 186  TYR A O   1 
ATOM   310 C  CB  . TYR A 1 40  ? 6.145   -0.524  -3.939  1.00 39.41 ? 186  TYR A CB  1 
ATOM   311 C  CG  . TYR A 1 40  ? 7.011   0.226   -4.913  1.00 40.44 ? 186  TYR A CG  1 
ATOM   312 C  CD1 . TYR A 1 40  ? 7.263   -0.273  -6.187  1.00 40.53 ? 186  TYR A CD1 1 
ATOM   313 C  CD2 . TYR A 1 40  ? 7.577   1.443   -4.560  1.00 40.27 ? 186  TYR A CD2 1 
ATOM   314 C  CE1 . TYR A 1 40  ? 8.058   0.432   -7.087  1.00 40.23 ? 186  TYR A CE1 1 
ATOM   315 C  CE2 . TYR A 1 40  ? 8.365   2.150   -5.440  1.00 40.30 ? 186  TYR A CE2 1 
ATOM   316 C  CZ  . TYR A 1 40  ? 8.604   1.649   -6.702  1.00 41.42 ? 186  TYR A CZ  1 
ATOM   317 O  OH  . TYR A 1 40  ? 9.382   2.390   -7.572  1.00 41.41 ? 186  TYR A OH  1 
ATOM   318 N  N   . CYS A 1 41  ? 5.341   -1.270  -1.334  1.00 36.14 ? 187  CYS A N   1 
ATOM   319 C  CA  . CYS A 1 41  ? 4.476   -1.712  -0.270  1.00 37.61 ? 187  CYS A CA  1 
ATOM   320 C  C   . CYS A 1 41  ? 3.377   -0.691  -0.014  1.00 37.53 ? 187  CYS A C   1 
ATOM   321 O  O   . CYS A 1 41  ? 3.613   0.520   0.005   1.00 35.43 ? 187  CYS A O   1 
ATOM   322 C  CB  . CYS A 1 41  ? 5.301   -1.940  1.000   1.00 41.75 ? 187  CYS A CB  1 
ATOM   323 S  SG  . CYS A 1 41  ? 4.314   -2.346  2.435   1.00 50.22 ? 187  CYS A SG  1 
ATOM   324 N  N   . LEU A 1 42  ? 2.161   -1.197  0.155   1.00 33.64 ? 188  LEU A N   1 
ATOM   325 C  CA  . LEU A 1 42  ? 1.015   -0.354  0.432   1.00 32.75 ? 188  LEU A CA  1 
ATOM   326 C  C   . LEU A 1 42  ? 0.749   -0.548  1.914   1.00 30.49 ? 188  LEU A C   1 
ATOM   327 O  O   . LEU A 1 42  ? 0.500   -1.664  2.349   1.00 30.81 ? 188  LEU A O   1 
ATOM   328 C  CB  . LEU A 1 42  ? -0.205  -0.825  -0.377  1.00 30.91 ? 188  LEU A CB  1 
ATOM   329 C  CG  . LEU A 1 42  ? -1.542  -0.125  -0.123  1.00 30.99 ? 188  LEU A CG  1 
ATOM   330 C  CD1 . LEU A 1 42  ? -1.486  1.306   -0.651  1.00 28.32 ? 188  LEU A CD1 1 
ATOM   331 C  CD2 . LEU A 1 42  ? -2.666  -0.912  -0.796  1.00 28.58 ? 188  LEU A CD2 1 
ATOM   332 N  N   . SER A 1 43  ? 0.822   0.519   2.695   1.00 29.40 ? 189  SER A N   1 
ATOM   333 C  CA  . SER A 1 43  ? 0.553   0.387   4.126   1.00 30.10 ? 189  SER A CA  1 
ATOM   334 C  C   . SER A 1 43  ? -0.749  1.121   4.402   1.00 27.97 ? 189  SER A C   1 
ATOM   335 O  O   . SER A 1 43  ? -0.900  2.291   4.068   1.00 28.25 ? 189  SER A O   1 
ATOM   336 C  CB  . SER A 1 43  ? 1.710   0.976   4.950   1.00 30.51 ? 189  SER A CB  1 
ATOM   337 O  OG  . SER A 1 43  ? 2.922   0.301   4.649   1.00 32.14 ? 189  SER A OG  1 
ATOM   338 N  N   . VAL A 1 44  ? -1.696  0.412   4.990   1.00 29.56 ? 190  VAL A N   1 
ATOM   339 C  CA  . VAL A 1 44  ? -3.008  0.979   5.266   1.00 29.84 ? 190  VAL A CA  1 
ATOM   340 C  C   . VAL A 1 44  ? -3.385  0.780   6.728   1.00 30.15 ? 190  VAL A C   1 
ATOM   341 O  O   . VAL A 1 44  ? -3.070  -0.251  7.314   1.00 28.26 ? 190  VAL A O   1 
ATOM   342 C  CB  . VAL A 1 44  ? -4.116  0.270   4.408   1.00 28.77 ? 190  VAL A CB  1 
ATOM   343 C  CG1 . VAL A 1 44  ? -5.379  1.114   4.382   1.00 28.28 ? 190  VAL A CG1 1 
ATOM   344 C  CG2 . VAL A 1 44  ? -3.625  -0.001  3.010   1.00 29.57 ? 190  VAL A CG2 1 
ATOM   345 N  N   . SER A 1 45  ? -4.076  1.756   7.309   1.00 31.67 ? 191  SER A N   1 
ATOM   346 C  CA  . SER A 1 45  ? -4.538  1.618   8.689   1.00 34.50 ? 191  SER A CA  1 
ATOM   347 C  C   . SER A 1 45  ? -5.941  0.991   8.656   1.00 35.28 ? 191  SER A C   1 
ATOM   348 O  O   . SER A 1 45  ? -6.747  1.455   7.824   1.00 35.83 ? 191  SER A O   1 
ATOM   349 C  CB  . SER A 1 45  ? -4.605  2.987   9.380   1.00 34.75 ? 191  SER A CB  1 
ATOM   350 O  OG  . SER A 1 45  ? -5.658  3.773   8.858   1.00 36.07 ? 191  SER A OG  1 
ATOM   351 N  N   . LEU A 1 53  ? -7.097  0.667   16.107  1.00 57.28 ? 199  LEU A N   1 
ATOM   352 C  CA  . LEU A 1 53  ? -6.708  0.856   14.677  1.00 57.19 ? 199  LEU A CA  1 
ATOM   353 C  C   . LEU A 1 53  ? -5.335  0.230   14.468  1.00 55.98 ? 199  LEU A C   1 
ATOM   354 O  O   . LEU A 1 53  ? -4.390  0.544   15.191  1.00 57.98 ? 199  LEU A O   1 
ATOM   355 C  CB  . LEU A 1 53  ? -6.651  2.351   14.339  1.00 58.36 ? 199  LEU A CB  1 
ATOM   356 C  CG  . LEU A 1 53  ? -6.764  2.757   12.865  1.00 60.03 ? 199  LEU A CG  1 
ATOM   357 C  CD1 . LEU A 1 53  ? -8.160  2.432   12.347  1.00 60.67 ? 199  LEU A CD1 1 
ATOM   358 C  CD2 . LEU A 1 53  ? -6.493  4.237   12.722  1.00 60.92 ? 199  LEU A CD2 1 
ATOM   359 N  N   . ASN A 1 54  ? -5.229  -0.669  13.492  1.00 54.03 ? 200  ASN A N   1 
ATOM   360 C  CA  . ASN A 1 54  ? -3.964  -1.340  13.194  1.00 50.68 ? 200  ASN A CA  1 
ATOM   361 C  C   . ASN A 1 54  ? -3.500  -1.055  11.772  1.00 47.25 ? 200  ASN A C   1 
ATOM   362 O  O   . ASN A 1 54  ? -4.243  -0.505  10.959  1.00 46.17 ? 200  ASN A O   1 
ATOM   363 C  CB  . ASN A 1 54  ? -4.100  -2.855  13.376  1.00 54.22 ? 200  ASN A CB  1 
ATOM   364 C  CG  . ASN A 1 54  ? -4.431  -3.248  14.805  1.00 58.77 ? 200  ASN A CG  1 
ATOM   365 O  OD1 . ASN A 1 54  ? -5.500  -2.916  15.322  1.00 60.33 ? 200  ASN A OD1 1 
ATOM   366 N  ND2 . ASN A 1 54  ? -3.510  -3.958  15.454  1.00 60.77 ? 200  ASN A ND2 1 
ATOM   367 N  N   . VAL A 1 55  ? -2.267  -1.437  11.471  1.00 42.68 ? 201  VAL A N   1 
ATOM   368 C  CA  . VAL A 1 55  ? -1.724  -1.219  10.142  1.00 39.76 ? 201  VAL A CA  1 
ATOM   369 C  C   . VAL A 1 55  ? -1.474  -2.551  9.449   1.00 37.93 ? 201  VAL A C   1 
ATOM   370 O  O   . VAL A 1 55  ? -1.037  -3.512  10.072  1.00 36.97 ? 201  VAL A O   1 
ATOM   371 C  CB  . VAL A 1 55  ? -0.390  -0.420  10.191  1.00 38.97 ? 201  VAL A CB  1 
ATOM   372 C  CG1 . VAL A 1 55  ? 0.165   -0.211  8.775   1.00 36.41 ? 201  VAL A CG1 1 
ATOM   373 C  CG2 . VAL A 1 55  ? -0.613  0.922   10.861  1.00 37.93 ? 201  VAL A CG2 1 
ATOM   374 N  N   . ALA A 1 56  ? -1.777  -2.593  8.157   1.00 34.36 ? 202  ALA A N   1 
ATOM   375 C  CA  . ALA A 1 56  ? -1.561  -3.776  7.333   1.00 33.59 ? 202  ALA A CA  1 
ATOM   376 C  C   . ALA A 1 56  ? -0.562  -3.392  6.231   1.00 31.74 ? 202  ALA A C   1 
ATOM   377 O  O   . ALA A 1 56  ? -0.589  -2.270  5.717   1.00 31.02 ? 202  ALA A O   1 
ATOM   378 C  CB  . ALA A 1 56  ? -2.882  -4.239  6.715   1.00 32.57 ? 202  ALA A CB  1 
ATOM   379 N  N   . HIS A 1 57  ? 0.324   -4.316  5.879   1.00 31.00 ? 203  HIS A N   1 
ATOM   380 C  CA  . HIS A 1 57  ? 1.323   -4.057  4.845   1.00 31.10 ? 203  HIS A CA  1 
ATOM   381 C  C   . HIS A 1 57  ? 1.160   -5.034  3.686   1.00 31.38 ? 203  HIS A C   1 
ATOM   382 O  O   . HIS A 1 57  ? 1.190   -6.245  3.881   1.00 31.46 ? 203  HIS A O   1 
ATOM   383 C  CB  . HIS A 1 57  ? 2.737   -4.181  5.443   1.00 30.95 ? 203  HIS A CB  1 
ATOM   384 C  CG  . HIS A 1 57  ? 3.023   -3.178  6.519   1.00 30.40 ? 203  HIS A CG  1 
ATOM   385 N  ND1 . HIS A 1 57  ? 3.315   -1.859  6.248   1.00 31.02 ? 203  HIS A ND1 1 
ATOM   386 C  CD2 . HIS A 1 57  ? 3.005   -3.289  7.868   1.00 31.24 ? 203  HIS A CD2 1 
ATOM   387 C  CE1 . HIS A 1 57  ? 3.467   -1.199  7.383   1.00 32.15 ? 203  HIS A CE1 1 
ATOM   388 N  NE2 . HIS A 1 57  ? 3.282   -2.045  8.381   1.00 32.26 ? 203  HIS A NE2 1 
ATOM   389 N  N   . TYR A 1 58  ? 0.991   -4.500  2.479   1.00 31.47 ? 204  TYR A N   1 
ATOM   390 C  CA  . TYR A 1 58  ? 0.828   -5.323  1.284   1.00 30.50 ? 204  TYR A CA  1 
ATOM   391 C  C   . TYR A 1 58  ? 2.007   -5.138  0.335   1.00 31.78 ? 204  TYR A C   1 
ATOM   392 O  O   . TYR A 1 58  ? 2.382   -4.015  0.005   1.00 33.99 ? 204  TYR A O   1 
ATOM   393 C  CB  . TYR A 1 58  ? -0.467  -4.956  0.545   1.00 27.82 ? 204  TYR A CB  1 
ATOM   394 C  CG  . TYR A 1 58  ? -1.729  -5.135  1.365   1.00 27.00 ? 204  TYR A CG  1 
ATOM   395 C  CD1 . TYR A 1 58  ? -2.259  -4.081  2.108   1.00 25.69 ? 204  TYR A CD1 1 
ATOM   396 C  CD2 . TYR A 1 58  ? -2.368  -6.375  1.432   1.00 25.22 ? 204  TYR A CD2 1 
ATOM   397 C  CE1 . TYR A 1 58  ? -3.394  -4.260  2.906   1.00 23.17 ? 204  TYR A CE1 1 
ATOM   398 C  CE2 . TYR A 1 58  ? -3.496  -6.560  2.217   1.00 23.60 ? 204  TYR A CE2 1 
ATOM   399 C  CZ  . TYR A 1 58  ? -4.000  -5.501  2.949   1.00 22.13 ? 204  TYR A CZ  1 
ATOM   400 O  OH  . TYR A 1 58  ? -5.120  -5.687  3.712   1.00 25.81 ? 204  TYR A OH  1 
ATOM   401 N  N   . LYS A 1 59  ? 2.602   -6.242  -0.101  1.00 34.34 ? 205  LYS A N   1 
ATOM   402 C  CA  . LYS A 1 59  ? 3.719   -6.167  -1.040  1.00 37.08 ? 205  LYS A CA  1 
ATOM   403 C  C   . LYS A 1 59  ? 3.186   -5.906  -2.436  1.00 35.36 ? 205  LYS A C   1 
ATOM   404 O  O   . LYS A 1 59  ? 2.317   -6.627  -2.925  1.00 35.77 ? 205  LYS A O   1 
ATOM   405 C  CB  . LYS A 1 59  ? 4.519   -7.477  -1.077  1.00 40.51 ? 205  LYS A CB  1 
ATOM   406 C  CG  . LYS A 1 59  ? 5.711   -7.540  -0.133  1.00 47.04 ? 205  LYS A CG  1 
ATOM   407 C  CD  . LYS A 1 59  ? 6.462   -8.850  -0.313  1.00 49.01 ? 205  LYS A CD  1 
ATOM   408 C  CE  . LYS A 1 59  ? 7.631   -8.980  0.650   1.00 51.98 ? 205  LYS A CE  1 
ATOM   409 N  NZ  . LYS A 1 59  ? 8.361   -10.264 0.421   1.00 52.35 ? 205  LYS A NZ  1 
ATOM   410 N  N   . ILE A 1 60  ? 3.709   -4.867  -3.070  1.00 35.24 ? 206  ILE A N   1 
ATOM   411 C  CA  . ILE A 1 60  ? 3.311   -4.533  -4.424  1.00 36.15 ? 206  ILE A CA  1 
ATOM   412 C  C   . ILE A 1 60  ? 4.412   -5.091  -5.323  1.00 38.46 ? 206  ILE A C   1 
ATOM   413 O  O   . ILE A 1 60  ? 5.491   -4.510  -5.451  1.00 39.25 ? 206  ILE A O   1 
ATOM   414 C  CB  . ILE A 1 60  ? 3.183   -3.007  -4.611  1.00 33.88 ? 206  ILE A CB  1 
ATOM   415 C  CG1 . ILE A 1 60  ? 2.168   -2.446  -3.606  1.00 32.22 ? 206  ILE A CG1 1 
ATOM   416 C  CG2 . ILE A 1 60  ? 2.733   -2.689  -6.032  1.00 32.35 ? 206  ILE A CG2 1 
ATOM   417 C  CD1 . ILE A 1 60  ? 1.875   -0.946  -3.777  1.00 26.53 ? 206  ILE A CD1 1 
ATOM   418 N  N   . ARG A 1 61  ? 4.128   -6.242  -5.921  1.00 38.19 ? 207  ARG A N   1 
ATOM   419 C  CA  . ARG A 1 61  ? 5.058   -6.931  -6.803  1.00 40.23 ? 207  ARG A CA  1 
ATOM   420 C  C   . ARG A 1 61  ? 5.086   -6.328  -8.195  1.00 39.44 ? 207  ARG A C   1 
ATOM   421 O  O   . ARG A 1 61  ? 4.097   -5.768  -8.650  1.00 37.19 ? 207  ARG A O   1 
ATOM   422 C  CB  . ARG A 1 61  ? 4.666   -8.405  -6.886  1.00 42.75 ? 207  ARG A CB  1 
ATOM   423 C  CG  . ARG A 1 61  ? 4.608   -9.052  -5.517  1.00 48.68 ? 207  ARG A CG  1 
ATOM   424 C  CD  . ARG A 1 61  ? 4.334   -10.541 -5.574  1.00 54.70 ? 207  ARG A CD  1 
ATOM   425 N  NE  . ARG A 1 61  ? 4.683   -11.200 -4.312  1.00 58.21 ? 207  ARG A NE  1 
ATOM   426 C  CZ  . ARG A 1 61  ? 5.919   -11.287 -3.819  1.00 60.54 ? 207  ARG A CZ  1 
ATOM   427 N  NH1 . ARG A 1 61  ? 6.950   -10.756 -4.474  1.00 61.29 ? 207  ARG A NH1 1 
ATOM   428 N  NH2 . ARG A 1 61  ? 6.126   -11.907 -2.665  1.00 61.70 ? 207  ARG A NH2 1 
ATOM   429 N  N   . LYS A 1 62  ? 6.229   -6.429  -8.863  1.00 40.80 ? 208  LYS A N   1 
ATOM   430 C  CA  . LYS A 1 62  ? 6.358   -5.894  -10.211 1.00 41.04 ? 208  LYS A CA  1 
ATOM   431 C  C   . LYS A 1 62  ? 6.697   -7.009  -11.179 1.00 42.41 ? 208  LYS A C   1 
ATOM   432 O  O   . LYS A 1 62  ? 7.605   -7.797  -10.932 1.00 42.19 ? 208  LYS A O   1 
ATOM   433 C  CB  . LYS A 1 62  ? 7.452   -4.818  -10.291 1.00 40.35 ? 208  LYS A CB  1 
ATOM   434 C  CG  . LYS A 1 62  ? 7.561   -4.170  -11.683 1.00 40.86 ? 208  LYS A CG  1 
ATOM   435 C  CD  . LYS A 1 62  ? 8.621   -3.090  -11.768 1.00 40.12 ? 208  LYS A CD  1 
ATOM   436 C  CE  . LYS A 1 62  ? 8.602   -2.394  -13.134 1.00 39.16 ? 208  LYS A CE  1 
ATOM   437 N  NZ  . LYS A 1 62  ? 8.975   -3.298  -14.267 1.00 39.17 ? 208  LYS A NZ  1 
ATOM   438 N  N   . LEU A 1 63  ? 5.960   -7.059  -12.284 1.00 44.32 ? 209  LEU A N   1 
ATOM   439 C  CA  . LEU A 1 63  ? 6.171   -8.053  -13.333 1.00 46.25 ? 209  LEU A CA  1 
ATOM   440 C  C   . LEU A 1 63  ? 7.419   -7.633  -14.096 1.00 47.89 ? 209  LEU A C   1 
ATOM   441 O  O   . LEU A 1 63  ? 7.764   -6.448  -14.117 1.00 45.06 ? 209  LEU A O   1 
ATOM   442 C  CB  . LEU A 1 63  ? 4.988   -8.061  -14.300 1.00 46.12 ? 209  LEU A CB  1 
ATOM   443 C  CG  . LEU A 1 63  ? 3.603   -8.423  -13.773 1.00 46.33 ? 209  LEU A CG  1 
ATOM   444 C  CD1 . LEU A 1 63  ? 2.551   -8.046  -14.805 1.00 45.85 ? 209  LEU A CD1 1 
ATOM   445 C  CD2 . LEU A 1 63  ? 3.555   -9.904  -13.470 1.00 45.68 ? 209  LEU A CD2 1 
ATOM   446 N  N   . ASP A 1 64  ? 8.090   -8.593  -14.728 1.00 51.22 ? 210  ASP A N   1 
ATOM   447 C  CA  . ASP A 1 64  ? 9.298   -8.288  -15.489 1.00 54.05 ? 210  ASP A CA  1 
ATOM   448 C  C   . ASP A 1 64  ? 9.017   -7.476  -16.747 1.00 54.63 ? 210  ASP A C   1 
ATOM   449 O  O   . ASP A 1 64  ? 9.843   -6.669  -17.176 1.00 55.46 ? 210  ASP A O   1 
ATOM   450 C  CB  . ASP A 1 64  ? 10.037  -9.575  -15.834 1.00 57.74 ? 210  ASP A CB  1 
ATOM   451 C  CG  . ASP A 1 64  ? 10.593  -10.254 -14.606 1.00 61.40 ? 210  ASP A CG  1 
ATOM   452 O  OD1 . ASP A 1 64  ? 11.034  -9.525  -13.691 1.00 63.22 ? 210  ASP A OD1 1 
ATOM   453 O  OD2 . ASP A 1 64  ? 10.596  -11.503 -14.553 1.00 64.30 ? 210  ASP A OD2 1 
ATOM   454 N  N   . SER A 1 65  ? 7.834   -7.668  -17.321 1.00 56.81 ? 211  SER A N   1 
ATOM   455 C  CA  . SER A 1 65  ? 7.447   -6.915  -18.514 1.00 57.00 ? 211  SER A CA  1 
ATOM   456 C  C   . SER A 1 65  ? 7.123   -5.462  -18.130 1.00 54.81 ? 211  SER A C   1 
ATOM   457 O  O   . SER A 1 65  ? 7.385   -4.534  -18.900 1.00 55.92 ? 211  SER A O   1 
ATOM   458 C  CB  . SER A 1 65  ? 6.238   -7.575  -19.205 1.00 59.67 ? 211  SER A CB  1 
ATOM   459 O  OG  . SER A 1 65  ? 5.129   -7.725  -18.325 1.00 59.89 ? 211  SER A OG  1 
ATOM   460 N  N   . GLY A 1 66  ? 6.575   -5.269  -16.933 1.00 51.22 ? 212  GLY A N   1 
ATOM   461 C  CA  . GLY A 1 66  ? 6.261   -3.921  -16.515 1.00 48.89 ? 212  GLY A CA  1 
ATOM   462 C  C   . GLY A 1 66  ? 5.375   -3.682  -15.306 1.00 47.08 ? 212  GLY A C   1 
ATOM   463 O  O   . GLY A 1 66  ? 5.854   -3.174  -14.299 1.00 48.46 ? 212  GLY A O   1 
ATOM   464 N  N   . GLY A 1 67  ? 4.095   -4.044  -15.405 1.00 44.18 ? 213  GLY A N   1 
ATOM   465 C  CA  . GLY A 1 67  ? 3.116   -3.801  -14.348 1.00 38.86 ? 213  GLY A CA  1 
ATOM   466 C  C   . GLY A 1 67  ? 3.262   -4.229  -12.891 1.00 37.05 ? 213  GLY A C   1 
ATOM   467 O  O   . GLY A 1 67  ? 4.199   -4.932  -12.503 1.00 35.75 ? 213  GLY A O   1 
ATOM   468 N  N   . PHE A 1 68  ? 2.300   -3.788  -12.082 1.00 32.64 ? 214  PHE A N   1 
ATOM   469 C  CA  . PHE A 1 68  ? 2.275   -4.088  -10.655 1.00 31.73 ? 214  PHE A CA  1 
ATOM   470 C  C   . PHE A 1 68  ? 1.005   -4.819  -10.225 1.00 30.31 ? 214  PHE A C   1 
ATOM   471 O  O   . PHE A 1 68  ? -0.021  -4.770  -10.911 1.00 27.76 ? 214  PHE A O   1 
ATOM   472 C  CB  . PHE A 1 68  ? 2.386   -2.792  -9.838  1.00 31.98 ? 214  PHE A CB  1 
ATOM   473 C  CG  . PHE A 1 68  ? 3.566   -1.929  -10.208 1.00 33.40 ? 214  PHE A CG  1 
ATOM   474 C  CD1 . PHE A 1 68  ? 3.475   -1.011  -11.252 1.00 31.75 ? 214  PHE A CD1 1 
ATOM   475 C  CD2 . PHE A 1 68  ? 4.769   -2.030  -9.503  1.00 33.62 ? 214  PHE A CD2 1 
ATOM   476 C  CE1 . PHE A 1 68  ? 4.554   -0.205  -11.591 1.00 34.28 ? 214  PHE A CE1 1 
ATOM   477 C  CE2 . PHE A 1 68  ? 5.864   -1.222  -9.834  1.00 35.13 ? 214  PHE A CE2 1 
ATOM   478 C  CZ  . PHE A 1 68  ? 5.755   -0.309  -10.879 1.00 34.96 ? 214  PHE A CZ  1 
ATOM   479 N  N   . TYR A 1 69  ? 1.084   -5.492  -9.079  1.00 29.67 ? 215  TYR A N   1 
ATOM   480 C  CA  . TYR A 1 69  ? -0.045  -6.216  -8.517  1.00 28.57 ? 215  TYR A CA  1 
ATOM   481 C  C   . TYR A 1 69  ? 0.230   -6.633  -7.080  1.00 31.29 ? 215  TYR A C   1 
ATOM   482 O  O   . TYR A 1 69  ? 1.380   -6.878  -6.704  1.00 29.62 ? 215  TYR A O   1 
ATOM   483 C  CB  . TYR A 1 69  ? -0.366  -7.462  -9.355  1.00 32.07 ? 215  TYR A CB  1 
ATOM   484 C  CG  . TYR A 1 69  ? 0.655   -8.595  -9.279  1.00 35.13 ? 215  TYR A CG  1 
ATOM   485 C  CD1 . TYR A 1 69  ? 0.538   -9.610  -8.326  1.00 35.94 ? 215  TYR A CD1 1 
ATOM   486 C  CD2 . TYR A 1 69  ? 1.750   -8.630  -10.142 1.00 35.70 ? 215  TYR A CD2 1 
ATOM   487 C  CE1 . TYR A 1 69  ? 1.487   -10.632 -8.234  1.00 38.63 ? 215  TYR A CE1 1 
ATOM   488 C  CE2 . TYR A 1 69  ? 2.703   -9.644  -10.058 1.00 38.98 ? 215  TYR A CE2 1 
ATOM   489 C  CZ  . TYR A 1 69  ? 2.567   -10.640 -9.105  1.00 40.45 ? 215  TYR A CZ  1 
ATOM   490 O  OH  . TYR A 1 69  ? 3.512   -11.641 -9.022  1.00 44.22 ? 215  TYR A OH  1 
ATOM   491 N  N   . ILE A 1 70  ? -0.836  -6.711  -6.287  1.00 28.75 ? 216  ILE A N   1 
ATOM   492 C  CA  . ILE A 1 70  ? -0.757  -7.158  -4.902  1.00 29.06 ? 216  ILE A CA  1 
ATOM   493 C  C   . ILE A 1 70  ? -1.203  -8.631  -4.989  1.00 31.44 ? 216  ILE A C   1 
ATOM   494 O  O   . ILE A 1 70  ? -0.619  -9.513  -4.358  1.00 31.58 ? 216  ILE A O   1 
ATOM   495 C  CB  . ILE A 1 70  ? -1.702  -6.309  -3.978  1.00 26.92 ? 216  ILE A CB  1 
ATOM   496 C  CG1 . ILE A 1 70  ? -1.176  -4.868  -3.890  1.00 23.74 ? 216  ILE A CG1 1 
ATOM   497 C  CG2 . ILE A 1 70  ? -1.773  -6.904  -2.597  1.00 27.56 ? 216  ILE A CG2 1 
ATOM   498 C  CD1 . ILE A 1 70  ? -1.976  -3.943  -2.971  1.00 20.98 ? 216  ILE A CD1 1 
ATOM   499 N  N   . THR A 1 71  ? -2.240  -8.885  -5.785  1.00 29.46 ? 217  THR A N   1 
ATOM   500 C  CA  . THR A 1 71  ? -2.720  -10.248 -6.006  1.00 30.60 ? 217  THR A CA  1 
ATOM   501 C  C   . THR A 1 71  ? -2.780  -10.405 -7.526  1.00 30.21 ? 217  THR A C   1 
ATOM   502 O  O   . THR A 1 71  ? -3.109  -9.451  -8.238  1.00 29.02 ? 217  THR A O   1 
ATOM   503 C  CB  . THR A 1 71  ? -4.115  -10.515 -5.349  1.00 31.55 ? 217  THR A CB  1 
ATOM   504 O  OG1 . THR A 1 71  ? -4.404  -11.917 -5.426  1.00 33.61 ? 217  THR A OG1 1 
ATOM   505 C  CG2 . THR A 1 71  ? -5.232  -9.729  -6.038  1.00 29.42 ? 217  THR A CG2 1 
ATOM   506 N  N   . SER A 1 72  ? -2.455  -11.597 -8.022  1.00 30.09 ? 218  SER A N   1 
ATOM   507 C  CA  . SER A 1 72  ? -2.414  -11.842 -9.461  1.00 32.10 ? 218  SER A CA  1 
ATOM   508 C  C   . SER A 1 72  ? -3.683  -11.580 -10.259 1.00 29.66 ? 218  SER A C   1 
ATOM   509 O  O   . SER A 1 72  ? -3.601  -11.238 -11.435 1.00 29.80 ? 218  SER A O   1 
ATOM   510 C  CB  . SER A 1 72  ? -1.917  -13.269 -9.747  1.00 34.14 ? 218  SER A CB  1 
ATOM   511 O  OG  . SER A 1 72  ? -2.759  -14.234 -9.157  1.00 40.12 ? 218  SER A OG  1 
ATOM   512 N  N   . ARG A 1 73  ? -4.846  -11.708 -9.626  1.00 28.69 ? 219  ARG A N   1 
ATOM   513 C  CA  . ARG A 1 73  ? -6.113  -11.467 -10.319 1.00 29.56 ? 219  ARG A CA  1 
ATOM   514 C  C   . ARG A 1 73  ? -6.408  -9.986  -10.598 1.00 29.29 ? 219  ARG A C   1 
ATOM   515 O  O   . ARG A 1 73  ? -7.361  -9.675  -11.297 1.00 30.86 ? 219  ARG A O   1 
ATOM   516 C  CB  . ARG A 1 73  ? -7.288  -12.051 -9.519  1.00 28.67 ? 219  ARG A CB  1 
ATOM   517 C  CG  . ARG A 1 73  ? -7.631  -11.285 -8.230  1.00 29.34 ? 219  ARG A CG  1 
ATOM   518 C  CD  . ARG A 1 73  ? -9.043  -11.603 -7.756  1.00 29.54 ? 219  ARG A CD  1 
ATOM   519 N  NE  . ARG A 1 73  ? -9.455  -10.747 -6.645  1.00 29.07 ? 219  ARG A NE  1 
ATOM   520 C  CZ  . ARG A 1 73  ? -9.299  -11.061 -5.365  1.00 31.13 ? 219  ARG A CZ  1 
ATOM   521 N  NH1 . ARG A 1 73  ? -8.745  -12.221 -5.021  1.00 29.41 ? 219  ARG A NH1 1 
ATOM   522 N  NH2 . ARG A 1 73  ? -9.682  -10.211 -4.430  1.00 30.90 ? 219  ARG A NH2 1 
ATOM   523 N  N   . THR A 1 74  ? -5.610  -9.079  -10.037 1.00 29.62 ? 220  THR A N   1 
ATOM   524 C  CA  . THR A 1 74  ? -5.835  -7.643  -10.235 1.00 28.64 ? 220  THR A CA  1 
ATOM   525 C  C   . THR A 1 74  ? -4.516  -6.943  -10.508 1.00 25.36 ? 220  THR A C   1 
ATOM   526 O  O   . THR A 1 74  ? -3.780  -6.610  -9.582  1.00 26.53 ? 220  THR A O   1 
ATOM   527 C  CB  . THR A 1 74  ? -6.476  -6.998  -8.982  1.00 29.10 ? 220  THR A CB  1 
ATOM   528 O  OG1 . THR A 1 74  ? -7.533  -7.832  -8.499  1.00 31.50 ? 220  THR A OG1 1 
ATOM   529 C  CG2 . THR A 1 74  ? -7.059  -5.632  -9.321  1.00 29.17 ? 220  THR A CG2 1 
ATOM   530 N  N   . GLN A 1 75  ? -4.233  -6.687  -11.777 1.00 25.45 ? 221  GLN A N   1 
ATOM   531 C  CA  . GLN A 1 75  ? -2.975  -6.064  -12.166 1.00 24.57 ? 221  GLN A CA  1 
ATOM   532 C  C   . GLN A 1 75  ? -3.121  -4.639  -12.689 1.00 24.84 ? 221  GLN A C   1 
ATOM   533 O  O   . GLN A 1 75  ? -4.175  -4.261  -13.209 1.00 23.84 ? 221  GLN A O   1 
ATOM   534 C  CB  . GLN A 1 75  ? -2.280  -6.961  -13.200 1.00 23.24 ? 221  GLN A CB  1 
ATOM   535 C  CG  . GLN A 1 75  ? -1.909  -8.318  -12.642 1.00 25.24 ? 221  GLN A CG  1 
ATOM   536 C  CD  . GLN A 1 75  ? -1.222  -9.233  -13.652 1.00 26.39 ? 221  GLN A CD  1 
ATOM   537 O  OE1 . GLN A 1 75  ? -0.537  -8.774  -14.562 1.00 27.51 ? 221  GLN A OE1 1 
ATOM   538 N  NE2 . GLN A 1 75  ? -1.390  -10.535 -13.474 1.00 25.57 ? 221  GLN A NE2 1 
ATOM   539 N  N   . PHE A 1 76  ? -2.052  -3.854  -12.548 1.00 23.86 ? 222  PHE A N   1 
ATOM   540 C  CA  . PHE A 1 76  ? -2.042  -2.451  -12.963 1.00 23.89 ? 222  PHE A CA  1 
ATOM   541 C  C   . PHE A 1 76  ? -0.822  -2.037  -13.779 1.00 25.11 ? 222  PHE A C   1 
ATOM   542 O  O   . PHE A 1 76  ? 0.238   -2.664  -13.715 1.00 22.14 ? 222  PHE A O   1 
ATOM   543 C  CB  . PHE A 1 76  ? -2.115  -1.544  -11.727 1.00 21.40 ? 222  PHE A CB  1 
ATOM   544 C  CG  . PHE A 1 76  ? -3.230  -1.894  -10.797 1.00 20.82 ? 222  PHE A CG  1 
ATOM   545 C  CD1 . PHE A 1 76  ? -3.012  -2.748  -9.718  1.00 20.45 ? 222  PHE A CD1 1 
ATOM   546 C  CD2 . PHE A 1 76  ? -4.524  -1.455  -11.056 1.00 21.08 ? 222  PHE A CD2 1 
ATOM   547 C  CE1 . PHE A 1 76  ? -4.064  -3.160  -8.912  1.00 21.09 ? 222  PHE A CE1 1 
ATOM   548 C  CE2 . PHE A 1 76  ? -5.578  -1.867  -10.256 1.00 23.46 ? 222  PHE A CE2 1 
ATOM   549 C  CZ  . PHE A 1 76  ? -5.347  -2.725  -9.180  1.00 21.49 ? 222  PHE A CZ  1 
ATOM   550 N  N   . SER A 1 77  ? -0.971  -0.952  -14.531 1.00 27.22 ? 223  SER A N   1 
ATOM   551 C  CA  . SER A 1 77  ? 0.128   -0.428  -15.342 1.00 28.02 ? 223  SER A CA  1 
ATOM   552 C  C   . SER A 1 77  ? 1.102   0.399   -14.491 1.00 30.03 ? 223  SER A C   1 
ATOM   553 O  O   . SER A 1 77  ? 2.275   0.562   -14.845 1.00 30.11 ? 223  SER A O   1 
ATOM   554 C  CB  . SER A 1 77  ? -0.421  0.472   -16.449 1.00 26.59 ? 223  SER A CB  1 
ATOM   555 O  OG  . SER A 1 77  ? -0.990  1.648   -15.899 1.00 29.22 ? 223  SER A OG  1 
ATOM   556 N  N   . SER A 1 78  ? 0.588   0.932   -13.384 1.00 29.56 ? 224  SER A N   1 
ATOM   557 C  CA  . SER A 1 78  ? 1.363   1.777   -12.487 1.00 28.57 ? 224  SER A CA  1 
ATOM   558 C  C   . SER A 1 78  ? 0.867   1.748   -11.040 1.00 30.85 ? 224  SER A C   1 
ATOM   559 O  O   . SER A 1 78  ? -0.167  1.141   -10.721 1.00 26.41 ? 224  SER A O   1 
ATOM   560 C  CB  . SER A 1 78  ? 1.339   3.221   -12.993 1.00 27.33 ? 224  SER A CB  1 
ATOM   561 O  OG  . SER A 1 78  ? 0.028   3.773   -12.975 1.00 29.86 ? 224  SER A OG  1 
ATOM   562 N  N   . LEU A 1 79  ? 1.613   2.429   -10.167 1.00 29.05 ? 225  LEU A N   1 
ATOM   563 C  CA  . LEU A 1 79  ? 1.268   2.512   -8.753  1.00 28.87 ? 225  LEU A CA  1 
ATOM   564 C  C   . LEU A 1 79  ? 0.038   3.394   -8.608  1.00 27.14 ? 225  LEU A C   1 
ATOM   565 O  O   . LEU A 1 79  ? -0.829  3.139   -7.774  1.00 28.10 ? 225  LEU A O   1 
ATOM   566 C  CB  . LEU A 1 79  ? 2.419   3.122   -7.946  1.00 28.28 ? 225  LEU A CB  1 
ATOM   567 C  CG  . LEU A 1 79  ? 3.690   2.289   -7.833  1.00 29.67 ? 225  LEU A CG  1 
ATOM   568 C  CD1 . LEU A 1 79  ? 4.769   3.080   -7.066  1.00 29.52 ? 225  LEU A CD1 1 
ATOM   569 C  CD2 . LEU A 1 79  ? 3.353   0.987   -7.120  1.00 29.95 ? 225  LEU A CD2 1 
ATOM   570 N  N   . GLN A 1 80  ? -0.036  4.422   -9.449  1.00 26.60 ? 226  GLN A N   1 
ATOM   571 C  CA  . GLN A 1 80  ? -1.163  5.342   -9.431  1.00 27.54 ? 226  GLN A CA  1 
ATOM   572 C  C   . GLN A 1 80  ? -2.458  4.688   -9.911  1.00 26.35 ? 226  GLN A C   1 
ATOM   573 O  O   . GLN A 1 80  ? -3.527  5.052   -9.446  1.00 26.65 ? 226  GLN A O   1 
ATOM   574 C  CB  . GLN A 1 80  ? -0.864  6.588   -10.265 1.00 29.44 ? 226  GLN A CB  1 
ATOM   575 C  CG  . GLN A 1 80  ? 0.045   6.372   -11.434 1.00 38.45 ? 226  GLN A CG  1 
ATOM   576 C  CD  . GLN A 1 80  ? 1.508   6.586   -11.078 1.00 38.74 ? 226  GLN A CD  1 
ATOM   577 O  OE1 . GLN A 1 80  ? 1.899   7.666   -10.634 1.00 44.28 ? 226  GLN A OE1 1 
ATOM   578 N  NE2 . GLN A 1 80  ? 2.319   5.561   -11.273 1.00 34.79 ? 226  GLN A NE2 1 
ATOM   579 N  N   . GLN A 1 81  ? -2.356  3.730   -10.834 1.00 23.79 ? 227  GLN A N   1 
ATOM   580 C  CA  . GLN A 1 81  ? -3.530  2.994   -11.335 1.00 26.21 ? 227  GLN A CA  1 
ATOM   581 C  C   . GLN A 1 81  ? -3.968  2.058   -10.208 1.00 22.53 ? 227  GLN A C   1 
ATOM   582 O  O   . GLN A 1 81  ? -5.160  1.877   -9.972  1.00 24.31 ? 227  GLN A O   1 
ATOM   583 C  CB  . GLN A 1 81  ? -3.195  2.156   -12.581 1.00 25.16 ? 227  GLN A CB  1 
ATOM   584 C  CG  . GLN A 1 81  ? -2.948  2.954   -13.854 1.00 32.03 ? 227  GLN A CG  1 
ATOM   585 C  CD  . GLN A 1 81  ? -4.209  3.146   -14.701 1.00 33.31 ? 227  GLN A CD  1 
ATOM   586 O  OE1 . GLN A 1 81  ? -4.686  4.259   -14.862 1.00 35.43 ? 227  GLN A OE1 1 
ATOM   587 N  NE2 . GLN A 1 81  ? -4.743  2.054   -15.244 1.00 29.70 ? 227  GLN A NE2 1 
ATOM   588 N  N   . LEU A 1 82  ? -2.995  1.492   -9.493  1.00 22.30 ? 228  LEU A N   1 
ATOM   589 C  CA  . LEU A 1 82  ? -3.278  0.600   -8.361  1.00 24.14 ? 228  LEU A CA  1 
ATOM   590 C  C   . LEU A 1 82  ? -3.995  1.383   -7.258  1.00 24.87 ? 228  LEU A C   1 
ATOM   591 O  O   . LEU A 1 82  ? -5.004  0.929   -6.713  1.00 27.48 ? 228  LEU A O   1 
ATOM   592 C  CB  . LEU A 1 82  ? -1.976  -0.022  -7.810  1.00 23.11 ? 228  LEU A CB  1 
ATOM   593 C  CG  . LEU A 1 82  ? -2.003  -0.956  -6.577  1.00 24.13 ? 228  LEU A CG  1 
ATOM   594 C  CD1 . LEU A 1 82  ? -0.826  -1.911  -6.636  1.00 24.37 ? 228  LEU A CD1 1 
ATOM   595 C  CD2 . LEU A 1 82  ? -1.966  -0.160  -5.258  1.00 20.15 ? 228  LEU A CD2 1 
ATOM   596 N  N   . VAL A 1 83  ? -3.480  2.574   -6.954  1.00 24.83 ? 229  VAL A N   1 
ATOM   597 C  CA  . VAL A 1 83  ? -4.062  3.433   -5.926  1.00 23.89 ? 229  VAL A CA  1 
ATOM   598 C  C   . VAL A 1 83  ? -5.463  3.902   -6.288  1.00 24.19 ? 229  VAL A C   1 
ATOM   599 O  O   . VAL A 1 83  ? -6.352  3.930   -5.437  1.00 24.07 ? 229  VAL A O   1 
ATOM   600 C  CB  . VAL A 1 83  ? -3.143  4.663   -5.653  1.00 23.56 ? 229  VAL A CB  1 
ATOM   601 C  CG1 . VAL A 1 83  ? -3.914  5.779   -4.918  1.00 20.25 ? 229  VAL A CG1 1 
ATOM   602 C  CG2 . VAL A 1 83  ? -1.950  4.212   -4.807  1.00 22.13 ? 229  VAL A CG2 1 
ATOM   603 N  N   . ALA A 1 84  ? -5.675  4.257   -7.551  1.00 22.92 ? 230  ALA A N   1 
ATOM   604 C  CA  . ALA A 1 84  ? -6.996  4.712   -7.965  1.00 23.01 ? 230  ALA A CA  1 
ATOM   605 C  C   . ALA A 1 84  ? -7.995  3.556   -7.858  1.00 22.18 ? 230  ALA A C   1 
ATOM   606 O  O   . ALA A 1 84  ? -9.132  3.741   -7.435  1.00 23.53 ? 230  ALA A O   1 
ATOM   607 C  CB  . ALA A 1 84  ? -6.949  5.250   -9.386  1.00 22.02 ? 230  ALA A CB  1 
ATOM   608 N  N   . TYR A 1 85  ? -7.546  2.352   -8.197  1.00 20.31 ? 231  TYR A N   1 
ATOM   609 C  CA  . TYR A 1 85  ? -8.418  1.186   -8.130  1.00 20.69 ? 231  TYR A CA  1 
ATOM   610 C  C   . TYR A 1 85  ? -8.864  0.886   -6.694  1.00 22.35 ? 231  TYR A C   1 
ATOM   611 O  O   . TYR A 1 85  ? -10.057 0.818   -6.421  1.00 21.82 ? 231  TYR A O   1 
ATOM   612 C  CB  . TYR A 1 85  ? -7.714  -0.040  -8.708  1.00 18.20 ? 231  TYR A CB  1 
ATOM   613 C  CG  . TYR A 1 85  ? -8.571  -1.286  -8.716  1.00 20.79 ? 231  TYR A CG  1 
ATOM   614 C  CD1 . TYR A 1 85  ? -9.452  -1.541  -9.771  1.00 19.57 ? 231  TYR A CD1 1 
ATOM   615 C  CD2 . TYR A 1 85  ? -8.538  -2.190  -7.643  1.00 17.13 ? 231  TYR A CD2 1 
ATOM   616 C  CE1 . TYR A 1 85  ? -10.276 -2.665  -9.759  1.00 20.10 ? 231  TYR A CE1 1 
ATOM   617 C  CE2 . TYR A 1 85  ? -9.364  -3.312  -7.617  1.00 17.39 ? 231  TYR A CE2 1 
ATOM   618 C  CZ  . TYR A 1 85  ? -10.231 -3.546  -8.684  1.00 19.70 ? 231  TYR A CZ  1 
ATOM   619 O  OH  . TYR A 1 85  ? -11.036 -4.670  -8.693  1.00 17.38 ? 231  TYR A OH  1 
ATOM   620 N  N   . TYR A 1 86  ? -7.907  0.719   -5.780  1.00 19.09 ? 232  TYR A N   1 
ATOM   621 C  CA  . TYR A 1 86  ? -8.242  0.413   -4.392  1.00 20.74 ? 232  TYR A CA  1 
ATOM   622 C  C   . TYR A 1 86  ? -8.877  1.561   -3.607  1.00 20.05 ? 232  TYR A C   1 
ATOM   623 O  O   . TYR A 1 86  ? -9.306  1.382   -2.472  1.00 19.75 ? 232  TYR A O   1 
ATOM   624 C  CB  . TYR A 1 86  ? -7.016  -0.139  -3.681  1.00 20.73 ? 232  TYR A CB  1 
ATOM   625 C  CG  . TYR A 1 86  ? -6.654  -1.494  -4.210  1.00 19.94 ? 232  TYR A CG  1 
ATOM   626 C  CD1 . TYR A 1 86  ? -7.493  -2.585  -3.994  1.00 18.69 ? 232  TYR A CD1 1 
ATOM   627 C  CD2 . TYR A 1 86  ? -5.466  -1.698  -4.896  1.00 21.08 ? 232  TYR A CD2 1 
ATOM   628 C  CE1 . TYR A 1 86  ? -7.150  -3.856  -4.438  1.00 20.61 ? 232  TYR A CE1 1 
ATOM   629 C  CE2 . TYR A 1 86  ? -5.110  -2.972  -5.356  1.00 21.79 ? 232  TYR A CE2 1 
ATOM   630 C  CZ  . TYR A 1 86  ? -5.954  -4.042  -5.120  1.00 20.75 ? 232  TYR A CZ  1 
ATOM   631 O  OH  . TYR A 1 86  ? -5.594  -5.297  -5.551  1.00 20.25 ? 232  TYR A OH  1 
ATOM   632 N  N   . SER A 1 87  ? -8.948  2.730   -4.232  1.00 20.06 ? 233  SER A N   1 
ATOM   633 C  CA  . SER A 1 87  ? -9.615  3.894   -3.644  1.00 23.05 ? 233  SER A CA  1 
ATOM   634 C  C   . SER A 1 87  ? -11.111 3.785   -3.956  1.00 20.01 ? 233  SER A C   1 
ATOM   635 O  O   . SER A 1 87  ? -11.924 4.525   -3.404  1.00 21.98 ? 233  SER A O   1 
ATOM   636 C  CB  . SER A 1 87  ? -9.079  5.191   -4.246  1.00 21.41 ? 233  SER A CB  1 
ATOM   637 O  OG  . SER A 1 87  ? -7.770  5.425   -3.781  1.00 26.34 ? 233  SER A OG  1 
ATOM   638 N  N   . LYS A 1 88  ? -11.467 2.858   -4.846  1.00 20.41 ? 234  LYS A N   1 
ATOM   639 C  CA  . LYS A 1 88  ? -12.874 2.638   -5.201  1.00 18.53 ? 234  LYS A CA  1 
ATOM   640 C  C   . LYS A 1 88  ? -13.427 1.362   -4.548  1.00 19.32 ? 234  LYS A C   1 
ATOM   641 O  O   . LYS A 1 88  ? -14.581 1.331   -4.090  1.00 15.77 ? 234  LYS A O   1 
ATOM   642 C  CB  . LYS A 1 88  ? -13.057 2.567   -6.732  1.00 16.61 ? 234  LYS A CB  1 
ATOM   643 C  CG  . LYS A 1 88  ? -14.547 2.660   -7.141  1.00 16.64 ? 234  LYS A CG  1 
ATOM   644 C  CD  . LYS A 1 88  ? -14.733 2.642   -8.641  1.00 16.40 ? 234  LYS A CD  1 
ATOM   645 C  CE  . LYS A 1 88  ? -16.218 2.782   -9.002  1.00 14.90 ? 234  LYS A CE  1 
ATOM   646 N  NZ  . LYS A 1 88  ? -16.417 2.852   -10.476 1.00 19.26 ? 234  LYS A NZ  1 
ATOM   647 N  N   . HIS A 1 89  ? -12.614 0.308   -4.544  1.00 16.88 ? 235  HIS A N   1 
ATOM   648 C  CA  . HIS A 1 89  ? -12.984 -0.958  -3.914  1.00 18.31 ? 235  HIS A CA  1 
ATOM   649 C  C   . HIS A 1 89  ? -11.768 -1.559  -3.252  1.00 17.94 ? 235  HIS A C   1 
ATOM   650 O  O   . HIS A 1 89  ? -10.723 -1.696  -3.888  1.00 20.60 ? 235  HIS A O   1 
ATOM   651 C  CB  . HIS A 1 89  ? -13.463 -2.024  -4.895  1.00 15.12 ? 235  HIS A CB  1 
ATOM   652 C  CG  . HIS A 1 89  ? -14.727 -1.689  -5.604  1.00 16.81 ? 235  HIS A CG  1 
ATOM   653 N  ND1 . HIS A 1 89  ? -14.749 -1.023  -6.811  1.00 17.42 ? 235  HIS A ND1 1 
ATOM   654 C  CD2 . HIS A 1 89  ? -16.020 -1.963  -5.298  1.00 10.33 ? 235  HIS A CD2 1 
ATOM   655 C  CE1 . HIS A 1 89  ? -16.004 -0.905  -7.220  1.00 9.69  ? 235  HIS A CE1 1 
ATOM   656 N  NE2 . HIS A 1 89  ? -16.785 -1.464  -6.320  1.00 11.24 ? 235  HIS A NE2 1 
ATOM   657 N  N   . ALA A 1 90  ? -11.916 -1.943  -1.983  1.00 17.42 ? 236  ALA A N   1 
ATOM   658 C  CA  . ALA A 1 90  ? -10.858 -2.607  -1.231  1.00 17.75 ? 236  ALA A CA  1 
ATOM   659 C  C   . ALA A 1 90  ? -10.480 -3.889  -1.971  1.00 19.40 ? 236  ALA A C   1 
ATOM   660 O  O   . ALA A 1 90  ? -9.308  -4.242  -2.034  1.00 21.30 ? 236  ALA A O   1 
ATOM   661 C  CB  . ALA A 1 90  ? -11.356 -2.952  0.180   1.00 20.38 ? 236  ALA A CB  1 
ATOM   662 N  N   . ASP A 1 91  ? -11.489 -4.569  -2.543  1.00 19.69 ? 237  ASP A N   1 
ATOM   663 C  CA  . ASP A 1 91  ? -11.315 -5.811  -3.316  1.00 21.26 ? 237  ASP A CA  1 
ATOM   664 C  C   . ASP A 1 91  ? -10.216 -6.734  -2.738  1.00 24.19 ? 237  ASP A C   1 
ATOM   665 O  O   . ASP A 1 91  ? -9.192  -6.998  -3.387  1.00 22.71 ? 237  ASP A O   1 
ATOM   666 C  CB  . ASP A 1 91  ? -11.008 -5.451  -4.791  1.00 18.48 ? 237  ASP A CB  1 
ATOM   667 C  CG  . ASP A 1 91  ? -11.072 -6.657  -5.737  1.00 18.68 ? 237  ASP A CG  1 
ATOM   668 O  OD1 . ASP A 1 91  ? -11.463 -7.769  -5.314  1.00 19.96 ? 237  ASP A OD1 1 
ATOM   669 O  OD2 . ASP A 1 91  ? -10.734 -6.484  -6.918  1.00 20.87 ? 237  ASP A OD2 1 
ATOM   670 N  N   . GLY A 1 92  ? -10.425 -7.191  -1.504  1.00 26.08 ? 238  GLY A N   1 
ATOM   671 C  CA  . GLY A 1 92  ? -9.446  -8.067  -0.886  1.00 25.93 ? 238  GLY A CA  1 
ATOM   672 C  C   . GLY A 1 92  ? -8.600  -7.402  0.178   1.00 26.04 ? 238  GLY A C   1 
ATOM   673 O  O   . GLY A 1 92  ? -8.060  -8.083  1.037   1.00 25.48 ? 238  GLY A O   1 
ATOM   674 N  N   . LEU A 1 93  ? -8.464  -6.078  0.126   1.00 25.87 ? 239  LEU A N   1 
ATOM   675 C  CA  . LEU A 1 93  ? -7.691  -5.365  1.141   1.00 26.01 ? 239  LEU A CA  1 
ATOM   676 C  C   . LEU A 1 93  ? -8.532  -5.283  2.410   1.00 27.12 ? 239  LEU A C   1 
ATOM   677 O  O   . LEU A 1 93  ? -9.746  -5.460  2.366   1.00 23.50 ? 239  LEU A O   1 
ATOM   678 C  CB  . LEU A 1 93  ? -7.367  -3.932  0.694   1.00 23.28 ? 239  LEU A CB  1 
ATOM   679 C  CG  . LEU A 1 93  ? -6.444  -3.712  -0.504  1.00 25.90 ? 239  LEU A CG  1 
ATOM   680 C  CD1 . LEU A 1 93  ? -6.250  -2.217  -0.697  1.00 21.44 ? 239  LEU A CD1 1 
ATOM   681 C  CD2 . LEU A 1 93  ? -5.090  -4.415  -0.278  1.00 22.32 ? 239  LEU A CD2 1 
ATOM   682 N  N   . CYS A 1 94  ? -7.883  -4.983  3.532   1.00 27.89 ? 240  CYS A N   1 
ATOM   683 C  CA  . CYS A 1 94  ? -8.563  -4.849  4.820   1.00 31.35 ? 240  CYS A CA  1 
ATOM   684 C  C   . CYS A 1 94  ? -9.590  -3.714  4.784   1.00 29.17 ? 240  CYS A C   1 
ATOM   685 O  O   . CYS A 1 94  ? -10.618 -3.752  5.457   1.00 28.98 ? 240  CYS A O   1 
ATOM   686 C  CB  . CYS A 1 94  ? -7.528  -4.554  5.923   1.00 32.72 ? 240  CYS A CB  1 
ATOM   687 S  SG  . CYS A 1 94  ? -6.453  -3.112  5.587   1.00 40.45 ? 240  CYS A SG  1 
ATOM   688 N  N   . HIS A 1 95  ? -9.313  -2.710  3.966   1.00 27.58 ? 241  HIS A N   1 
ATOM   689 C  CA  . HIS A 1 95  ? -10.205 -1.567  3.884   1.00 25.68 ? 241  HIS A CA  1 
ATOM   690 C  C   . HIS A 1 95  ? -9.915  -0.828  2.604   1.00 25.07 ? 241  HIS A C   1 
ATOM   691 O  O   . HIS A 1 95  ? -8.834  -0.942  2.029   1.00 25.16 ? 241  HIS A O   1 
ATOM   692 C  CB  . HIS A 1 95  ? -9.946  -0.637  5.084   1.00 26.59 ? 241  HIS A CB  1 
ATOM   693 C  CG  . HIS A 1 95  ? -10.996 0.405   5.293   1.00 31.44 ? 241  HIS A CG  1 
ATOM   694 N  ND1 . HIS A 1 95  ? -11.161 1.483   4.446   1.00 31.91 ? 241  HIS A ND1 1 
ATOM   695 C  CD2 . HIS A 1 95  ? -11.941 0.536   6.256   1.00 33.01 ? 241  HIS A CD2 1 
ATOM   696 C  CE1 . HIS A 1 95  ? -12.160 2.231   4.878   1.00 33.09 ? 241  HIS A CE1 1 
ATOM   697 N  NE2 . HIS A 1 95  ? -12.651 1.678   5.975   1.00 36.22 ? 241  HIS A NE2 1 
ATOM   698 N  N   . ARG A 1 96  ? -10.893 -0.049  2.165   1.00 26.18 ? 242  ARG A N   1 
ATOM   699 C  CA  . ARG A 1 96  ? -10.779 0.772   0.967   1.00 25.19 ? 242  ARG A CA  1 
ATOM   700 C  C   . ARG A 1 96  ? -9.807  1.919   1.280   1.00 25.87 ? 242  ARG A C   1 
ATOM   701 O  O   . ARG A 1 96  ? -9.796  2.407   2.409   1.00 25.01 ? 242  ARG A O   1 
ATOM   702 C  CB  . ARG A 1 96  ? -12.166 1.330   0.657   1.00 24.04 ? 242  ARG A CB  1 
ATOM   703 C  CG  . ARG A 1 96  ? -12.254 2.238   -0.516  1.00 25.01 ? 242  ARG A CG  1 
ATOM   704 C  CD  . ARG A 1 96  ? -13.527 3.089   -0.414  1.00 26.89 ? 242  ARG A CD  1 
ATOM   705 N  NE  . ARG A 1 96  ? -13.203 4.384   -0.962  1.00 34.38 ? 242  ARG A NE  1 
ATOM   706 C  CZ  . ARG A 1 96  ? -13.312 5.533   -0.321  1.00 26.50 ? 242  ARG A CZ  1 
ATOM   707 N  NH1 . ARG A 1 96  ? -13.765 5.586   0.922   1.00 28.49 ? 242  ARG A NH1 1 
ATOM   708 N  NH2 . ARG A 1 96  ? -12.935 6.635   -0.937  1.00 30.45 ? 242  ARG A NH2 1 
ATOM   709 N  N   . LEU A 1 97  ? -8.994  2.335   0.304   1.00 25.14 ? 243  LEU A N   1 
ATOM   710 C  CA  . LEU A 1 97  ? -8.049  3.440   0.498   1.00 27.10 ? 243  LEU A CA  1 
ATOM   711 C  C   . LEU A 1 97  ? -8.893  4.708   0.532   1.00 28.01 ? 243  LEU A C   1 
ATOM   712 O  O   . LEU A 1 97  ? -9.590  5.024   -0.430  1.00 29.71 ? 243  LEU A O   1 
ATOM   713 C  CB  . LEU A 1 97  ? -7.030  3.500   -0.648  1.00 25.06 ? 243  LEU A CB  1 
ATOM   714 C  CG  . LEU A 1 97  ? -6.250  2.201   -0.878  1.00 24.91 ? 243  LEU A CG  1 
ATOM   715 C  CD1 . LEU A 1 97  ? -5.171  2.424   -1.954  1.00 22.74 ? 243  LEU A CD1 1 
ATOM   716 C  CD2 . LEU A 1 97  ? -5.616  1.745   0.439   1.00 20.39 ? 243  LEU A CD2 1 
ATOM   717 N  N   . THR A 1 98  ? -8.849  5.417   1.652   1.00 29.12 ? 244  THR A N   1 
ATOM   718 C  CA  . THR A 1 98  ? -9.688  6.591   1.818   1.00 32.35 ? 244  THR A CA  1 
ATOM   719 C  C   . THR A 1 98  ? -8.986  7.910   1.980   1.00 34.79 ? 244  THR A C   1 
ATOM   720 O  O   . THR A 1 98  ? -9.481  8.949   1.553   1.00 37.16 ? 244  THR A O   1 
ATOM   721 C  CB  . THR A 1 98  ? -10.555 6.452   3.079   1.00 31.10 ? 244  THR A CB  1 
ATOM   722 O  OG1 . THR A 1 98  ? -9.707  6.483   4.238   1.00 33.47 ? 244  THR A OG1 1 
ATOM   723 C  CG2 . THR A 1 98  ? -11.315 5.149   3.070   1.00 30.54 ? 244  THR A CG2 1 
ATOM   724 N  N   . ASN A 1 99  ? -7.829  7.853   2.618   1.00 36.61 ? 245  ASN A N   1 
ATOM   725 C  CA  . ASN A 1 99  ? -7.104  9.053   2.973   1.00 36.31 ? 245  ASN A CA  1 
ATOM   726 C  C   . ASN A 1 99  ? -5.600  8.911   2.748   1.00 34.25 ? 245  ASN A C   1 
ATOM   727 O  O   . ASN A 1 99  ? -5.017  7.886   3.081   1.00 34.58 ? 245  ASN A O   1 
ATOM   728 C  CB  . ASN A 1 99  ? -7.443  9.309   4.456   1.00 37.80 ? 245  ASN A CB  1 
ATOM   729 C  CG  . ASN A 1 99  ? -6.765  10.511  5.023   1.00 42.58 ? 245  ASN A CG  1 
ATOM   730 O  OD1 . ASN A 1 99  ? -5.968  10.400  5.960   1.00 47.09 ? 245  ASN A OD1 1 
ATOM   731 N  ND2 . ASN A 1 99  ? -7.069  11.676  4.469   1.00 44.80 ? 245  ASN A ND2 1 
ATOM   732 N  N   . VAL A 1 100 ? -4.977  9.936   2.173   1.00 32.26 ? 246  VAL A N   1 
ATOM   733 C  CA  . VAL A 1 100 ? -3.536  9.915   1.963   1.00 34.81 ? 246  VAL A CA  1 
ATOM   734 C  C   . VAL A 1 100 ? -2.919  10.320  3.301   1.00 34.96 ? 246  VAL A C   1 
ATOM   735 O  O   . VAL A 1 100 ? -3.327  11.315  3.906   1.00 35.49 ? 246  VAL A O   1 
ATOM   736 C  CB  . VAL A 1 100 ? -3.085  10.927  0.873   1.00 35.51 ? 246  VAL A CB  1 
ATOM   737 C  CG1 . VAL A 1 100 ? -1.565  10.980  0.801   1.00 34.68 ? 246  VAL A CG1 1 
ATOM   738 C  CG2 . VAL A 1 100 ? -3.638  10.514  -0.483  1.00 37.17 ? 246  VAL A CG2 1 
ATOM   739 N  N   . CYS A 1 101 ? -1.958  9.531   3.767   1.00 36.50 ? 247  CYS A N   1 
ATOM   740 C  CA  . CYS A 1 101 ? -1.278  9.800   5.032   1.00 38.93 ? 247  CYS A CA  1 
ATOM   741 C  C   . CYS A 1 101 ? -0.573  11.150  5.012   1.00 40.11 ? 247  CYS A C   1 
ATOM   742 O  O   . CYS A 1 101 ? 0.165   11.461  4.078   1.00 41.00 ? 247  CYS A O   1 
ATOM   743 C  CB  . CYS A 1 101 ? -0.241  8.716   5.316   1.00 38.53 ? 247  CYS A CB  1 
ATOM   744 S  SG  . CYS A 1 101 ? 0.468   8.823   6.978   1.00 40.01 ? 247  CYS A SG  1 
ATOM   745 N  N   . PRO A 1 102 ? -0.815  11.984  6.032   1.00 43.68 ? 248  PRO A N   1 
ATOM   746 C  CA  . PRO A 1 102 ? -0.186  13.310  6.118   1.00 45.59 ? 248  PRO A CA  1 
ATOM   747 C  C   . PRO A 1 102 ? 1.322   13.196  6.353   1.00 48.10 ? 248  PRO A C   1 
ATOM   748 O  O   . PRO A 1 102 ? 1.785   12.247  6.994   1.00 48.30 ? 248  PRO A O   1 
ATOM   749 C  CB  . PRO A 1 102 ? -0.902  13.959  7.304   1.00 46.84 ? 248  PRO A CB  1 
ATOM   750 C  CG  . PRO A 1 102 ? -2.256  13.274  7.315   1.00 46.14 ? 248  PRO A CG  1 
ATOM   751 C  CD  . PRO A 1 102 ? -1.873  11.835  7.050   1.00 44.61 ? 248  PRO A CD  1 
ATOM   752 N  N   . THR A 1 103 ? 2.083   14.156  5.830   1.00 52.23 ? 249  THR A N   1 
ATOM   753 C  CA  . THR A 1 103 ? 3.540   14.168  5.984   1.00 56.20 ? 249  THR A CA  1 
ATOM   754 C  C   . THR A 1 103 ? 3.974   14.418  7.433   1.00 58.03 ? 249  THR A C   1 
ATOM   755 O  O   . THR A 1 103 ? 4.924   13.748  7.901   1.00 58.80 ? 249  THR A O   1 
ATOM   756 C  CB  . THR A 1 103 ? 4.183   15.236  5.070   1.00 57.43 ? 249  THR A CB  1 
ATOM   757 O  OG1 . THR A 1 103 ? 3.532   16.499  5.273   1.00 60.99 ? 249  THR A OG1 1 
ATOM   758 C  CG2 . THR A 1 103 ? 4.058   14.828  3.604   1.00 57.34 ? 249  THR A CG2 1 
ATOM   759 O  OXT . THR A 1 103 ? 3.351   15.288  8.079   1.00 60.20 ? 249  THR A OXT 1 
ATOM   760 N  N   . PRO B 2 1   ? 7.198   -8.252  11.019  1.00 69.14 ? 302  PRO B N   1 
ATOM   761 C  CA  . PRO B 2 1   ? 7.203   -9.711  10.764  1.00 68.92 ? 302  PRO B CA  1 
ATOM   762 C  C   . PRO B 2 1   ? 6.819   -10.106 9.355   1.00 68.60 ? 302  PRO B C   1 
ATOM   763 O  O   . PRO B 2 1   ? 7.621   -10.662 8.595   1.00 69.92 ? 302  PRO B O   1 
ATOM   764 C  CB  . PRO B 2 1   ? 6.215   -10.340 11.727  1.00 68.78 ? 302  PRO B CB  1 
ATOM   765 C  CG  . PRO B 2 1   ? 5.309   -9.171  12.077  1.00 68.97 ? 302  PRO B CG  1 
ATOM   766 C  CD  . PRO B 2 1   ? 6.254   -7.957  12.113  1.00 69.26 ? 302  PRO B CD  1 
ATOM   767 N  N   . GLN B 2 2   ? 5.588   -9.791  8.987   1.00 66.51 ? 303  GLN B N   1 
ATOM   768 C  CA  . GLN B 2 2   ? 5.141   -10.194 7.673   1.00 64.41 ? 303  GLN B CA  1 
ATOM   769 C  C   . GLN B 2 2   ? 4.183   -9.245  6.965   1.00 61.14 ? 303  GLN B C   1 
ATOM   770 O  O   . GLN B 2 2   ? 3.979   -8.100  7.359   1.00 58.58 ? 303  GLN B O   1 
ATOM   771 C  CB  . GLN B 2 2   ? 4.475   -11.561 7.785   1.00 66.77 ? 303  GLN B CB  1 
ATOM   772 C  CG  . GLN B 2 2   ? 3.404   -11.582 8.875   1.00 70.16 ? 303  GLN B CG  1 
ATOM   773 C  CD  . GLN B 2 2   ? 2.555   -12.846 8.824   1.00 72.78 ? 303  GLN B CD  1 
ATOM   774 O  OE1 . GLN B 2 2   ? 3.036   -13.958 9.055   1.00 74.53 ? 303  GLN B OE1 1 
ATOM   775 N  NE2 . GLN B 2 2   ? 1.282   -12.673 8.507   1.00 73.40 ? 303  GLN B NE2 1 
HETATM 776 N  N   . PTR B 2 3   ? 3.584   -9.751  5.899   1.00 58.56 ? 304  PTR B N   1 
HETATM 777 C  CA  . PTR B 2 3   ? 2.643   -8.962  5.129   1.00 55.25 ? 304  PTR B CA  1 
HETATM 778 C  C   . PTR B 2 3   ? 1.286   -9.624  5.032   1.00 53.02 ? 304  PTR B C   1 
HETATM 779 O  O   . PTR B 2 3   ? 1.153   -10.853 5.125   1.00 50.72 ? 304  PTR B O   1 
HETATM 780 C  CB  . PTR B 2 3   ? 3.166   -8.726  3.717   1.00 55.38 ? 304  PTR B CB  1 
HETATM 781 C  CG  . PTR B 2 3   ? 4.409   -7.874  3.639   1.00 56.13 ? 304  PTR B CG  1 
HETATM 782 C  CD1 . PTR B 2 3   ? 5.668   -8.404  3.900   1.00 58.20 ? 304  PTR B CD1 1 
HETATM 783 C  CD2 . PTR B 2 3   ? 4.331   -6.546  3.252   1.00 55.87 ? 304  PTR B CD2 1 
HETATM 784 C  CE1 . PTR B 2 3   ? 6.812   -7.625  3.762   1.00 58.12 ? 304  PTR B CE1 1 
HETATM 785 C  CE2 . PTR B 2 3   ? 5.459   -5.767  3.115   1.00 55.31 ? 304  PTR B CE2 1 
HETATM 786 C  CZ  . PTR B 2 3   ? 6.695   -6.305  3.364   1.00 57.50 ? 304  PTR B CZ  1 
HETATM 787 O  OH  . PTR B 2 3   ? 7.812   -5.515  3.181   1.00 58.24 ? 304  PTR B OH  1 
HETATM 788 P  P   . PTR B 2 3   ? 8.582   -4.772  4.395   1.00 59.06 ? 304  PTR B P   1 
HETATM 789 O  O1P . PTR B 2 3   ? 9.615   -5.687  4.927   1.00 60.42 ? 304  PTR B O1P 1 
HETATM 790 O  O2P . PTR B 2 3   ? 7.637   -4.472  5.487   1.00 58.78 ? 304  PTR B O2P 1 
HETATM 791 O  O3P . PTR B 2 3   ? 9.181   -3.522  3.893   1.00 57.62 ? 304  PTR B O3P 1 
ATOM   792 N  N   . GLU B 2 4   ? 0.269   -8.790  4.839   1.00 50.38 ? 305  GLU B N   1 
ATOM   793 C  CA  . GLU B 2 4   ? -1.090  -9.277  4.686   1.00 48.24 ? 305  GLU B CA  1 
ATOM   794 C  C   . GLU B 2 4   ? -1.211  -9.686  3.224   1.00 44.89 ? 305  GLU B C   1 
ATOM   795 O  O   . GLU B 2 4   ? -0.561  -9.103  2.346   1.00 41.55 ? 305  GLU B O   1 
ATOM   796 C  CB  . GLU B 2 4   ? -2.108  -8.175  5.008   1.00 50.98 ? 305  GLU B CB  1 
ATOM   797 C  CG  . GLU B 2 4   ? -3.108  -8.566  6.088   1.00 57.34 ? 305  GLU B CG  1 
ATOM   798 C  CD  . GLU B 2 4   ? -2.475  -8.667  7.464   1.00 60.54 ? 305  GLU B CD  1 
ATOM   799 O  OE1 . GLU B 2 4   ? -2.830  -9.606  8.207   1.00 65.14 ? 305  GLU B OE1 1 
ATOM   800 O  OE2 . GLU B 2 4   ? -1.630  -7.807  7.806   1.00 62.93 ? 305  GLU B OE2 1 
ATOM   801 N  N   . GLU B 2 5   ? -2.000  -10.716 2.971   1.00 41.96 ? 306  GLU B N   1 
ATOM   802 C  CA  . GLU B 2 5   ? -2.204  -11.174 1.611   1.00 41.63 ? 306  GLU B CA  1 
ATOM   803 C  C   . GLU B 2 5   ? -3.677  -11.003 1.302   1.00 37.81 ? 306  GLU B C   1 
ATOM   804 O  O   . GLU B 2 5   ? -4.532  -11.261 2.160   1.00 37.10 ? 306  GLU B O   1 
ATOM   805 C  CB  . GLU B 2 5   ? -1.873  -12.659 1.469   1.00 45.26 ? 306  GLU B CB  1 
ATOM   806 C  CG  . GLU B 2 5   ? -0.558  -13.113 2.081   1.00 53.27 ? 306  GLU B CG  1 
ATOM   807 C  CD  . GLU B 2 5   ? 0.645   -12.720 1.262   1.00 56.47 ? 306  GLU B CD  1 
ATOM   808 O  OE1 . GLU B 2 5   ? 1.688   -13.395 1.387   1.00 59.31 ? 306  GLU B OE1 1 
ATOM   809 O  OE2 . GLU B 2 5   ? 0.555   -11.734 0.502   1.00 60.29 ? 306  GLU B OE2 1 
ATOM   810 N  N   . ILE B 2 6   ? -3.979  -10.575 0.079   1.00 32.73 ? 307  ILE B N   1 
ATOM   811 C  CA  . ILE B 2 6   ? -5.371  -10.440 -0.358  1.00 29.23 ? 307  ILE B CA  1 
ATOM   812 C  C   . ILE B 2 6   ? -5.818  -11.892 -0.484  1.00 28.86 ? 307  ILE B C   1 
ATOM   813 O  O   . ILE B 2 6   ? -5.136  -12.688 -1.129  1.00 29.82 ? 307  ILE B O   1 
ATOM   814 C  CB  . ILE B 2 6   ? -5.460  -9.719  -1.745  1.00 26.21 ? 307  ILE B CB  1 
ATOM   815 C  CG1 . ILE B 2 6   ? -5.372  -8.208  -1.542  1.00 21.84 ? 307  ILE B CG1 1 
ATOM   816 C  CG2 . ILE B 2 6   ? -6.746  -10.069 -2.472  1.00 21.91 ? 307  ILE B CG2 1 
ATOM   817 C  CD1 . ILE B 2 6   ? -5.381  -7.406  -2.844  1.00 22.70 ? 307  ILE B CD1 1 
ATOM   818 N  N   . PRO B 2 7   ? -6.934  -12.272 0.168   1.00 29.74 ? 308  PRO B N   1 
ATOM   819 C  CA  . PRO B 2 7   ? -7.426  -13.655 0.098   1.00 31.18 ? 308  PRO B CA  1 
ATOM   820 C  C   . PRO B 2 7   ? -7.646  -14.180 -1.324  1.00 31.74 ? 308  PRO B C   1 
ATOM   821 O  O   . PRO B 2 7   ? -8.087  -13.441 -2.213  1.00 30.40 ? 308  PRO B O   1 
ATOM   822 C  CB  . PRO B 2 7   ? -8.715  -13.617 0.926   1.00 31.19 ? 308  PRO B CB  1 
ATOM   823 C  CG  . PRO B 2 7   ? -9.113  -12.174 0.916   1.00 35.15 ? 308  PRO B CG  1 
ATOM   824 C  CD  . PRO B 2 7   ? -7.800  -11.452 1.028   1.00 30.80 ? 308  PRO B CD  1 
ATOM   825 N  N   . ILE B 2 8   ? -7.309  -15.448 -1.537  1.00 31.74 ? 309  ILE B N   1 
ATOM   826 C  CA  . ILE B 2 8   ? -7.452  -16.074 -2.845  1.00 32.58 ? 309  ILE B CA  1 
ATOM   827 C  C   . ILE B 2 8   ? -8.881  -16.561 -3.066  1.00 32.98 ? 309  ILE B C   1 
ATOM   828 O  O   . ILE B 2 8   ? -9.482  -16.129 -4.067  1.00 35.33 ? 309  ILE B O   1 
ATOM   829 C  CB  . ILE B 2 8   ? -6.471  -17.253 -2.991  1.00 34.28 ? 309  ILE B CB  1 
ATOM   830 C  CG1 . ILE B 2 8   ? -5.047  -16.736 -2.808  1.00 35.21 ? 309  ILE B CG1 1 
ATOM   831 C  CG2 . ILE B 2 8   ? -6.591  -17.896 -4.381  1.00 33.30 ? 309  ILE B CG2 1 
ATOM   832 C  CD1 . ILE B 2 8   ? -4.000  -17.817 -2.841  1.00 40.05 ? 309  ILE B CD1 1 
ATOM   833 O  OXT . ILE B 2 8   ? -9.379  -17.358 -2.252  1.00 34.23 ? 309  ILE B OXT 1 
HETATM 834 CO CO  . CO  C 3 .   ? -19.013 -1.437  -6.046  0.50 49.33 ? 2000 CO  A CO  1 
HETATM 835 O  O   . HOH D 4 .   ? -14.010 -0.299  2.952   1.00 33.07 ? 1000 HOH A O   1 
HETATM 836 O  O   . HOH D 4 .   ? -13.998 -2.089  -10.197 1.00 34.24 ? 1001 HOH A O   1 
HETATM 837 O  O   . HOH D 4 .   ? -15.770 3.700   -3.465  1.00 23.49 ? 1002 HOH A O   1 
HETATM 838 O  O   . HOH D 4 .   ? -12.408 -0.428  -8.161  1.00 22.94 ? 1003 HOH A O   1 
HETATM 839 O  O   . HOH D 4 .   ? -12.949 -9.755  -6.662  1.00 16.35 ? 1004 HOH A O   1 
HETATM 840 O  O   . HOH D 4 .   ? -7.126  2.009   -11.905 1.00 23.16 ? 1005 HOH A O   1 
HETATM 841 O  O   . HOH D 4 .   ? 0.257   -12.571 -4.553  1.00 42.33 ? 1006 HOH A O   1 
HETATM 842 O  O   . HOH D 4 .   ? 0.509   -12.460 -14.489 1.00 39.16 ? 1007 HOH A O   1 
HETATM 843 O  O   . HOH D 4 .   ? -5.519  -13.604 -7.101  1.00 41.67 ? 1008 HOH A O   1 
HETATM 844 O  O   . HOH D 4 .   ? -14.711 -1.460  -0.741  1.00 25.07 ? 1009 HOH A O   1 
HETATM 845 O  O   . HOH D 4 .   ? -11.835 1.993   -10.225 1.00 27.47 ? 1010 HOH A O   1 
HETATM 846 O  O   . HOH D 4 .   ? 4.703   13.170  0.078   1.00 61.34 ? 1011 HOH A O   1 
HETATM 847 O  O   . HOH D 4 .   ? -10.854 -8.442  -8.863  1.00 48.76 ? 1012 HOH A O   1 
HETATM 848 O  O   . HOH D 4 .   ? 8.546   -7.530  -6.936  1.00 45.01 ? 1013 HOH A O   1 
HETATM 849 O  O   . HOH D 4 .   ? -5.313  -10.503 -13.762 1.00 36.67 ? 1014 HOH A O   1 
HETATM 850 O  O   . HOH D 4 .   ? -6.406  2.202   -17.325 1.00 37.77 ? 1015 HOH A O   1 
HETATM 851 O  O   . HOH D 4 .   ? 10.888  -1.411  -16.227 1.00 41.89 ? 1016 HOH A O   1 
HETATM 852 O  O   . HOH D 4 .   ? 6.179   -11.956 -10.457 1.00 53.92 ? 1017 HOH A O   1 
HETATM 853 O  O   . HOH D 4 .   ? -7.882  -14.734 -6.385  1.00 32.75 ? 1019 HOH A O   1 
HETATM 854 O  O   . HOH D 4 .   ? -5.912  7.159   -12.653 1.00 49.03 ? 1020 HOH A O   1 
HETATM 855 O  O   . HOH D 4 .   ? -3.563  -6.405  -6.994  1.00 21.16 ? 1021 HOH A O   1 
HETATM 856 O  O   . HOH D 4 .   ? 9.653   -13.018 -1.706  1.00 49.00 ? 1022 HOH A O   1 
HETATM 857 O  O   . HOH D 4 .   ? 6.758   12.457  6.702   1.00 62.64 ? 1023 HOH A O   1 
HETATM 858 O  O   . HOH D 4 .   ? -1.882  -10.541 -1.945  1.00 33.75 ? 1024 HOH A O   1 
HETATM 859 O  O   . HOH D 4 .   ? 1.896   -13.687 -11.481 1.00 49.30 ? 1025 HOH A O   1 
HETATM 860 O  O   . HOH D 4 .   ? -7.612  -7.204  -5.504  1.00 23.26 ? 1026 HOH A O   1 
HETATM 861 O  O   . HOH D 4 .   ? -0.045  -10.116 -16.842 1.00 30.74 ? 1027 HOH A O   1 
HETATM 862 O  O   . HOH D 4 .   ? 5.313   7.922   -7.784  1.00 62.00 ? 1028 HOH A O   1 
HETATM 863 O  O   . HOH D 4 .   ? 7.141   6.245   -7.854  1.00 51.20 ? 1029 HOH A O   1 
HETATM 864 O  O   . HOH D 4 .   ? -8.548  7.827   -5.597  1.00 35.72 ? 1030 HOH A O   1 
HETATM 865 O  O   . HOH D 4 .   ? -16.305 -1.122  -10.698 1.00 31.16 ? 1031 HOH A O   1 
HETATM 866 O  O   . HOH D 4 .   ? -12.201 5.583   10.885  1.00 53.99 ? 1032 HOH A O   1 
HETATM 867 O  O   . HOH D 4 .   ? -1.170  -13.573 -6.449  1.00 41.60 ? 1033 HOH A O   1 
HETATM 868 O  O   . HOH D 4 .   ? -4.803  13.666  4.358   1.00 54.53 ? 1034 HOH A O   1 
HETATM 869 O  O   . HOH D 4 .   ? -14.007 1.995   -12.388 1.00 53.79 ? 1035 HOH A O   1 
HETATM 870 O  O   . HOH D 4 .   ? 9.041   10.734  -1.469  1.00 59.59 ? 1036 HOH A O   1 
HETATM 871 O  O   . HOH D 4 .   ? -4.446  -14.749 -12.132 1.00 63.24 ? 1037 HOH A O   1 
HETATM 872 O  O   . HOH D 4 .   ? -14.032 -2.192  4.130   1.00 41.02 ? 1038 HOH A O   1 
HETATM 873 O  O   . HOH D 4 .   ? 12.616  6.654   10.612  1.00 60.06 ? 1039 HOH A O   1 
HETATM 874 O  O   . HOH D 4 .   ? 11.827  5.840   7.861   1.00 48.32 ? 1040 HOH A O   1 
HETATM 875 O  O   . HOH D 4 .   ? -11.090 0.732   -12.288 1.00 56.67 ? 1041 HOH A O   1 
HETATM 876 O  O   . HOH D 4 .   ? 15.510  -5.493  -0.606  1.00 56.08 ? 1042 HOH A O   1 
HETATM 877 O  O   . HOH D 4 .   ? -7.804  4.408   -12.955 1.00 43.56 ? 1043 HOH A O   1 
HETATM 878 O  O   . HOH D 4 .   ? 7.346   10.868  12.267  1.00 55.79 ? 1044 HOH A O   1 
HETATM 879 O  O   . HOH D 4 .   ? -7.403  -0.246  -13.150 1.00 36.41 ? 1045 HOH A O   1 
HETATM 880 O  O   . HOH D 4 .   ? 1.590   13.117  2.133   1.00 37.55 ? 1046 HOH A O   1 
HETATM 881 O  O   . HOH D 4 .   ? 3.579   2.355   18.410  1.00 63.90 ? 1047 HOH A O   1 
HETATM 882 O  O   . HOH D 4 .   ? -2.271  -6.617  11.409  1.00 61.22 ? 1049 HOH A O   1 
HETATM 883 O  O   . HOH D 4 .   ? -3.591  -0.201  -14.917 1.00 24.30 ? 1050 HOH A O   1 
HETATM 884 O  O   . HOH D 4 .   ? -7.601  -1.287  11.094  1.00 39.86 ? 1051 HOH A O   1 
HETATM 885 O  O   . HOH D 4 .   ? -16.439 -0.037  -2.360  1.00 34.47 ? 1053 HOH A O   1 
HETATM 886 O  O   . HOH D 4 .   ? 4.250   3.856   -10.976 1.00 33.40 ? 1055 HOH A O   1 
HETATM 887 O  O   . HOH D 4 .   ? 1.408   -9.567  -2.571  1.00 58.59 ? 1056 HOH A O   1 
HETATM 888 O  O   . HOH D 4 .   ? -7.388  -4.160  -13.156 1.00 61.92 ? 1057 HOH A O   1 
HETATM 889 O  O   . HOH D 4 .   ? -9.210  -2.182  12.581  1.00 50.97 ? 1058 HOH A O   1 
HETATM 890 O  O   . HOH D 4 .   ? 11.762  6.129   -4.214  1.00 50.20 ? 1059 HOH A O   1 
HETATM 891 O  O   . HOH D 4 .   ? -12.029 -1.640  -12.699 1.00 53.52 ? 1060 HOH A O   1 
HETATM 892 O  O   . HOH D 4 .   ? 0.622   11.426  -11.664 1.00 47.65 ? 1061 HOH A O   1 
HETATM 893 O  O   . HOH D 4 .   ? -5.109  5.535   10.641  1.00 54.02 ? 1062 HOH A O   1 
HETATM 894 O  O   . HOH E 4 .   ? -3.073  -11.948 5.337   1.00 41.15 ? 1018 HOH B O   1 
HETATM 895 O  O   . HOH E 4 .   ? 1.335   -9.139  0.808   1.00 33.03 ? 1048 HOH B O   1 
HETATM 896 O  O   . HOH E 4 .   ? -3.182  -12.783 -2.868  1.00 36.03 ? 1052 HOH B O   1 
HETATM 897 O  O   . HOH E 4 .   ? -5.809  -16.743 0.634   1.00 38.86 ? 1054 HOH B O   1 
HETATM 898 O  O   . HOH E 4 .   ? -0.877  -15.135 4.704   1.00 56.72 ? 1063 HOH B O   1 
# 
